data_7LJ4
#
_entry.id   7LJ4
#
_cell.length_a   80.280
_cell.length_b   136.880
_cell.length_c   95.580
_cell.angle_alpha   90.000
_cell.angle_beta   94.240
_cell.angle_gamma   90.000
#
_symmetry.space_group_name_H-M   'P 1 21 1'
#
loop_
_entity.id
_entity.type
_entity.pdbx_description
1 polymer 'Isoform 2 of Potassium channel subfamily K member 4'
2 polymer 'ANTI-TRAAK ANTIBODY 13E9 FAB FRAGMENT LIGHT CHAIN'
3 polymer 'ANTI-TRAAK ANTIBODY 13E9 FAB FRAGMENT HEAVY CHAIN'
4 non-polymer 'POTASSIUM ION'
5 non-polymer 'CALCIUM ION'
6 water water
#
loop_
_entity_poly.entity_id
_entity_poly.type
_entity_poly.pdbx_seq_one_letter_code
_entity_poly.pdbx_strand_id
1 'polypeptide(L)'
;MTTAPQEPPARPLQAGSGAGPAPGRAMRSTTLLALLALVLLYLVSGALVFRALEQPHEQQAQRELGEVREKFLRAHPCVS
DQELGLLIKEVADALGGGADPETQSTSQSSHSAWDLGSAFFFSGTIITTIGYGNVALRTDAGRLFCIFYALVGIPLFGIL
LAGVGDRLGSSLRHGIGHIEAIFLKWHVPPELVRVLSAMLFLLIGCLLFVLTPTFVFCYMEDWSKLEAIYFVIVTLTTVG
FGDYVAGADPRQDSPAYQPLVWFWILLGLPYFASVLTTIGNWLRVVSRRTSNSLEVLFQ
;
A,B
2 'polypeptide(L)'
;QIVLTQSPAIMSASPGEKVTMTCSASSSVSYMHWYQQKSGTSPKRWIYDTSKLASGVPARFSGSGSGTSYSLTISSMEAE
DAATYYCQQWSNSPPTFGAGAKLELKRADAAPTVSIFPPSSEQLTSGGASVVCFLNNFYPKDINVKWKIDGSERQNGVLN
SWTDQDSKDSTYSMSSTLTLTKDEYERHNSYTCEATHKTSTSPIVKSFNRN
;
D,F
3 'polypeptide(L)'
;EVQLQQSGPELVKPGASMKTSCKVSGYSFTGYIMNWVKQRHGKNLEWIGLINPNTGYTTYNQKFKGKATLTVDKSSSTAY
MELLSLTSEDSAIYYCTRGNYVFDYWGQGTTLTVSSAKTTPPSVYPLAPGSAAQTNSMVTLGCLVKGYFPEPVTVTWNSG
SLSSGVHTFPAVLQSDLYTLSSSVTVPSSSWPSETVTCNVAHPASSTKVDKKIVPRD
;
E,G
#
loop_
_chem_comp.id
_chem_comp.type
_chem_comp.name
_chem_comp.formula
CA non-polymer 'CALCIUM ION' 'Ca 2'
K non-polymer 'POTASSIUM ION' 'K 1'
#
# COMPACT_ATOMS: atom_id res chain seq x y z
N ARG A 28 61.29 -12.99 -17.85
CA ARG A 28 59.86 -12.60 -17.95
C ARG A 28 58.96 -13.80 -17.65
N SER A 29 59.30 -15.00 -18.13
CA SER A 29 58.46 -16.22 -17.93
C SER A 29 58.21 -16.41 -16.43
N THR A 30 59.29 -16.43 -15.66
CA THR A 30 59.28 -16.39 -14.17
C THR A 30 58.44 -15.17 -13.74
N THR A 31 58.78 -13.99 -14.27
CA THR A 31 58.18 -12.67 -13.91
C THR A 31 56.65 -12.78 -14.03
N LEU A 32 56.14 -13.22 -15.20
CA LEU A 32 54.68 -13.21 -15.51
C LEU A 32 53.96 -14.17 -14.56
N LEU A 33 54.52 -15.37 -14.35
CA LEU A 33 53.90 -16.36 -13.44
C LEU A 33 53.93 -15.81 -12.01
N ALA A 34 55.06 -15.21 -11.59
CA ALA A 34 55.21 -14.49 -10.30
C ALA A 34 54.13 -13.42 -10.20
N LEU A 35 54.03 -12.54 -11.21
CA LEU A 35 53.03 -11.44 -11.26
C LEU A 35 51.63 -12.03 -11.17
N LEU A 36 51.32 -13.06 -11.98
CA LEU A 36 49.99 -13.73 -11.98
C LEU A 36 49.64 -14.17 -10.56
N ALA A 37 50.51 -14.97 -9.92
CA ALA A 37 50.34 -15.49 -8.56
C ALA A 37 50.11 -14.32 -7.59
N LEU A 38 50.94 -13.26 -7.68
CA LEU A 38 50.83 -12.02 -6.86
C LEU A 38 49.40 -11.50 -6.97
N VAL A 39 48.90 -11.33 -8.20
CA VAL A 39 47.56 -10.78 -8.51
C VAL A 39 46.51 -11.70 -7.90
N LEU A 40 46.63 -13.03 -8.10
CA LEU A 40 45.67 -14.02 -7.55
C LEU A 40 45.59 -13.85 -6.04
N LEU A 41 46.75 -13.83 -5.38
CA LEU A 41 46.87 -13.64 -3.91
C LEU A 41 46.12 -12.35 -3.55
N TYR A 42 46.38 -11.27 -4.31
CA TYR A 42 45.77 -9.93 -4.13
C TYR A 42 44.25 -10.06 -4.19
N LEU A 43 43.75 -10.72 -5.23
CA LEU A 43 42.31 -11.01 -5.42
C LEU A 43 41.75 -11.76 -4.21
N VAL A 44 42.40 -12.86 -3.80
CA VAL A 44 41.91 -13.70 -2.67
C VAL A 44 41.91 -12.85 -1.41
N SER A 45 42.97 -12.07 -1.15
CA SER A 45 43.06 -11.19 0.05
C SER A 45 41.95 -10.11 -0.04
N GLY A 46 41.77 -9.49 -1.19
CA GLY A 46 40.61 -8.61 -1.47
C GLY A 46 39.29 -9.29 -1.14
N ALA A 47 39.08 -10.51 -1.66
CA ALA A 47 37.86 -11.33 -1.42
C ALA A 47 37.60 -11.39 0.09
N LEU A 48 38.59 -11.80 0.87
CA LEU A 48 38.50 -11.98 2.34
C LEU A 48 38.07 -10.66 2.98
N VAL A 49 38.78 -9.57 2.69
CA VAL A 49 38.52 -8.24 3.33
C VAL A 49 37.07 -7.84 3.01
N PHE A 50 36.71 -7.89 1.73
CA PHE A 50 35.38 -7.46 1.26
C PHE A 50 34.31 -8.31 1.96
N ARG A 51 34.43 -9.63 1.89
CA ARG A 51 33.41 -10.52 2.49
C ARG A 51 33.25 -10.10 3.95
N ALA A 52 34.35 -9.96 4.68
CA ALA A 52 34.36 -9.69 6.13
C ALA A 52 33.56 -8.43 6.40
N LEU A 53 33.82 -7.38 5.62
CA LEU A 53 33.17 -6.05 5.79
C LEU A 53 31.72 -6.07 5.28
N GLU A 54 31.43 -6.80 4.19
CA GLU A 54 30.11 -6.66 3.50
C GLU A 54 29.11 -7.78 3.84
N GLN A 55 29.57 -8.98 4.15
CA GLN A 55 28.64 -10.12 4.40
C GLN A 55 27.72 -9.84 5.58
N PRO A 56 28.18 -9.22 6.70
CA PRO A 56 27.29 -8.86 7.78
C PRO A 56 26.00 -8.14 7.35
N HIS A 57 26.06 -7.24 6.37
CA HIS A 57 24.94 -6.31 6.03
C HIS A 57 24.20 -6.76 4.76
N GLU A 58 24.45 -7.97 4.25
CA GLU A 58 23.87 -8.50 2.99
C GLU A 58 22.35 -8.38 2.98
N GLN A 59 21.68 -8.73 4.08
CA GLN A 59 20.21 -8.87 4.05
C GLN A 59 19.54 -7.55 4.43
N GLN A 60 20.27 -6.44 4.51
CA GLN A 60 19.71 -5.16 5.01
C GLN A 60 18.52 -4.73 4.15
N ALA A 61 18.68 -4.76 2.83
CA ALA A 61 17.64 -4.31 1.89
C ALA A 61 16.43 -5.22 2.02
N GLN A 62 16.61 -6.54 2.07
CA GLN A 62 15.48 -7.44 2.36
C GLN A 62 14.83 -7.04 3.68
N ARG A 63 15.59 -6.81 4.74
CA ARG A 63 15.01 -6.44 6.05
C ARG A 63 14.15 -5.20 5.87
N GLU A 64 14.68 -4.19 5.17
CA GLU A 64 13.96 -2.90 4.93
C GLU A 64 12.69 -3.12 4.12
N LEU A 65 12.70 -3.92 3.04
CA LEU A 65 11.48 -4.24 2.26
C LEU A 65 10.44 -4.92 3.18
N GLY A 66 10.83 -5.95 3.90
CA GLY A 66 9.94 -6.61 4.87
C GLY A 66 9.36 -5.64 5.89
N GLU A 67 10.19 -4.75 6.46
CA GLU A 67 9.73 -3.73 7.43
C GLU A 67 8.65 -2.89 6.76
N VAL A 68 8.88 -2.45 5.54
CA VAL A 68 7.94 -1.60 4.78
C VAL A 68 6.64 -2.34 4.57
N ARG A 69 6.66 -3.59 4.16
CA ARG A 69 5.43 -4.37 3.95
C ARG A 69 4.64 -4.41 5.26
N GLU A 70 5.26 -4.93 6.30
CA GLU A 70 4.58 -5.24 7.58
C GLU A 70 4.03 -3.95 8.18
N LYS A 71 4.74 -2.84 8.03
CA LYS A 71 4.33 -1.51 8.55
C LYS A 71 3.08 -1.07 7.79
N PHE A 72 3.03 -1.30 6.49
CA PHE A 72 1.91 -0.93 5.58
C PHE A 72 0.67 -1.76 5.92
N LEU A 73 0.80 -3.07 6.12
CA LEU A 73 -0.32 -3.97 6.50
C LEU A 73 -0.93 -3.49 7.81
N ARG A 74 -0.09 -3.16 8.79
CA ARG A 74 -0.55 -2.65 10.10
C ARG A 74 -1.37 -1.37 9.88
N ALA A 75 -1.00 -0.56 8.91
CA ALA A 75 -1.60 0.76 8.65
C ALA A 75 -2.81 0.67 7.72
N HIS A 76 -2.95 -0.40 6.93
CA HIS A 76 -4.04 -0.49 5.91
C HIS A 76 -4.74 -1.84 5.98
N PRO A 77 -5.65 -2.00 6.98
CA PRO A 77 -6.31 -3.26 7.26
C PRO A 77 -7.04 -3.96 6.12
N CYS A 78 -7.38 -3.25 5.07
CA CYS A 78 -8.18 -3.77 3.92
C CYS A 78 -7.24 -4.40 2.89
N VAL A 79 -5.95 -4.55 3.22
CA VAL A 79 -4.90 -5.13 2.33
C VAL A 79 -4.38 -6.44 2.94
N SER A 80 -4.50 -7.52 2.18
CA SER A 80 -3.94 -8.85 2.54
C SER A 80 -2.44 -8.83 2.24
N ASP A 81 -1.67 -9.64 2.98
CA ASP A 81 -0.22 -9.84 2.73
C ASP A 81 -0.04 -10.22 1.27
N GLN A 82 -0.87 -11.12 0.76
CA GLN A 82 -0.68 -11.70 -0.59
C GLN A 82 -1.03 -10.67 -1.66
N GLU A 83 -1.93 -9.74 -1.36
CA GLU A 83 -2.29 -8.67 -2.31
C GLU A 83 -1.15 -7.65 -2.34
N LEU A 84 -0.57 -7.31 -1.20
CA LEU A 84 0.57 -6.37 -1.15
C LEU A 84 1.76 -7.01 -1.88
N GLY A 85 1.86 -8.32 -1.79
CA GLY A 85 2.85 -9.10 -2.53
C GLY A 85 2.82 -8.80 -4.01
N LEU A 86 1.64 -8.89 -4.64
CA LEU A 86 1.49 -8.72 -6.11
C LEU A 86 1.78 -7.27 -6.44
N LEU A 87 1.33 -6.35 -5.59
CA LEU A 87 1.61 -4.91 -5.81
C LEU A 87 3.12 -4.77 -6.00
N ILE A 88 3.90 -5.33 -5.09
CA ILE A 88 5.38 -5.13 -5.05
C ILE A 88 5.99 -5.79 -6.29
N LYS A 89 5.52 -6.96 -6.68
CA LYS A 89 6.03 -7.63 -7.89
C LYS A 89 5.77 -6.73 -9.08
N GLU A 90 4.53 -6.25 -9.22
CA GLU A 90 4.10 -5.40 -10.36
C GLU A 90 4.91 -4.09 -10.36
N VAL A 91 5.11 -3.47 -9.20
CA VAL A 91 5.95 -2.25 -9.05
C VAL A 91 7.36 -2.57 -9.52
N ALA A 92 7.91 -3.68 -9.06
CA ALA A 92 9.31 -4.07 -9.34
C ALA A 92 9.53 -4.12 -10.86
N ASP A 93 8.63 -4.81 -11.56
CA ASP A 93 8.67 -4.99 -13.04
C ASP A 93 8.64 -3.64 -13.73
N ALA A 94 7.82 -2.71 -13.25
CA ALA A 94 7.69 -1.35 -13.80
C ALA A 94 8.98 -0.56 -13.58
N LEU A 95 9.55 -0.58 -12.37
CA LEU A 95 10.85 0.09 -12.08
C LEU A 95 11.92 -0.51 -12.97
N GLY A 96 11.93 -1.84 -13.10
CA GLY A 96 12.82 -2.60 -13.99
C GLY A 96 12.73 -2.11 -15.43
N GLY A 97 11.55 -1.64 -15.85
CA GLY A 97 11.32 -1.03 -17.17
C GLY A 97 11.74 0.45 -17.24
N GLY A 98 12.22 1.03 -16.13
CA GLY A 98 12.77 2.39 -16.09
C GLY A 98 11.74 3.38 -15.59
N ALA A 99 10.63 2.91 -15.03
CA ALA A 99 9.66 3.78 -14.34
C ALA A 99 10.33 4.44 -13.14
N ASP A 100 9.89 5.63 -12.78
CA ASP A 100 10.53 6.42 -11.71
C ASP A 100 9.45 6.72 -10.67
N PRO A 101 9.69 6.47 -9.37
CA PRO A 101 8.77 6.95 -8.33
C PRO A 101 8.62 8.49 -8.36
N GLU A 102 7.41 8.92 -8.70
CA GLU A 102 7.04 10.33 -8.99
C GLU A 102 6.03 10.77 -7.93
N THR A 103 6.37 11.84 -7.20
CA THR A 103 5.54 12.52 -6.16
C THR A 103 6.21 13.89 -5.99
N SER A 110 8.81 15.41 -16.63
CA SER A 110 10.24 15.23 -16.98
C SER A 110 10.71 13.85 -16.48
N HIS A 111 11.76 13.78 -15.64
CA HIS A 111 12.29 12.53 -15.01
C HIS A 111 12.60 11.44 -16.06
N SER A 112 12.66 11.78 -17.35
CA SER A 112 12.98 10.83 -18.43
C SER A 112 14.48 10.58 -18.45
N ALA A 113 14.89 9.33 -18.32
CA ALA A 113 16.32 8.92 -18.40
C ALA A 113 16.71 8.70 -19.86
N TRP A 114 15.74 8.78 -20.79
CA TRP A 114 16.02 8.67 -22.25
C TRP A 114 15.59 9.95 -22.96
N ASP A 115 15.48 11.06 -22.24
CA ASP A 115 15.43 12.40 -22.88
C ASP A 115 16.85 12.70 -23.36
N LEU A 116 16.96 13.67 -24.27
CA LEU A 116 18.20 13.92 -25.06
C LEU A 116 19.37 14.14 -24.10
N GLY A 117 19.18 14.91 -23.02
CA GLY A 117 20.22 15.17 -22.00
C GLY A 117 20.80 13.88 -21.43
N SER A 118 19.95 13.05 -20.85
CA SER A 118 20.32 11.79 -20.15
C SER A 118 20.88 10.78 -21.14
N ALA A 119 20.31 10.73 -22.36
CA ALA A 119 20.71 9.80 -23.45
C ALA A 119 22.13 10.15 -23.88
N PHE A 120 22.42 11.43 -24.03
CA PHE A 120 23.77 11.95 -24.36
C PHE A 120 24.76 11.43 -23.32
N PHE A 121 24.45 11.70 -22.06
CA PHE A 121 25.26 11.27 -20.90
C PHE A 121 25.48 9.75 -20.94
N PHE A 122 24.43 8.98 -21.22
CA PHE A 122 24.50 7.50 -21.31
C PHE A 122 25.52 7.12 -22.40
N SER A 123 25.46 7.77 -23.56
CA SER A 123 26.40 7.56 -24.68
C SER A 123 27.82 7.85 -24.18
N GLY A 124 27.98 8.94 -23.43
CA GLY A 124 29.24 9.31 -22.75
C GLY A 124 29.76 8.20 -21.86
N THR A 125 28.91 7.57 -21.07
CA THR A 125 29.31 6.48 -20.14
C THR A 125 29.87 5.31 -20.95
N ILE A 126 29.45 5.13 -22.21
CA ILE A 126 29.90 4.00 -23.07
C ILE A 126 31.35 4.27 -23.49
N ILE A 127 31.56 5.32 -24.28
CA ILE A 127 32.86 5.58 -24.98
C ILE A 127 33.96 5.76 -23.94
N THR A 128 33.64 6.28 -22.75
CA THR A 128 34.57 6.41 -21.61
C THR A 128 34.89 5.05 -20.97
N THR A 129 34.12 4.02 -21.33
CA THR A 129 34.17 2.65 -20.75
C THR A 129 33.85 2.67 -19.25
N ILE A 130 33.24 3.77 -18.76
CA ILE A 130 32.77 3.86 -17.35
C ILE A 130 31.64 2.85 -17.16
N GLY A 131 30.54 3.06 -17.87
CA GLY A 131 29.37 2.16 -17.91
C GLY A 131 28.72 2.00 -16.54
N TYR A 132 28.21 3.12 -16.00
CA TYR A 132 27.47 3.15 -14.72
C TYR A 132 26.38 2.07 -14.74
N GLY A 133 25.48 2.16 -15.72
CA GLY A 133 24.35 1.20 -15.84
C GLY A 133 23.22 1.55 -14.90
N ASN A 134 23.26 2.72 -14.25
CA ASN A 134 22.17 3.27 -13.40
C ASN A 134 20.88 3.35 -14.21
N VAL A 135 20.98 3.36 -15.55
CA VAL A 135 19.85 3.14 -16.51
C VAL A 135 20.28 2.08 -17.51
N ALA A 136 19.49 1.01 -17.65
CA ALA A 136 19.80 -0.14 -18.53
C ALA A 136 18.97 -0.03 -19.81
N LEU A 137 19.48 -0.62 -20.90
CA LEU A 137 18.75 -0.73 -22.18
C LEU A 137 17.78 -1.91 -22.08
N ARG A 138 16.54 -1.75 -22.56
CA ARG A 138 15.54 -2.84 -22.52
C ARG A 138 15.33 -3.41 -23.92
N THR A 139 15.53 -2.64 -24.98
CA THR A 139 15.28 -3.12 -26.38
C THR A 139 16.51 -3.86 -26.92
N ASP A 140 16.30 -5.01 -27.56
CA ASP A 140 17.33 -5.77 -28.31
C ASP A 140 17.99 -4.85 -29.35
N ALA A 141 17.24 -3.95 -29.98
CA ALA A 141 17.76 -2.96 -30.94
C ALA A 141 18.75 -2.04 -30.23
N GLY A 142 18.37 -1.52 -29.07
CA GLY A 142 19.22 -0.66 -28.24
C GLY A 142 20.55 -1.32 -27.96
N ARG A 143 20.52 -2.60 -27.55
CA ARG A 143 21.74 -3.41 -27.25
C ARG A 143 22.60 -3.55 -28.51
N LEU A 144 21.99 -3.93 -29.64
CA LEU A 144 22.73 -4.22 -30.90
C LEU A 144 23.43 -2.94 -31.35
N PHE A 145 22.75 -1.80 -31.31
CA PHE A 145 23.32 -0.50 -31.72
C PHE A 145 24.45 -0.13 -30.77
N CYS A 146 24.25 -0.36 -29.47
CA CYS A 146 25.25 -0.09 -28.41
C CYS A 146 26.57 -0.77 -28.77
N ILE A 147 26.54 -2.06 -29.17
CA ILE A 147 27.74 -2.86 -29.59
C ILE A 147 28.55 -2.01 -30.57
N PHE A 148 28.00 -1.73 -31.75
CA PHE A 148 28.68 -0.98 -32.84
C PHE A 148 29.00 0.44 -32.35
N TYR A 149 28.12 1.06 -31.56
CA TYR A 149 28.35 2.44 -31.04
C TYR A 149 29.63 2.45 -30.20
N ALA A 150 29.83 1.46 -29.36
CA ALA A 150 30.99 1.37 -28.44
C ALA A 150 32.22 0.96 -29.25
N LEU A 151 32.09 -0.12 -30.01
CA LEU A 151 33.19 -0.73 -30.79
C LEU A 151 33.89 0.32 -31.64
N VAL A 152 33.12 1.25 -32.22
CA VAL A 152 33.62 2.43 -33.00
C VAL A 152 33.89 3.61 -32.06
N GLY A 153 33.10 3.78 -31.00
CA GLY A 153 33.10 4.98 -30.14
C GLY A 153 34.25 5.03 -29.17
N ILE A 154 34.60 3.92 -28.51
CA ILE A 154 35.66 3.83 -27.45
C ILE A 154 37.01 4.19 -28.09
N PRO A 155 37.44 3.55 -29.20
CA PRO A 155 38.74 3.87 -29.80
C PRO A 155 38.80 5.35 -30.20
N LEU A 156 37.74 5.87 -30.82
CA LEU A 156 37.65 7.31 -31.22
C LEU A 156 37.92 8.15 -29.99
N PHE A 157 37.19 7.92 -28.89
CA PHE A 157 37.38 8.67 -27.62
C PHE A 157 38.79 8.39 -27.09
N GLY A 158 39.26 7.14 -27.21
CA GLY A 158 40.63 6.74 -26.84
C GLY A 158 41.65 7.66 -27.48
N ILE A 159 41.51 7.84 -28.80
CA ILE A 159 42.38 8.72 -29.65
C ILE A 159 42.27 10.15 -29.13
N LEU A 160 41.06 10.68 -29.01
CA LEU A 160 40.84 12.08 -28.54
C LEU A 160 41.44 12.24 -27.15
N LEU A 161 41.32 11.23 -26.29
CA LEU A 161 41.83 11.27 -24.89
C LEU A 161 43.35 11.45 -24.93
N ALA A 162 44.05 10.60 -25.70
CA ALA A 162 45.50 10.70 -25.99
C ALA A 162 45.82 12.13 -26.39
N GLY A 163 45.10 12.63 -27.40
CA GLY A 163 45.20 14.00 -27.93
C GLY A 163 45.03 15.03 -26.83
N VAL A 164 43.90 15.02 -26.13
CA VAL A 164 43.57 16.01 -25.06
C VAL A 164 44.60 15.87 -23.93
N GLY A 165 44.97 14.63 -23.58
CA GLY A 165 46.07 14.31 -22.63
C GLY A 165 47.34 15.10 -22.94
N ASP A 166 47.91 14.90 -24.14
CA ASP A 166 49.15 15.56 -24.63
C ASP A 166 48.99 17.08 -24.55
N ARG A 167 47.96 17.64 -25.19
CA ARG A 167 47.77 19.12 -25.32
C ARG A 167 47.89 19.74 -23.92
N LEU A 168 47.06 19.25 -22.99
CA LEU A 168 47.04 19.69 -21.57
C LEU A 168 48.42 19.43 -20.95
N GLY A 169 48.96 18.21 -21.10
CA GLY A 169 50.26 17.78 -20.53
C GLY A 169 51.39 18.74 -20.86
N SER A 170 51.58 19.05 -22.15
CA SER A 170 52.59 20.01 -22.65
C SER A 170 52.30 21.40 -22.08
N SER A 171 51.04 21.87 -22.12
CA SER A 171 50.58 23.16 -21.54
C SER A 171 50.86 23.18 -20.03
N LEU A 172 50.52 22.10 -19.30
CA LEU A 172 50.86 21.95 -17.86
C LEU A 172 52.38 22.03 -17.69
N ARG A 173 53.14 21.29 -18.50
CA ARG A 173 54.64 21.26 -18.47
C ARG A 173 55.20 22.67 -18.70
N HIS A 174 54.64 23.44 -19.65
CA HIS A 174 54.97 24.87 -19.87
C HIS A 174 54.83 25.63 -18.55
N GLY A 175 53.70 25.41 -17.82
CA GLY A 175 53.50 25.90 -16.44
C GLY A 175 54.55 25.35 -15.47
N ILE A 176 54.84 24.04 -15.54
CA ILE A 176 55.81 23.31 -14.67
C ILE A 176 57.17 24.02 -14.72
N GLY A 177 57.67 24.41 -15.91
CA GLY A 177 58.98 25.07 -16.10
C GLY A 177 59.14 26.32 -15.23
N HIS A 178 58.11 27.17 -15.23
CA HIS A 178 58.05 28.44 -14.47
C HIS A 178 58.17 28.16 -12.96
N ILE A 179 57.42 27.17 -12.45
CA ILE A 179 57.49 26.71 -11.03
C ILE A 179 58.91 26.19 -10.74
N GLU A 180 59.46 25.41 -11.68
CA GLU A 180 60.85 24.86 -11.65
C GLU A 180 61.85 26.02 -11.51
N ALA A 181 61.64 27.17 -12.18
CA ALA A 181 62.53 28.37 -12.12
C ALA A 181 62.66 28.87 -10.67
N ILE A 182 61.55 29.00 -9.93
CA ILE A 182 61.54 29.47 -8.50
C ILE A 182 62.36 28.48 -7.65
N PHE A 183 62.16 27.17 -7.85
CA PHE A 183 62.91 26.09 -7.15
C PHE A 183 64.40 26.17 -7.54
N LEU A 184 64.67 26.44 -8.82
CA LEU A 184 66.03 26.63 -9.37
C LEU A 184 66.72 27.78 -8.64
N LYS A 185 65.98 28.88 -8.36
CA LYS A 185 66.52 30.14 -7.75
C LYS A 185 66.61 30.04 -6.21
N TRP A 186 66.25 28.92 -5.56
CA TRP A 186 66.61 28.62 -4.13
C TRP A 186 67.56 27.43 -4.04
N HIS A 187 68.24 27.07 -5.14
CA HIS A 187 69.42 26.16 -5.17
C HIS A 187 69.02 24.69 -4.97
N VAL A 188 67.77 24.32 -5.25
CA VAL A 188 67.35 22.89 -5.26
C VAL A 188 67.97 22.26 -6.52
N PRO A 189 68.64 21.08 -6.43
CA PRO A 189 69.15 20.39 -7.62
C PRO A 189 68.03 20.18 -8.64
N PRO A 190 68.23 20.51 -9.94
CA PRO A 190 67.15 20.49 -10.94
C PRO A 190 66.42 19.15 -11.14
N GLU A 191 67.08 18.00 -11.03
CA GLU A 191 66.41 16.66 -11.02
C GLU A 191 65.40 16.62 -9.85
N LEU A 192 65.82 17.08 -8.65
CA LEU A 192 64.94 17.17 -7.45
C LEU A 192 63.77 18.11 -7.78
N VAL A 193 64.06 19.27 -8.39
CA VAL A 193 63.05 20.28 -8.83
C VAL A 193 62.02 19.64 -9.79
N ARG A 194 62.47 18.84 -10.77
CA ARG A 194 61.59 18.15 -11.78
C ARG A 194 60.59 17.24 -11.03
N VAL A 195 61.11 16.38 -10.15
CA VAL A 195 60.27 15.47 -9.30
C VAL A 195 59.28 16.34 -8.53
N LEU A 196 59.78 17.39 -7.84
CA LEU A 196 58.98 18.30 -6.99
C LEU A 196 57.86 18.92 -7.82
N SER A 197 58.20 19.44 -9.00
CA SER A 197 57.24 20.10 -9.93
C SER A 197 56.18 19.09 -10.38
N ALA A 198 56.59 17.89 -10.82
CA ALA A 198 55.68 16.81 -11.30
C ALA A 198 54.79 16.38 -10.13
N MET A 199 55.37 16.22 -8.94
CA MET A 199 54.60 15.89 -7.71
C MET A 199 53.61 17.03 -7.48
N LEU A 200 54.09 18.27 -7.51
CA LEU A 200 53.23 19.48 -7.50
C LEU A 200 52.22 19.35 -8.65
N PHE A 201 52.68 18.91 -9.82
CA PHE A 201 51.87 18.72 -11.07
C PHE A 201 50.57 17.97 -10.73
N LEU A 202 50.70 16.72 -10.27
CA LEU A 202 49.54 15.82 -9.97
C LEU A 202 48.80 16.30 -8.72
N LEU A 203 49.50 16.89 -7.76
CA LEU A 203 48.85 17.40 -6.52
C LEU A 203 47.90 18.54 -6.91
N ILE A 204 48.34 19.45 -7.77
CA ILE A 204 47.48 20.53 -8.34
C ILE A 204 46.28 19.88 -9.05
N GLY A 205 46.54 18.90 -9.91
CA GLY A 205 45.48 18.13 -10.61
C GLY A 205 44.47 17.58 -9.63
N CYS A 206 44.94 16.79 -8.66
CA CYS A 206 44.14 16.18 -7.57
C CYS A 206 43.24 17.23 -6.92
N LEU A 207 43.81 18.30 -6.37
CA LEU A 207 43.03 19.37 -5.69
C LEU A 207 42.00 19.94 -6.68
N LEU A 208 42.45 20.34 -7.87
CA LEU A 208 41.58 20.92 -8.93
C LEU A 208 40.39 19.97 -9.19
N PHE A 209 40.63 18.67 -9.41
CA PHE A 209 39.64 17.70 -9.97
C PHE A 209 39.06 16.71 -8.94
N VAL A 210 39.76 16.42 -7.85
CA VAL A 210 39.27 15.44 -6.83
C VAL A 210 38.51 16.21 -5.76
N LEU A 211 39.15 17.20 -5.13
CA LEU A 211 38.57 17.91 -3.98
C LEU A 211 37.39 18.80 -4.41
N THR A 212 37.50 19.58 -5.50
CA THR A 212 36.40 20.50 -5.88
C THR A 212 35.13 19.67 -6.06
N PRO A 213 35.08 18.70 -7.00
CA PRO A 213 33.94 17.80 -7.13
C PRO A 213 33.43 17.16 -5.84
N THR A 214 34.31 16.66 -4.97
CA THR A 214 33.89 16.03 -3.69
C THR A 214 33.06 17.05 -2.90
N PHE A 215 33.54 18.29 -2.77
CA PHE A 215 32.83 19.44 -2.16
C PHE A 215 31.53 19.72 -2.94
N VAL A 216 31.65 19.83 -4.27
CA VAL A 216 30.52 20.07 -5.23
C VAL A 216 29.42 19.04 -4.99
N PHE A 217 29.78 17.74 -5.01
CA PHE A 217 28.83 16.61 -4.92
C PHE A 217 28.23 16.58 -3.51
N CYS A 218 29.03 16.81 -2.48
CA CYS A 218 28.60 16.93 -1.06
C CYS A 218 27.40 17.89 -0.99
N TYR A 219 27.54 19.08 -1.59
CA TYR A 219 26.50 20.14 -1.60
C TYR A 219 25.37 19.75 -2.56
N MET A 220 25.71 19.32 -3.78
CA MET A 220 24.77 19.16 -4.92
C MET A 220 23.91 17.89 -4.76
N GLU A 221 24.54 16.78 -4.39
CA GLU A 221 23.95 15.42 -4.44
C GLU A 221 23.48 15.00 -3.03
N ASP A 222 23.82 15.78 -2.00
CA ASP A 222 23.48 15.49 -0.57
C ASP A 222 24.20 14.20 -0.17
N TRP A 223 25.42 13.99 -0.68
CA TRP A 223 26.32 12.88 -0.30
C TRP A 223 27.24 13.34 0.83
N SER A 224 27.88 12.38 1.53
CA SER A 224 28.98 12.63 2.50
C SER A 224 30.27 12.88 1.72
N LYS A 225 31.26 13.53 2.34
CA LYS A 225 32.58 13.80 1.69
C LYS A 225 33.13 12.45 1.21
N LEU A 226 33.03 11.38 2.01
CA LEU A 226 33.53 10.01 1.69
C LEU A 226 32.78 9.39 0.48
N GLU A 227 31.46 9.50 0.47
CA GLU A 227 30.61 9.00 -0.64
C GLU A 227 31.09 9.65 -1.94
N ALA A 228 31.31 10.96 -1.91
CA ALA A 228 31.69 11.80 -3.08
C ALA A 228 33.06 11.35 -3.60
N ILE A 229 34.06 11.14 -2.73
CA ILE A 229 35.42 10.70 -3.15
C ILE A 229 35.32 9.30 -3.75
N TYR A 230 34.57 8.39 -3.11
CA TYR A 230 34.24 7.04 -3.63
C TYR A 230 33.70 7.17 -5.07
N PHE A 231 32.70 8.03 -5.28
CA PHE A 231 32.07 8.27 -6.60
C PHE A 231 33.15 8.74 -7.57
N VAL A 232 33.81 9.85 -7.24
CA VAL A 232 34.86 10.50 -8.07
C VAL A 232 35.84 9.43 -8.57
N ILE A 233 36.41 8.66 -7.64
CA ILE A 233 37.48 7.69 -7.97
C ILE A 233 36.90 6.53 -8.77
N VAL A 234 35.77 5.96 -8.34
CA VAL A 234 35.08 4.87 -9.09
C VAL A 234 34.88 5.32 -10.55
N THR A 235 34.59 6.61 -10.72
CA THR A 235 34.35 7.27 -12.04
C THR A 235 35.66 7.35 -12.82
N LEU A 236 36.69 7.98 -12.25
CA LEU A 236 37.93 8.34 -12.99
C LEU A 236 38.80 7.11 -13.25
N THR A 237 38.64 6.03 -12.47
CA THR A 237 39.24 4.70 -12.73
C THR A 237 38.50 4.00 -13.88
N THR A 238 37.33 4.53 -14.27
CA THR A 238 36.40 3.99 -15.30
C THR A 238 35.84 2.63 -14.86
N VAL A 239 35.74 2.41 -13.54
CA VAL A 239 35.12 1.17 -12.97
C VAL A 239 33.61 1.30 -13.22
N GLY A 240 33.03 2.43 -12.78
CA GLY A 240 31.62 2.77 -13.02
C GLY A 240 30.69 1.69 -12.52
N PHE A 241 30.69 1.52 -11.20
CA PHE A 241 29.77 0.61 -10.48
C PHE A 241 28.34 1.00 -10.87
N GLY A 242 27.98 2.26 -10.60
CA GLY A 242 26.63 2.82 -10.84
C GLY A 242 25.82 2.97 -9.56
N ASP A 243 26.40 2.63 -8.40
CA ASP A 243 25.76 2.80 -7.07
C ASP A 243 25.60 4.30 -6.77
N TYR A 244 26.56 5.11 -7.23
CA TYR A 244 26.54 6.59 -7.11
C TYR A 244 26.76 7.20 -8.49
N VAL A 245 25.84 8.09 -8.91
CA VAL A 245 25.90 8.84 -10.20
C VAL A 245 25.45 10.27 -9.94
N ALA A 246 26.03 11.27 -10.62
CA ALA A 246 25.51 12.67 -10.68
C ALA A 246 24.24 12.71 -11.57
N GLY A 247 24.28 12.13 -12.77
CA GLY A 247 23.10 11.91 -13.64
C GLY A 247 23.16 12.74 -14.90
N ALA A 248 23.68 13.97 -14.78
CA ALA A 248 23.79 14.97 -15.87
C ALA A 248 22.45 15.11 -16.60
N ASP A 249 21.35 15.10 -15.84
CA ASP A 249 19.98 15.44 -16.33
C ASP A 249 19.62 16.84 -15.85
N PRO A 250 19.38 17.83 -16.77
CA PRO A 250 19.08 19.22 -16.37
C PRO A 250 17.81 19.33 -15.51
N ARG A 251 17.90 19.86 -14.26
CA ARG A 251 16.77 19.85 -13.29
C ARG A 251 16.36 21.29 -12.90
N GLN A 252 17.14 21.95 -12.05
CA GLN A 252 16.86 23.31 -11.48
C GLN A 252 18.10 23.81 -10.75
N ASP A 253 18.14 25.12 -10.43
CA ASP A 253 19.25 25.84 -9.72
C ASP A 253 20.48 25.92 -10.63
N SER A 254 21.05 24.76 -11.01
CA SER A 254 22.16 24.64 -11.98
C SER A 254 21.94 23.44 -12.92
N PRO A 255 20.87 23.48 -13.75
CA PRO A 255 20.53 22.36 -14.65
C PRO A 255 21.57 22.11 -15.74
N ALA A 256 22.05 23.19 -16.39
CA ALA A 256 23.11 23.19 -17.44
C ALA A 256 24.40 22.57 -16.87
N TYR A 257 24.65 22.78 -15.57
CA TYR A 257 25.87 22.37 -14.84
C TYR A 257 25.92 20.84 -14.74
N GLN A 258 24.77 20.14 -14.76
CA GLN A 258 24.73 18.65 -14.65
C GLN A 258 25.37 18.00 -15.90
N PRO A 259 24.98 18.35 -17.15
CA PRO A 259 25.74 17.90 -18.33
C PRO A 259 27.19 18.40 -18.35
N LEU A 260 27.46 19.62 -17.84
CA LEU A 260 28.81 20.25 -17.71
C LEU A 260 29.75 19.35 -16.90
N VAL A 261 29.23 18.57 -15.96
CA VAL A 261 30.00 17.54 -15.18
C VAL A 261 30.67 16.58 -16.16
N TRP A 262 30.00 16.20 -17.25
CA TRP A 262 30.61 15.28 -18.24
C TRP A 262 31.95 15.86 -18.73
N PHE A 263 32.10 17.18 -18.74
CA PHE A 263 33.38 17.85 -19.10
C PHE A 263 34.38 17.65 -17.96
N TRP A 264 33.98 17.82 -16.69
CA TRP A 264 34.85 17.46 -15.53
C TRP A 264 35.43 16.07 -15.77
N ILE A 265 34.57 15.10 -16.14
CA ILE A 265 34.98 13.70 -16.37
C ILE A 265 36.11 13.72 -17.40
N LEU A 266 35.88 14.39 -18.53
CA LEU A 266 36.81 14.44 -19.68
C LEU A 266 38.14 15.04 -19.24
N LEU A 267 38.12 16.16 -18.51
CA LEU A 267 39.34 16.87 -18.03
C LEU A 267 40.01 16.04 -16.92
N GLY A 268 39.22 15.47 -16.00
CA GLY A 268 39.74 14.63 -14.90
C GLY A 268 40.47 13.39 -15.40
N LEU A 269 39.92 12.70 -16.40
CA LEU A 269 40.39 11.35 -16.79
C LEU A 269 41.86 11.37 -17.17
N PRO A 270 42.34 12.35 -17.97
CA PRO A 270 43.77 12.49 -18.27
C PRO A 270 44.62 12.51 -17.00
N TYR A 271 44.22 13.34 -16.02
CA TYR A 271 44.94 13.45 -14.73
C TYR A 271 45.09 12.05 -14.16
N PHE A 272 43.98 11.32 -14.04
CA PHE A 272 43.96 9.96 -13.46
C PHE A 272 44.76 9.00 -14.35
N ALA A 273 44.61 9.13 -15.67
CA ALA A 273 45.39 8.35 -16.66
C ALA A 273 46.87 8.46 -16.27
N SER A 274 47.36 9.70 -16.08
CA SER A 274 48.74 9.99 -15.65
C SER A 274 49.05 9.25 -14.34
N VAL A 275 48.23 9.48 -13.30
CA VAL A 275 48.40 8.88 -11.94
C VAL A 275 48.52 7.36 -12.09
N LEU A 276 47.58 6.75 -12.80
CA LEU A 276 47.55 5.27 -12.98
C LEU A 276 48.80 4.82 -13.73
N THR A 277 49.19 5.50 -14.81
CA THR A 277 50.42 5.19 -15.60
C THR A 277 51.66 5.46 -14.72
N THR A 278 51.67 6.48 -13.84
CA THR A 278 52.82 6.73 -12.93
C THR A 278 52.90 5.59 -11.91
N ILE A 279 51.77 5.18 -11.31
CA ILE A 279 51.72 3.97 -10.42
C ILE A 279 52.14 2.74 -11.24
N GLY A 280 51.74 2.65 -12.52
CA GLY A 280 52.22 1.63 -13.48
C GLY A 280 53.73 1.67 -13.61
N ASN A 281 54.33 2.87 -13.77
CA ASN A 281 55.80 3.08 -13.79
C ASN A 281 56.39 2.67 -12.43
N TRP A 282 55.72 3.02 -11.33
CA TRP A 282 56.13 2.63 -9.95
C TRP A 282 56.08 1.11 -9.84
N LEU A 283 55.06 0.47 -10.42
CA LEU A 283 54.96 -1.00 -10.52
C LEU A 283 56.04 -1.53 -11.49
N ARG A 284 56.38 -0.80 -12.56
CA ARG A 284 57.59 -1.10 -13.40
C ARG A 284 58.82 -1.13 -12.46
N VAL A 285 58.98 -0.11 -11.60
CA VAL A 285 60.08 -0.03 -10.57
C VAL A 285 60.05 -1.30 -9.70
N VAL A 286 58.86 -1.73 -9.25
CA VAL A 286 58.61 -3.01 -8.50
C VAL A 286 59.24 -4.19 -9.25
N ARG B 28 48.77 20.91 -34.11
CA ARG B 28 47.56 20.05 -34.20
C ARG B 28 46.41 20.60 -33.34
N SER B 29 46.56 21.73 -32.63
CA SER B 29 45.52 22.27 -31.71
C SER B 29 44.20 22.48 -32.45
N THR B 30 44.23 23.01 -33.68
CA THR B 30 43.05 23.09 -34.59
C THR B 30 42.43 21.69 -34.72
N THR B 31 43.23 20.66 -35.03
CA THR B 31 42.73 19.26 -35.29
C THR B 31 41.99 18.73 -34.05
N LEU B 32 42.52 18.91 -32.85
CA LEU B 32 41.90 18.48 -31.56
C LEU B 32 40.51 19.11 -31.38
N LEU B 33 40.34 20.42 -31.65
CA LEU B 33 39.01 21.07 -31.59
C LEU B 33 38.07 20.41 -32.60
N ALA B 34 38.54 20.16 -33.83
CA ALA B 34 37.80 19.39 -34.86
C ALA B 34 37.44 18.01 -34.30
N LEU B 35 38.43 17.28 -33.76
CA LEU B 35 38.23 15.94 -33.14
C LEU B 35 37.19 16.02 -32.01
N LEU B 36 37.34 16.99 -31.10
CA LEU B 36 36.42 17.21 -29.96
C LEU B 36 34.98 17.36 -30.49
N ALA B 37 34.72 18.29 -31.40
CA ALA B 37 33.37 18.53 -31.96
C ALA B 37 32.87 17.26 -32.64
N LEU B 38 33.73 16.54 -33.38
CA LEU B 38 33.40 15.22 -34.00
C LEU B 38 32.84 14.30 -32.91
N VAL B 39 33.55 14.15 -31.78
CA VAL B 39 33.09 13.33 -30.61
C VAL B 39 31.74 13.86 -30.11
N LEU B 40 31.60 15.17 -29.91
CA LEU B 40 30.31 15.75 -29.43
C LEU B 40 29.20 15.34 -30.38
N LEU B 41 29.40 15.57 -31.67
CA LEU B 41 28.41 15.21 -32.73
C LEU B 41 28.07 13.74 -32.57
N TYR B 42 29.11 12.90 -32.42
CA TYR B 42 28.99 11.44 -32.19
C TYR B 42 28.09 11.18 -30.97
N LEU B 43 28.38 11.84 -29.86
CA LEU B 43 27.58 11.72 -28.61
C LEU B 43 26.14 12.18 -28.85
N VAL B 44 25.93 13.32 -29.51
CA VAL B 44 24.56 13.85 -29.80
C VAL B 44 23.85 12.83 -30.68
N SER B 45 24.50 12.30 -31.71
CA SER B 45 23.89 11.30 -32.63
C SER B 45 23.58 10.02 -31.82
N GLY B 46 24.52 9.55 -31.00
CA GLY B 46 24.25 8.48 -30.02
C GLY B 46 23.03 8.77 -29.17
N ALA B 47 22.95 9.96 -28.56
CA ALA B 47 21.82 10.42 -27.73
C ALA B 47 20.51 10.19 -28.49
N LEU B 48 20.42 10.70 -29.73
CA LEU B 48 19.21 10.64 -30.59
C LEU B 48 18.83 9.18 -30.82
N VAL B 49 19.78 8.35 -31.25
CA VAL B 49 19.51 6.92 -31.59
C VAL B 49 18.97 6.24 -30.33
N PHE B 50 19.70 6.39 -29.22
CA PHE B 50 19.35 5.73 -27.94
C PHE B 50 17.95 6.18 -27.53
N ARG B 51 17.71 7.50 -27.47
CA ARG B 51 16.40 8.02 -27.03
C ARG B 51 15.33 7.34 -27.87
N ALA B 52 15.51 7.34 -29.19
CA ALA B 52 14.52 6.87 -30.18
C ALA B 52 14.17 5.43 -29.85
N LEU B 53 15.19 4.60 -29.64
CA LEU B 53 15.04 3.15 -29.36
C LEU B 53 14.52 2.91 -27.93
N GLU B 54 14.97 3.70 -26.95
CA GLU B 54 14.76 3.35 -25.52
C GLU B 54 13.60 4.13 -24.86
N GLN B 55 13.40 5.41 -25.21
CA GLN B 55 12.44 6.24 -24.45
C GLN B 55 11.02 5.72 -24.58
N PRO B 56 10.54 5.23 -25.74
CA PRO B 56 9.15 4.73 -25.82
C PRO B 56 8.78 3.71 -24.73
N HIS B 57 9.70 2.78 -24.42
CA HIS B 57 9.46 1.70 -23.43
C HIS B 57 9.60 2.27 -22.02
N GLU B 58 10.49 3.24 -21.77
CA GLU B 58 10.58 3.93 -20.46
C GLU B 58 9.25 4.64 -20.17
N GLN B 59 8.62 5.25 -21.17
CA GLN B 59 7.33 5.95 -20.97
C GLN B 59 6.24 4.89 -20.73
N GLN B 60 6.26 3.77 -21.47
CA GLN B 60 5.25 2.70 -21.25
C GLN B 60 5.38 2.15 -19.83
N ALA B 61 6.60 1.93 -19.35
CA ALA B 61 6.88 1.46 -17.97
C ALA B 61 6.27 2.41 -16.97
N GLN B 62 6.58 3.69 -17.13
CA GLN B 62 5.96 4.75 -16.29
C GLN B 62 4.44 4.58 -16.32
N ARG B 63 3.82 4.43 -17.49
CA ARG B 63 2.33 4.33 -17.60
C ARG B 63 1.84 3.07 -16.91
N GLU B 64 2.57 1.97 -17.02
CA GLU B 64 2.21 0.68 -16.38
C GLU B 64 2.26 0.82 -14.87
N LEU B 65 3.27 1.51 -14.32
CA LEU B 65 3.31 1.81 -12.87
C LEU B 65 2.07 2.60 -12.45
N GLY B 66 1.76 3.70 -13.14
CA GLY B 66 0.52 4.48 -12.93
C GLY B 66 -0.73 3.61 -12.99
N GLU B 67 -0.88 2.74 -13.99
CA GLU B 67 -2.05 1.83 -14.14
C GLU B 67 -2.15 0.97 -12.88
N VAL B 68 -1.01 0.44 -12.40
CA VAL B 68 -0.98 -0.45 -11.21
C VAL B 68 -1.39 0.34 -9.98
N ARG B 69 -0.91 1.54 -9.81
CA ARG B 69 -1.35 2.36 -8.66
C ARG B 69 -2.86 2.57 -8.69
N GLU B 70 -3.38 3.08 -9.79
CA GLU B 70 -4.80 3.48 -9.91
C GLU B 70 -5.68 2.25 -9.68
N LYS B 71 -5.27 1.10 -10.17
CA LYS B 71 -5.97 -0.20 -9.98
C LYS B 71 -6.03 -0.56 -8.48
N PHE B 72 -4.93 -0.33 -7.75
CA PHE B 72 -4.75 -0.70 -6.32
C PHE B 72 -5.64 0.19 -5.47
N LEU B 73 -5.67 1.50 -5.77
CA LEU B 73 -6.50 2.50 -5.08
C LEU B 73 -7.96 2.08 -5.19
N ARG B 74 -8.39 1.73 -6.40
CA ARG B 74 -9.78 1.34 -6.68
C ARG B 74 -10.13 0.12 -5.84
N ALA B 75 -9.17 -0.77 -5.60
CA ALA B 75 -9.35 -2.05 -4.88
C ALA B 75 -9.21 -1.87 -3.38
N HIS B 76 -8.50 -0.86 -2.86
CA HIS B 76 -8.21 -0.73 -1.41
C HIS B 76 -8.55 0.66 -0.89
N PRO B 77 -9.84 0.93 -0.64
CA PRO B 77 -10.32 2.26 -0.24
C PRO B 77 -9.67 2.89 0.99
N CYS B 78 -8.98 2.10 1.83
CA CYS B 78 -8.35 2.60 3.08
C CYS B 78 -6.93 3.11 2.78
N VAL B 79 -6.58 3.26 1.51
CA VAL B 79 -5.25 3.74 0.99
C VAL B 79 -5.43 5.00 0.12
N SER B 80 -4.80 6.10 0.54
CA SER B 80 -4.70 7.38 -0.19
C SER B 80 -3.67 7.26 -1.29
N ASP B 81 -3.85 8.04 -2.35
CA ASP B 81 -2.91 8.19 -3.48
C ASP B 81 -1.52 8.44 -2.93
N GLN B 82 -1.42 9.39 -2.01
CA GLN B 82 -0.12 9.87 -1.48
C GLN B 82 0.52 8.81 -0.59
N GLU B 83 -0.28 7.99 0.08
CA GLU B 83 0.27 6.93 0.97
C GLU B 83 0.78 5.80 0.09
N LEU B 84 0.10 5.46 -0.99
CA LEU B 84 0.57 4.42 -1.93
C LEU B 84 1.86 4.91 -2.57
N GLY B 85 1.94 6.20 -2.80
CA GLY B 85 3.16 6.87 -3.30
C GLY B 85 4.35 6.55 -2.44
N LEU B 86 4.25 6.73 -1.12
CA LEU B 86 5.37 6.47 -0.19
C LEU B 86 5.68 4.98 -0.18
N LEU B 87 4.68 4.11 -0.23
CA LEU B 87 4.92 2.66 -0.28
C LEU B 87 5.87 2.40 -1.44
N ILE B 88 5.53 2.92 -2.63
CA ILE B 88 6.26 2.61 -3.88
C ILE B 88 7.66 3.19 -3.77
N LYS B 89 7.80 4.40 -3.23
CA LYS B 89 9.13 5.01 -3.05
C LYS B 89 9.96 4.12 -2.14
N GLU B 90 9.42 3.72 -1.00
CA GLU B 90 10.14 2.90 0.02
C GLU B 90 10.49 1.55 -0.59
N VAL B 91 9.57 0.92 -1.33
CA VAL B 91 9.82 -0.36 -2.05
C VAL B 91 10.96 -0.14 -3.03
N ALA B 92 10.90 0.94 -3.80
CA ALA B 92 11.85 1.25 -4.89
C ALA B 92 13.27 1.30 -4.31
N ASP B 93 13.44 2.05 -3.22
CA ASP B 93 14.73 2.24 -2.51
C ASP B 93 15.26 0.87 -2.06
N ALA B 94 14.40 0.00 -1.55
CA ALA B 94 14.79 -1.34 -1.06
C ALA B 94 15.19 -2.24 -2.24
N LEU B 95 14.45 -2.26 -3.34
CA LEU B 95 14.84 -3.01 -4.56
C LEU B 95 16.18 -2.48 -5.06
N GLY B 96 16.34 -1.16 -5.07
CA GLY B 96 17.59 -0.46 -5.40
C GLY B 96 18.73 -0.90 -4.51
N GLY B 97 18.46 -1.35 -3.29
CA GLY B 97 19.46 -1.93 -2.37
C GLY B 97 19.68 -3.42 -2.61
N GLY B 98 18.99 -4.00 -3.60
CA GLY B 98 19.20 -5.39 -4.05
C GLY B 98 18.19 -6.34 -3.45
N ALA B 99 17.15 -5.82 -2.80
CA ALA B 99 16.06 -6.64 -2.24
C ALA B 99 15.33 -7.35 -3.38
N ASP B 100 14.79 -8.54 -3.10
CA ASP B 100 14.09 -9.35 -4.11
C ASP B 100 12.59 -9.34 -3.83
N PRO B 101 11.75 -8.93 -4.81
CA PRO B 101 10.31 -8.94 -4.62
C PRO B 101 9.68 -10.30 -4.30
N GLU B 102 10.31 -11.40 -4.73
CA GLU B 102 9.72 -12.76 -4.75
C GLU B 102 9.59 -13.33 -3.32
N THR B 103 10.51 -12.96 -2.40
CA THR B 103 10.64 -13.57 -1.06
C THR B 103 10.27 -12.58 0.07
N GLN B 104 10.00 -13.11 1.27
CA GLN B 104 9.73 -12.37 2.53
C GLN B 104 10.66 -12.85 3.67
N SER B 105 11.53 -13.84 3.42
CA SER B 105 12.42 -14.47 4.45
C SER B 105 13.55 -13.51 4.90
N THR B 106 14.05 -13.72 6.12
CA THR B 106 15.21 -13.03 6.76
C THR B 106 14.92 -11.52 6.82
N SER B 112 24.57 -16.42 -0.67
CA SER B 112 25.38 -15.25 -0.26
C SER B 112 26.02 -14.59 -1.49
N ALA B 113 25.71 -13.30 -1.65
CA ALA B 113 26.27 -12.38 -2.65
C ALA B 113 27.75 -12.10 -2.32
N TRP B 114 28.12 -12.20 -1.04
CA TRP B 114 29.49 -11.94 -0.51
C TRP B 114 30.12 -13.24 0.01
N ASP B 115 29.81 -14.36 -0.65
CA ASP B 115 30.52 -15.65 -0.44
C ASP B 115 31.91 -15.49 -1.06
N LEU B 116 32.86 -16.32 -0.69
CA LEU B 116 34.30 -16.10 -1.00
C LEU B 116 34.48 -16.06 -2.51
N GLY B 117 33.80 -16.96 -3.24
CA GLY B 117 33.77 -17.00 -4.72
C GLY B 117 33.36 -15.65 -5.33
N SER B 118 32.18 -15.15 -4.96
CA SER B 118 31.58 -13.90 -5.50
C SER B 118 32.41 -12.68 -5.08
N ALA B 119 32.97 -12.68 -3.87
CA ALA B 119 33.79 -11.57 -3.32
C ALA B 119 35.08 -11.47 -4.12
N PHE B 120 35.69 -12.62 -4.41
CA PHE B 120 36.87 -12.74 -5.29
C PHE B 120 36.53 -12.09 -6.64
N PHE B 121 35.45 -12.56 -7.23
CA PHE B 121 34.92 -12.09 -8.54
C PHE B 121 34.74 -10.58 -8.50
N PHE B 122 34.14 -10.05 -7.43
CA PHE B 122 33.91 -8.59 -7.23
C PHE B 122 35.25 -7.87 -7.28
N SER B 123 36.27 -8.39 -6.61
CA SER B 123 37.64 -7.82 -6.59
C SER B 123 38.17 -7.80 -8.03
N GLY B 124 37.94 -8.89 -8.77
CA GLY B 124 38.24 -9.02 -10.21
C GLY B 124 37.59 -7.92 -11.03
N THR B 125 36.31 -7.62 -10.78
CA THR B 125 35.55 -6.59 -11.54
C THR B 125 36.22 -5.22 -11.33
N ILE B 126 36.87 -5.00 -10.19
CA ILE B 126 37.51 -3.68 -9.88
C ILE B 126 38.75 -3.53 -10.76
N ILE B 127 39.77 -4.37 -10.55
CA ILE B 127 41.13 -4.19 -11.12
C ILE B 127 41.04 -4.23 -12.64
N THR B 128 40.08 -4.96 -13.21
CA THR B 128 39.78 -5.00 -14.66
C THR B 128 39.14 -3.70 -15.14
N THR B 129 38.69 -2.87 -14.20
CA THR B 129 37.93 -1.61 -14.43
C THR B 129 36.59 -1.91 -15.14
N ILE B 130 36.14 -3.17 -15.11
CA ILE B 130 34.82 -3.57 -15.66
C ILE B 130 33.74 -2.93 -14.79
N GLY B 131 33.70 -3.32 -13.52
CA GLY B 131 32.83 -2.74 -12.48
C GLY B 131 31.35 -2.93 -12.80
N TYR B 132 30.93 -4.20 -12.86
CA TYR B 132 29.52 -4.59 -13.10
C TYR B 132 28.62 -3.81 -12.11
N GLY B 133 28.89 -4.01 -10.82
CA GLY B 133 28.18 -3.31 -9.71
C GLY B 133 26.83 -3.94 -9.40
N ASN B 134 26.55 -5.12 -9.97
CA ASN B 134 25.31 -5.91 -9.73
C ASN B 134 25.19 -6.21 -8.23
N VAL B 135 26.28 -6.11 -7.47
CA VAL B 135 26.26 -6.05 -5.97
C VAL B 135 27.06 -4.83 -5.51
N ALA B 136 26.44 -3.98 -4.70
CA ALA B 136 26.99 -2.68 -4.24
C ALA B 136 27.55 -2.83 -2.82
N LEU B 137 28.54 -2.00 -2.48
CA LEU B 137 29.09 -1.88 -1.11
C LEU B 137 28.13 -1.05 -0.25
N ARG B 138 27.86 -1.51 0.98
CA ARG B 138 26.92 -0.81 1.90
C ARG B 138 27.71 -0.11 3.01
N THR B 139 28.85 -0.62 3.43
CA THR B 139 29.62 -0.06 4.59
C THR B 139 30.59 1.02 4.10
N ASP B 140 30.70 2.12 4.84
CA ASP B 140 31.72 3.19 4.68
C ASP B 140 33.12 2.56 4.60
N ALA B 141 33.40 1.55 5.42
CA ALA B 141 34.69 0.82 5.44
C ALA B 141 34.89 0.14 4.09
N GLY B 142 33.87 -0.57 3.61
CA GLY B 142 33.87 -1.24 2.30
C GLY B 142 34.29 -0.29 1.19
N ARG B 143 33.66 0.89 1.15
CA ARG B 143 33.94 1.94 0.14
C ARG B 143 35.38 2.45 0.27
N LEU B 144 35.81 2.76 1.49
CA LEU B 144 37.14 3.38 1.71
C LEU B 144 38.23 2.38 1.30
N PHE B 145 38.07 1.11 1.66
CA PHE B 145 39.02 0.03 1.28
C PHE B 145 39.04 -0.13 -0.23
N CYS B 146 37.87 -0.05 -0.87
CA CYS B 146 37.70 -0.19 -2.33
C CYS B 146 38.60 0.83 -3.06
N ILE B 147 38.58 2.09 -2.61
CA ILE B 147 39.41 3.21 -3.14
C ILE B 147 40.85 2.71 -3.29
N PHE B 148 41.50 2.39 -2.17
CA PHE B 148 42.94 2.00 -2.12
C PHE B 148 43.10 0.67 -2.85
N TYR B 149 42.13 -0.25 -2.76
CA TYR B 149 42.18 -1.56 -3.45
C TYR B 149 42.33 -1.32 -4.96
N ALA B 150 41.56 -0.39 -5.52
CA ALA B 150 41.55 -0.08 -6.96
C ALA B 150 42.81 0.69 -7.34
N LEU B 151 43.10 1.78 -6.61
CA LEU B 151 44.25 2.70 -6.85
C LEU B 151 45.54 1.87 -7.02
N VAL B 152 45.70 0.83 -6.19
CA VAL B 152 46.84 -0.14 -6.23
C VAL B 152 46.55 -1.25 -7.25
N GLY B 153 45.31 -1.68 -7.37
CA GLY B 153 44.95 -2.92 -8.08
C GLY B 153 44.96 -2.76 -9.59
N ILE B 154 44.37 -1.68 -10.11
CA ILE B 154 44.19 -1.45 -11.58
C ILE B 154 45.55 -1.37 -12.27
N PRO B 155 46.50 -0.51 -11.82
CA PRO B 155 47.79 -0.40 -12.50
C PRO B 155 48.54 -1.75 -12.45
N LEU B 156 48.51 -2.43 -11.30
CA LEU B 156 49.09 -3.79 -11.14
C LEU B 156 48.54 -4.69 -12.26
N PHE B 157 47.22 -4.77 -12.39
CA PHE B 157 46.57 -5.63 -13.42
C PHE B 157 46.93 -5.13 -14.82
N GLY B 158 46.97 -3.80 -15.03
CA GLY B 158 47.40 -3.21 -16.31
C GLY B 158 48.73 -3.80 -16.77
N ILE B 159 49.70 -3.84 -15.84
CA ILE B 159 51.07 -4.40 -16.04
C ILE B 159 50.96 -5.87 -16.48
N LEU B 160 50.26 -6.69 -15.70
CA LEU B 160 50.05 -8.13 -16.03
C LEU B 160 49.41 -8.27 -17.41
N LEU B 161 48.47 -7.39 -17.75
CA LEU B 161 47.76 -7.46 -19.06
C LEU B 161 48.77 -7.30 -20.20
N ALA B 162 49.59 -6.23 -20.12
CA ALA B 162 50.72 -5.95 -21.04
C ALA B 162 51.57 -7.23 -21.19
N GLY B 163 51.96 -7.80 -20.05
CA GLY B 163 52.67 -9.09 -19.96
C GLY B 163 51.96 -10.18 -20.75
N VAL B 164 50.70 -10.47 -20.42
CA VAL B 164 49.89 -11.56 -21.05
C VAL B 164 49.73 -11.25 -22.55
N GLY B 165 49.45 -9.98 -22.89
CA GLY B 165 49.40 -9.48 -24.28
C GLY B 165 50.62 -9.91 -25.10
N ASP B 166 51.83 -9.52 -24.66
CA ASP B 166 53.12 -9.83 -25.32
C ASP B 166 53.27 -11.34 -25.52
N ARG B 167 53.14 -12.10 -24.43
CA ARG B 167 53.27 -13.56 -24.42
C ARG B 167 52.24 -14.17 -25.39
N LEU B 168 50.97 -13.75 -25.32
CA LEU B 168 49.88 -14.25 -26.20
C LEU B 168 50.28 -14.01 -27.68
N GLY B 169 50.59 -12.75 -28.02
CA GLY B 169 50.97 -12.29 -29.36
C GLY B 169 52.13 -13.10 -29.93
N SER B 170 53.21 -13.22 -29.13
CA SER B 170 54.41 -14.03 -29.42
C SER B 170 54.02 -15.47 -29.78
N SER B 171 53.23 -16.13 -28.92
CA SER B 171 52.76 -17.53 -29.08
C SER B 171 52.01 -17.68 -30.41
N LEU B 172 51.05 -16.78 -30.66
CA LEU B 172 50.26 -16.76 -31.92
C LEU B 172 51.23 -16.53 -33.09
N ARG B 173 52.13 -15.55 -32.95
CA ARG B 173 53.16 -15.18 -33.97
C ARG B 173 54.03 -16.41 -34.31
N HIS B 174 54.46 -17.17 -33.31
CA HIS B 174 55.19 -18.46 -33.50
C HIS B 174 54.33 -19.38 -34.39
N GLY B 175 53.03 -19.48 -34.09
CA GLY B 175 52.03 -20.29 -34.82
C GLY B 175 51.93 -19.91 -36.29
N ILE B 176 51.78 -18.62 -36.59
CA ILE B 176 51.47 -18.12 -37.97
C ILE B 176 52.70 -18.26 -38.90
N GLY B 177 53.94 -18.45 -38.37
CA GLY B 177 55.14 -18.83 -39.15
C GLY B 177 54.84 -19.97 -40.10
N HIS B 178 54.23 -21.05 -39.58
CA HIS B 178 53.78 -22.24 -40.35
C HIS B 178 52.81 -21.82 -41.46
N ILE B 179 51.78 -21.03 -41.11
CA ILE B 179 50.62 -20.63 -41.96
C ILE B 179 51.11 -19.79 -43.15
N GLU B 180 51.92 -18.74 -42.91
CA GLU B 180 52.46 -17.89 -44.02
C GLU B 180 53.38 -18.74 -44.92
N ALA B 181 54.17 -19.68 -44.35
CA ALA B 181 55.06 -20.60 -45.09
C ALA B 181 54.25 -21.44 -46.09
N ILE B 182 53.11 -22.03 -45.66
CA ILE B 182 52.18 -22.84 -46.51
C ILE B 182 51.69 -22.00 -47.70
N PHE B 183 51.32 -20.73 -47.48
CA PHE B 183 50.87 -19.79 -48.55
C PHE B 183 52.04 -19.51 -49.50
N LEU B 184 53.27 -19.36 -48.99
CA LEU B 184 54.49 -19.21 -49.84
C LEU B 184 54.67 -20.47 -50.72
N LYS B 185 54.48 -21.65 -50.13
CA LYS B 185 54.52 -22.98 -50.83
C LYS B 185 53.31 -23.10 -51.78
N TRP B 186 52.16 -22.54 -51.40
CA TRP B 186 50.96 -22.36 -52.26
C TRP B 186 51.17 -21.22 -53.28
N HIS B 187 52.28 -20.47 -53.17
CA HIS B 187 52.79 -19.49 -54.16
C HIS B 187 51.94 -18.20 -54.13
N VAL B 188 51.24 -17.95 -53.02
CA VAL B 188 50.39 -16.73 -52.82
C VAL B 188 51.37 -15.54 -52.69
N PRO B 189 51.08 -14.36 -53.33
CA PRO B 189 51.91 -13.16 -53.16
C PRO B 189 52.13 -12.82 -51.68
N PRO B 190 53.40 -12.59 -51.23
CA PRO B 190 53.73 -12.53 -49.81
C PRO B 190 53.03 -11.42 -48.98
N GLU B 191 52.87 -10.21 -49.54
CA GLU B 191 52.22 -9.07 -48.82
C GLU B 191 50.78 -9.46 -48.48
N LEU B 192 50.08 -10.08 -49.45
CA LEU B 192 48.72 -10.68 -49.31
C LEU B 192 48.69 -11.63 -48.11
N VAL B 193 49.69 -12.54 -48.03
CA VAL B 193 49.79 -13.70 -47.08
C VAL B 193 49.77 -13.25 -45.60
N ARG B 194 50.60 -12.28 -45.18
CA ARG B 194 50.71 -11.85 -43.75
C ARG B 194 49.46 -11.07 -43.33
N VAL B 195 48.87 -10.27 -44.24
CA VAL B 195 47.49 -9.75 -44.04
C VAL B 195 46.59 -10.97 -43.79
N LEU B 196 46.66 -12.00 -44.63
CA LEU B 196 45.91 -13.28 -44.48
C LEU B 196 46.22 -13.93 -43.13
N SER B 197 47.49 -13.95 -42.68
CA SER B 197 47.90 -14.47 -41.34
C SER B 197 47.17 -13.69 -40.22
N ALA B 198 47.24 -12.35 -40.29
CA ALA B 198 46.51 -11.41 -39.41
C ALA B 198 45.00 -11.63 -39.62
N MET B 199 44.57 -11.79 -40.88
CA MET B 199 43.17 -12.12 -41.24
C MET B 199 42.82 -13.44 -40.55
N LEU B 200 43.67 -14.46 -40.70
CA LEU B 200 43.57 -15.72 -39.92
C LEU B 200 43.56 -15.34 -38.43
N PHE B 201 44.46 -14.46 -38.02
CA PHE B 201 44.61 -13.96 -36.61
C PHE B 201 43.23 -13.54 -36.08
N LEU B 202 42.62 -12.53 -36.71
CA LEU B 202 41.33 -11.89 -36.33
C LEU B 202 40.26 -12.97 -36.13
N LEU B 203 40.10 -13.86 -37.12
CA LEU B 203 39.14 -14.99 -37.05
C LEU B 203 39.46 -15.83 -35.82
N ILE B 204 40.74 -16.22 -35.64
CA ILE B 204 41.18 -17.15 -34.56
C ILE B 204 40.73 -16.59 -33.21
N GLY B 205 41.06 -15.33 -32.92
CA GLY B 205 40.70 -14.68 -31.65
C GLY B 205 39.20 -14.74 -31.43
N CYS B 206 38.47 -14.18 -32.40
CA CYS B 206 36.98 -14.07 -32.41
C CYS B 206 36.36 -15.41 -32.06
N LEU B 207 36.75 -16.47 -32.75
CA LEU B 207 36.16 -17.83 -32.54
C LEU B 207 36.34 -18.21 -31.06
N LEU B 208 37.56 -18.13 -30.53
CA LEU B 208 37.93 -18.63 -29.18
C LEU B 208 37.43 -17.69 -28.07
N PHE B 209 37.43 -16.37 -28.28
CA PHE B 209 37.21 -15.36 -27.20
C PHE B 209 35.89 -14.60 -27.38
N VAL B 210 35.40 -14.44 -28.61
CA VAL B 210 34.06 -13.82 -28.83
C VAL B 210 33.05 -14.95 -28.99
N LEU B 211 33.19 -15.81 -30.00
CA LEU B 211 32.08 -16.70 -30.43
C LEU B 211 31.94 -17.85 -29.44
N THR B 212 33.03 -18.48 -29.04
CA THR B 212 33.00 -19.61 -28.07
C THR B 212 32.25 -19.15 -26.83
N PRO B 213 32.69 -18.08 -26.10
CA PRO B 213 31.97 -17.62 -24.91
C PRO B 213 30.47 -17.35 -25.13
N THR B 214 30.14 -16.68 -26.24
CA THR B 214 28.73 -16.33 -26.57
C THR B 214 27.92 -17.63 -26.62
N PHE B 215 28.43 -18.64 -27.33
CA PHE B 215 27.86 -20.02 -27.40
C PHE B 215 27.82 -20.63 -26.00
N VAL B 216 28.93 -20.56 -25.25
CA VAL B 216 29.04 -21.06 -23.84
C VAL B 216 27.90 -20.45 -23.01
N PHE B 217 27.83 -19.13 -22.98
CA PHE B 217 26.92 -18.34 -22.10
C PHE B 217 25.46 -18.60 -22.47
N CYS B 218 25.16 -18.65 -23.78
CA CYS B 218 23.83 -18.98 -24.34
C CYS B 218 23.26 -20.22 -23.63
N TYR B 219 24.06 -21.29 -23.54
CA TYR B 219 23.65 -22.58 -22.91
C TYR B 219 23.59 -22.43 -21.38
N MET B 220 24.60 -21.82 -20.78
CA MET B 220 24.83 -21.82 -19.30
C MET B 220 23.91 -20.81 -18.60
N GLU B 221 23.73 -19.62 -19.19
CA GLU B 221 23.02 -18.47 -18.56
C GLU B 221 21.56 -18.38 -19.06
N ASP B 222 21.19 -19.16 -20.07
CA ASP B 222 19.83 -19.17 -20.68
C ASP B 222 19.52 -17.79 -21.27
N TRP B 223 20.53 -17.15 -21.85
CA TRP B 223 20.44 -15.89 -22.62
C TRP B 223 20.22 -16.25 -24.10
N SER B 224 19.78 -15.26 -24.91
CA SER B 224 19.74 -15.32 -26.40
C SER B 224 21.15 -15.12 -26.95
N LYS B 225 21.41 -15.56 -28.18
CA LYS B 225 22.70 -15.39 -28.88
C LYS B 225 23.10 -13.91 -28.79
N LEU B 226 22.16 -13.00 -29.06
CA LEU B 226 22.42 -11.52 -29.09
C LEU B 226 22.71 -10.98 -27.68
N GLU B 227 21.95 -11.39 -26.68
CA GLU B 227 22.19 -11.03 -25.25
C GLU B 227 23.64 -11.39 -24.90
N ALA B 228 24.07 -12.62 -25.24
CA ALA B 228 25.39 -13.17 -24.89
C ALA B 228 26.51 -12.34 -25.55
N ILE B 229 26.38 -11.99 -26.84
CA ILE B 229 27.37 -11.15 -27.59
C ILE B 229 27.44 -9.78 -26.92
N TYR B 230 26.28 -9.16 -26.64
CA TYR B 230 26.15 -7.88 -25.90
C TYR B 230 26.95 -7.96 -24.60
N PHE B 231 26.73 -9.03 -23.81
CA PHE B 231 27.44 -9.25 -22.54
C PHE B 231 28.94 -9.31 -22.79
N VAL B 232 29.36 -10.23 -23.65
CA VAL B 232 30.79 -10.49 -23.98
C VAL B 232 31.46 -9.15 -24.30
N ILE B 233 30.89 -8.40 -25.24
CA ILE B 233 31.53 -7.15 -25.74
C ILE B 233 31.50 -6.09 -24.63
N VAL B 234 30.37 -5.88 -23.96
CA VAL B 234 30.25 -4.89 -22.84
C VAL B 234 31.35 -5.21 -21.83
N THR B 235 31.65 -6.51 -21.65
CA THR B 235 32.67 -7.04 -20.71
C THR B 235 34.07 -6.69 -21.20
N LEU B 236 34.43 -7.10 -22.43
CA LEU B 236 35.81 -7.03 -22.97
C LEU B 236 36.20 -5.56 -23.27
N THR B 237 35.21 -4.69 -23.54
CA THR B 237 35.40 -3.23 -23.66
C THR B 237 35.65 -2.61 -22.28
N THR B 238 35.41 -3.37 -21.20
CA THR B 238 35.51 -2.96 -19.78
C THR B 238 34.47 -1.88 -19.45
N VAL B 239 33.35 -1.85 -20.18
CA VAL B 239 32.23 -0.91 -19.91
C VAL B 239 31.57 -1.40 -18.61
N GLY B 240 31.17 -2.67 -18.60
CA GLY B 240 30.60 -3.34 -17.41
C GLY B 240 29.40 -2.61 -16.87
N PHE B 241 28.34 -2.60 -17.67
CA PHE B 241 27.02 -2.05 -17.29
C PHE B 241 26.59 -2.75 -16.01
N GLY B 242 26.48 -4.09 -16.06
CA GLY B 242 26.01 -4.92 -14.94
C GLY B 242 24.58 -5.40 -15.13
N ASP B 243 23.96 -5.08 -16.27
CA ASP B 243 22.60 -5.59 -16.65
C ASP B 243 22.67 -7.11 -16.89
N TYR B 244 23.81 -7.60 -17.40
CA TYR B 244 24.10 -9.03 -17.64
C TYR B 244 25.45 -9.40 -16.99
N VAL B 245 25.44 -10.41 -16.12
CA VAL B 245 26.63 -10.92 -15.39
C VAL B 245 26.62 -12.46 -15.42
N ALA B 246 27.68 -13.07 -15.97
CA ALA B 246 27.88 -14.54 -16.06
C ALA B 246 28.16 -15.11 -14.66
N GLY B 247 27.38 -16.13 -14.26
CA GLY B 247 27.52 -16.86 -12.97
C GLY B 247 26.65 -16.28 -11.86
N ALA B 248 26.33 -14.98 -11.93
CA ALA B 248 25.63 -14.20 -10.88
C ALA B 248 24.36 -14.93 -10.43
N ASP B 249 23.63 -15.51 -11.39
CA ASP B 249 22.37 -16.27 -11.16
C ASP B 249 22.43 -16.99 -9.82
N PRO B 250 21.49 -16.73 -8.87
CA PRO B 250 21.52 -17.35 -7.54
C PRO B 250 21.42 -18.89 -7.55
N ARG B 251 20.56 -19.44 -8.43
CA ARG B 251 20.13 -20.87 -8.40
C ARG B 251 21.29 -21.82 -8.74
N GLN B 252 22.16 -21.45 -9.69
CA GLN B 252 23.23 -22.31 -10.27
C GLN B 252 24.17 -22.83 -9.16
N ASP B 253 24.33 -24.16 -9.05
CA ASP B 253 25.39 -24.83 -8.25
C ASP B 253 26.61 -25.05 -9.13
N SER B 254 27.26 -23.95 -9.53
CA SER B 254 28.52 -23.92 -10.33
C SER B 254 29.31 -22.66 -9.96
N PRO B 255 29.80 -22.55 -8.69
CA PRO B 255 30.54 -21.38 -8.25
C PRO B 255 31.89 -21.20 -8.96
N ALA B 256 32.64 -22.31 -9.14
CA ALA B 256 33.91 -22.41 -9.89
C ALA B 256 33.72 -21.90 -11.34
N TYR B 257 32.57 -22.16 -11.94
CA TYR B 257 32.22 -21.75 -13.34
C TYR B 257 32.36 -20.23 -13.49
N GLN B 258 32.26 -19.47 -12.39
CA GLN B 258 32.43 -17.99 -12.36
C GLN B 258 33.93 -17.64 -12.40
N PRO B 259 34.79 -18.16 -11.49
CA PRO B 259 36.23 -17.89 -11.56
C PRO B 259 36.88 -18.32 -12.88
N LEU B 260 36.46 -19.45 -13.47
CA LEU B 260 36.96 -20.00 -14.77
C LEU B 260 36.71 -18.97 -15.88
N VAL B 261 35.53 -18.35 -15.87
CA VAL B 261 35.17 -17.26 -16.83
C VAL B 261 36.13 -16.11 -16.57
N TRP B 262 36.50 -15.86 -15.31
CA TRP B 262 37.40 -14.73 -14.98
C TRP B 262 38.74 -14.92 -15.70
N PHE B 263 39.15 -16.17 -15.98
CA PHE B 263 40.39 -16.42 -16.75
C PHE B 263 40.13 -16.05 -18.23
N TRP B 264 38.96 -16.40 -18.77
CA TRP B 264 38.53 -15.93 -20.11
C TRP B 264 38.71 -14.39 -20.18
N ILE B 265 38.25 -13.68 -19.16
CA ILE B 265 38.36 -12.19 -19.11
C ILE B 265 39.82 -11.83 -19.28
N LEU B 266 40.71 -12.46 -18.48
CA LEU B 266 42.16 -12.17 -18.45
C LEU B 266 42.75 -12.38 -19.85
N LEU B 267 42.44 -13.51 -20.50
CA LEU B 267 42.94 -13.86 -21.87
C LEU B 267 42.27 -12.95 -22.92
N GLY B 268 40.96 -12.73 -22.79
CA GLY B 268 40.17 -11.95 -23.76
C GLY B 268 40.61 -10.50 -23.83
N LEU B 269 40.84 -9.86 -22.69
CA LEU B 269 41.05 -8.38 -22.62
C LEU B 269 42.22 -7.98 -23.53
N PRO B 270 43.39 -8.66 -23.48
CA PRO B 270 44.50 -8.34 -24.39
C PRO B 270 44.06 -8.38 -25.87
N TYR B 271 43.36 -9.45 -26.25
CA TYR B 271 42.84 -9.64 -27.62
C TYR B 271 42.08 -8.37 -27.99
N PHE B 272 41.12 -8.01 -27.14
CA PHE B 272 40.23 -6.84 -27.39
C PHE B 272 41.05 -5.55 -27.35
N ALA B 273 42.00 -5.45 -26.42
CA ALA B 273 42.95 -4.32 -26.34
C ALA B 273 43.56 -4.12 -27.73
N SER B 274 44.10 -5.20 -28.33
CA SER B 274 44.68 -5.19 -29.69
C SER B 274 43.65 -4.64 -30.68
N VAL B 275 42.46 -5.25 -30.73
CA VAL B 275 41.36 -4.88 -31.69
C VAL B 275 41.07 -3.38 -31.53
N LEU B 276 40.84 -2.96 -30.29
CA LEU B 276 40.51 -1.55 -29.92
C LEU B 276 41.62 -0.62 -30.44
N THR B 277 42.90 -0.92 -30.13
CA THR B 277 44.04 -0.07 -30.58
C THR B 277 44.07 -0.02 -32.12
N THR B 278 43.89 -1.19 -32.76
CA THR B 278 43.96 -1.34 -34.23
C THR B 278 42.82 -0.55 -34.89
N ILE B 279 41.57 -0.64 -34.39
CA ILE B 279 40.42 0.09 -35.03
C ILE B 279 40.69 1.60 -34.92
N GLY B 280 41.29 2.06 -33.83
CA GLY B 280 41.81 3.44 -33.66
C GLY B 280 42.74 3.84 -34.80
N ASN B 281 43.69 2.95 -35.13
CA ASN B 281 44.65 3.11 -36.26
C ASN B 281 43.86 3.24 -37.59
N TRP B 282 42.80 2.44 -37.80
CA TRP B 282 41.93 2.50 -39.00
C TRP B 282 41.30 3.89 -39.09
N LEU B 283 40.83 4.40 -37.94
CA LEU B 283 40.30 5.78 -37.80
C LEU B 283 41.44 6.80 -38.01
N ARG B 284 42.65 6.50 -37.52
CA ARG B 284 43.87 7.30 -37.82
C ARG B 284 44.05 7.34 -39.36
N VAL B 285 43.97 6.19 -40.02
CA VAL B 285 44.07 6.05 -41.51
C VAL B 285 43.01 6.95 -42.17
N VAL B 286 41.77 6.94 -41.68
CA VAL B 286 40.67 7.79 -42.25
C VAL B 286 41.00 9.27 -41.99
N SER B 287 41.53 9.62 -40.80
CA SER B 287 41.94 11.00 -40.41
C SER B 287 43.42 11.21 -40.73
N GLN C 1 4.61 -22.96 6.92
CA GLN C 1 5.98 -23.40 6.58
C GLN C 1 6.92 -23.06 7.72
N ILE C 2 6.85 -21.86 8.29
CA ILE C 2 7.57 -21.50 9.55
C ILE C 2 6.97 -22.32 10.67
N VAL C 3 7.79 -22.98 11.47
CA VAL C 3 7.31 -23.85 12.58
C VAL C 3 7.48 -23.06 13.89
N LEU C 4 6.43 -22.97 14.70
CA LEU C 4 6.54 -22.41 16.05
C LEU C 4 6.54 -23.54 17.10
N THR C 5 7.56 -23.58 17.95
CA THR C 5 7.75 -24.59 19.01
C THR C 5 7.54 -23.94 20.37
N GLN C 6 6.54 -24.44 21.10
CA GLN C 6 6.29 -24.03 22.50
C GLN C 6 6.65 -25.16 23.48
N SER C 7 7.63 -24.91 24.34
CA SER C 7 8.11 -25.84 25.40
C SER C 7 8.21 -25.08 26.72
N PRO C 8 7.84 -25.73 27.86
CA PRO C 8 7.12 -27.01 27.86
C PRO C 8 5.65 -26.84 27.44
N ALA C 9 5.03 -27.93 27.00
CA ALA C 9 3.64 -27.97 26.50
C ALA C 9 2.65 -27.85 27.67
N ILE C 10 3.09 -28.20 28.86
CA ILE C 10 2.27 -28.13 30.12
C ILE C 10 3.14 -27.51 31.18
N MET C 11 2.62 -26.52 31.90
CA MET C 11 3.34 -25.95 33.05
C MET C 11 2.35 -25.43 34.08
N SER C 12 2.77 -25.43 35.34
CA SER C 12 1.90 -25.17 36.52
C SER C 12 2.51 -24.06 37.38
N ALA C 13 1.66 -23.21 37.94
CA ALA C 13 2.03 -22.05 38.76
C ALA C 13 1.05 -21.89 39.93
N SER C 14 1.55 -21.70 41.15
CA SER C 14 0.75 -21.23 42.31
C SER C 14 0.47 -19.74 42.10
N PRO C 15 -0.66 -19.18 42.59
CA PRO C 15 -0.93 -17.75 42.43
C PRO C 15 0.08 -16.89 43.19
N GLY C 16 0.51 -15.78 42.58
CA GLY C 16 1.59 -14.94 43.10
C GLY C 16 2.91 -15.24 42.41
N GLU C 17 3.06 -16.45 41.88
CA GLU C 17 4.28 -16.93 41.17
C GLU C 17 4.43 -16.20 39.84
N LYS C 18 5.67 -15.99 39.40
CA LYS C 18 6.00 -15.46 38.05
C LYS C 18 5.95 -16.63 37.08
N VAL C 19 5.37 -16.43 35.91
CA VAL C 19 5.34 -17.44 34.82
C VAL C 19 6.01 -16.84 33.59
N THR C 20 6.83 -17.62 32.90
CA THR C 20 7.43 -17.28 31.58
C THR C 20 7.22 -18.47 30.65
N MET C 21 6.53 -18.28 29.52
CA MET C 21 6.45 -19.35 28.51
C MET C 21 6.98 -18.84 27.18
N THR C 22 7.63 -19.71 26.41
CA THR C 22 8.50 -19.29 25.28
C THR C 22 7.91 -19.83 23.97
N CYS C 23 8.24 -19.16 22.86
CA CYS C 23 7.91 -19.55 21.49
C CYS C 23 9.17 -19.36 20.67
N SER C 24 9.81 -20.44 20.20
CA SER C 24 10.97 -20.37 19.27
C SER C 24 10.46 -20.60 17.82
N ALA C 25 10.99 -19.86 16.84
CA ALA C 25 10.58 -19.96 15.44
C ALA C 25 11.65 -20.72 14.66
N SER C 26 11.25 -21.57 13.70
CA SER C 26 12.15 -22.36 12.82
C SER C 26 13.11 -21.43 12.09
N SER C 27 12.68 -20.19 11.86
CA SER C 27 13.51 -19.13 11.23
C SER C 27 12.98 -17.77 11.71
N SER C 28 13.84 -16.75 11.70
CA SER C 28 13.58 -15.44 12.37
C SER C 28 12.30 -14.83 11.82
N VAL C 29 11.65 -13.99 12.63
CA VAL C 29 10.43 -13.21 12.31
C VAL C 29 10.47 -11.89 13.09
N SER C 30 9.74 -10.89 12.60
CA SER C 30 9.77 -9.49 13.08
C SER C 30 8.90 -9.31 14.33
N TYR C 31 7.84 -10.10 14.47
CA TYR C 31 6.82 -9.90 15.51
C TYR C 31 6.18 -11.24 15.83
N MET C 32 5.89 -11.48 17.12
CA MET C 32 5.14 -12.68 17.55
C MET C 32 3.83 -12.19 18.16
N HIS C 33 2.74 -12.94 18.01
CA HIS C 33 1.44 -12.65 18.65
C HIS C 33 1.09 -13.81 19.56
N TRP C 34 0.20 -13.60 20.53
CA TRP C 34 -0.17 -14.63 21.53
C TRP C 34 -1.68 -14.65 21.72
N TYR C 35 -2.27 -15.81 21.91
CA TYR C 35 -3.72 -15.99 22.17
C TYR C 35 -3.89 -16.73 23.51
N GLN C 36 -4.94 -16.40 24.24
CA GLN C 36 -5.43 -17.15 25.43
C GLN C 36 -6.69 -17.91 25.02
N GLN C 37 -6.74 -19.21 25.31
CA GLN C 37 -7.95 -20.05 25.07
C GLN C 37 -8.25 -20.87 26.32
N LYS C 38 -9.49 -20.82 26.79
CA LYS C 38 -10.00 -21.60 27.93
C LYS C 38 -11.00 -22.60 27.36
N SER C 39 -11.05 -23.84 27.87
CA SER C 39 -12.09 -24.85 27.52
C SER C 39 -13.35 -24.09 27.12
N GLY C 40 -13.91 -24.40 25.95
CA GLY C 40 -15.30 -24.10 25.56
C GLY C 40 -15.42 -22.79 24.83
N THR C 41 -14.30 -22.12 24.56
CA THR C 41 -14.31 -20.77 23.95
C THR C 41 -13.21 -20.61 22.90
N SER C 42 -13.39 -19.65 22.00
CA SER C 42 -12.46 -19.30 20.90
C SER C 42 -11.17 -18.75 21.50
N PRO C 43 -10.03 -18.81 20.79
CA PRO C 43 -8.84 -18.05 21.20
C PRO C 43 -9.17 -16.55 21.29
N LYS C 44 -8.43 -15.85 22.14
CA LYS C 44 -8.57 -14.39 22.27
C LYS C 44 -7.22 -13.78 21.97
N ARG C 45 -7.18 -12.72 21.18
CA ARG C 45 -5.93 -11.97 21.03
C ARG C 45 -5.53 -11.47 22.40
N TRP C 46 -4.34 -11.87 22.87
CA TRP C 46 -3.85 -11.53 24.22
C TRP C 46 -2.75 -10.49 24.08
N ILE C 47 -1.66 -10.84 23.43
CA ILE C 47 -0.57 -9.89 23.11
C ILE C 47 -0.27 -9.96 21.61
N TYR C 48 -0.14 -8.82 20.97
CA TYR C 48 0.16 -8.74 19.52
C TYR C 48 1.41 -7.89 19.36
N ASP C 49 1.99 -7.89 18.16
CA ASP C 49 3.27 -7.21 17.86
C ASP C 49 4.20 -7.41 19.06
N THR C 50 4.40 -8.65 19.48
CA THR C 50 5.46 -9.05 20.45
C THR C 50 5.14 -8.62 21.89
N SER C 51 4.78 -7.36 22.13
CA SER C 51 4.69 -6.79 23.51
C SER C 51 3.48 -5.86 23.72
N LYS C 52 2.61 -5.69 22.73
CA LYS C 52 1.37 -4.87 22.84
C LYS C 52 0.27 -5.71 23.50
N LEU C 53 -0.38 -5.16 24.52
CA LEU C 53 -1.52 -5.79 25.23
C LEU C 53 -2.84 -5.50 24.54
N ALA C 54 -3.66 -6.52 24.30
CA ALA C 54 -5.04 -6.37 23.78
C ALA C 54 -5.92 -5.70 24.84
N SER C 55 -7.10 -5.30 24.42
CA SER C 55 -7.98 -4.39 25.17
C SER C 55 -8.08 -4.79 26.65
N GLY C 56 -8.67 -5.94 26.95
CA GLY C 56 -9.01 -6.28 28.36
C GLY C 56 -7.83 -6.75 29.20
N VAL C 57 -6.71 -7.13 28.55
CA VAL C 57 -5.60 -7.93 29.14
C VAL C 57 -4.98 -7.16 30.30
N PRO C 58 -4.89 -7.76 31.51
CA PRO C 58 -4.30 -7.08 32.66
C PRO C 58 -2.78 -6.93 32.51
N ALA C 59 -2.25 -5.89 33.15
CA ALA C 59 -0.87 -5.41 32.97
C ALA C 59 0.12 -6.44 33.50
N ARG C 60 -0.31 -7.41 34.32
CA ARG C 60 0.62 -8.43 34.89
C ARG C 60 1.24 -9.22 33.73
N PHE C 61 0.55 -9.26 32.58
CA PHE C 61 1.02 -9.88 31.32
C PHE C 61 1.94 -8.92 30.58
N SER C 62 3.06 -9.42 30.09
CA SER C 62 3.90 -8.74 29.07
C SER C 62 4.41 -9.78 28.07
N GLY C 63 4.82 -9.32 26.89
CA GLY C 63 5.50 -10.14 25.88
C GLY C 63 6.83 -9.49 25.53
N SER C 64 7.78 -10.25 25.01
CA SER C 64 9.08 -9.73 24.54
C SER C 64 9.72 -10.75 23.61
N GLY C 65 10.84 -10.35 23.00
CA GLY C 65 11.66 -11.22 22.14
C GLY C 65 12.08 -10.52 20.86
N SER C 66 12.74 -11.26 19.99
CA SER C 66 13.19 -10.78 18.67
C SER C 66 13.77 -11.99 17.94
N GLY C 67 13.98 -11.85 16.63
CA GLY C 67 14.51 -12.94 15.78
C GLY C 67 13.73 -14.23 15.97
N THR C 68 14.37 -15.24 16.56
CA THR C 68 13.88 -16.63 16.51
C THR C 68 13.30 -17.05 17.87
N SER C 69 13.31 -16.17 18.87
CA SER C 69 12.94 -16.48 20.26
C SER C 69 12.06 -15.38 20.84
N TYR C 70 10.87 -15.75 21.30
CA TYR C 70 9.88 -14.83 21.88
C TYR C 70 9.34 -15.43 23.18
N SER C 71 8.80 -14.61 24.07
CA SER C 71 8.34 -15.07 25.40
C SER C 71 7.15 -14.25 25.88
N LEU C 72 6.22 -14.91 26.55
CA LEU C 72 5.09 -14.30 27.29
C LEU C 72 5.41 -14.45 28.78
N THR C 73 5.23 -13.42 29.57
CA THR C 73 5.51 -13.43 31.03
C THR C 73 4.30 -12.94 31.82
N ILE C 74 3.99 -13.63 32.92
CA ILE C 74 3.05 -13.16 33.98
C ILE C 74 3.92 -12.81 35.19
N SER C 75 3.99 -11.53 35.55
CA SER C 75 4.71 -11.04 36.75
C SER C 75 4.23 -11.79 38.01
N SER C 76 2.91 -11.88 38.21
CA SER C 76 2.25 -12.56 39.36
C SER C 76 1.02 -13.36 38.91
N MET C 77 1.16 -14.69 38.81
CA MET C 77 0.08 -15.65 38.44
C MET C 77 -1.19 -15.28 39.19
N GLU C 78 -2.33 -15.36 38.51
CA GLU C 78 -3.66 -15.26 39.16
C GLU C 78 -4.44 -16.49 38.71
N ALA C 79 -5.58 -16.81 39.34
CA ALA C 79 -6.31 -18.08 39.10
C ALA C 79 -6.92 -18.03 37.70
N GLU C 80 -7.46 -16.86 37.34
CA GLU C 80 -8.09 -16.57 36.03
C GLU C 80 -7.07 -16.69 34.88
N ASP C 81 -5.80 -16.89 35.18
CA ASP C 81 -4.73 -16.97 34.15
C ASP C 81 -4.56 -18.41 33.68
N ALA C 82 -5.04 -19.40 34.42
CA ALA C 82 -5.01 -20.80 33.96
C ALA C 82 -5.82 -20.87 32.68
N ALA C 83 -5.18 -21.31 31.59
CA ALA C 83 -5.66 -21.32 30.19
C ALA C 83 -4.59 -21.92 29.28
N THR C 84 -4.85 -22.07 27.99
CA THR C 84 -3.80 -22.39 26.99
C THR C 84 -3.38 -21.10 26.27
N TYR C 85 -2.07 -20.88 26.15
CA TYR C 85 -1.46 -19.72 25.46
C TYR C 85 -0.82 -20.22 24.16
N TYR C 86 -1.13 -19.59 23.04
CA TYR C 86 -0.60 -19.93 21.71
C TYR C 86 0.16 -18.74 21.13
N CYS C 87 1.31 -18.98 20.53
CA CYS C 87 2.01 -17.93 19.75
C CYS C 87 1.63 -18.13 18.29
N GLN C 88 1.65 -17.05 17.50
CA GLN C 88 1.42 -17.08 16.05
C GLN C 88 2.27 -16.00 15.38
N GLN C 89 2.61 -16.23 14.13
CA GLN C 89 3.52 -15.40 13.31
C GLN C 89 2.81 -15.05 11.99
N TRP C 90 3.10 -13.88 11.41
CA TRP C 90 2.69 -13.57 10.00
C TRP C 90 3.73 -12.65 9.38
N SER C 91 5.00 -12.96 9.59
CA SER C 91 6.11 -12.29 8.87
C SER C 91 6.41 -13.06 7.56
N ASN C 92 5.78 -14.23 7.38
CA ASN C 92 5.90 -15.10 6.16
C ASN C 92 4.57 -15.81 5.96
N SER C 93 3.90 -15.63 4.83
CA SER C 93 2.69 -16.41 4.50
C SER C 93 3.12 -17.86 4.31
N PRO C 94 2.33 -18.87 4.71
CA PRO C 94 1.11 -18.67 5.48
C PRO C 94 1.39 -18.40 6.96
N PRO C 95 0.48 -17.70 7.66
CA PRO C 95 0.65 -17.48 9.09
C PRO C 95 0.60 -18.87 9.76
N THR C 96 1.28 -19.04 10.89
CA THR C 96 1.37 -20.34 11.62
C THR C 96 1.30 -20.10 13.12
N PHE C 97 0.96 -21.15 13.86
CA PHE C 97 0.76 -21.12 15.32
C PHE C 97 1.69 -22.13 15.98
N GLY C 98 2.00 -21.89 17.25
CA GLY C 98 2.50 -22.95 18.13
C GLY C 98 1.42 -23.99 18.39
N ALA C 99 1.83 -25.09 18.99
CA ALA C 99 0.91 -26.17 19.41
C ALA C 99 0.20 -25.77 20.72
N GLY C 100 0.65 -24.68 21.34
CA GLY C 100 0.02 -24.13 22.56
C GLY C 100 0.64 -24.70 23.84
N ALA C 101 0.61 -23.91 24.91
CA ALA C 101 1.14 -24.24 26.25
C ALA C 101 0.00 -24.12 27.26
N LYS C 102 -0.36 -25.23 27.88
CA LYS C 102 -1.46 -25.28 28.88
C LYS C 102 -0.86 -24.81 30.21
N LEU C 103 -1.49 -23.82 30.84
CA LEU C 103 -1.07 -23.31 32.17
C LEU C 103 -2.14 -23.74 33.17
N GLU C 104 -1.76 -24.65 34.07
CA GLU C 104 -2.63 -25.14 35.16
C GLU C 104 -2.21 -24.49 36.48
N LEU C 105 -3.15 -24.45 37.42
CA LEU C 105 -2.92 -24.00 38.82
C LEU C 105 -2.16 -25.08 39.57
N LYS C 106 -1.16 -24.69 40.37
CA LYS C 106 -0.46 -25.67 41.24
C LYS C 106 -1.28 -25.84 42.53
N ARG C 107 -1.24 -27.03 43.14
CA ARG C 107 -1.90 -27.34 44.43
C ARG C 107 -1.18 -28.50 45.13
N ALA C 108 -1.55 -28.78 46.38
CA ALA C 108 -1.03 -29.92 47.17
C ALA C 108 -1.26 -31.22 46.38
N ASP C 109 -0.28 -32.12 46.35
CA ASP C 109 -0.43 -33.43 45.66
C ASP C 109 -1.66 -34.10 46.26
N ALA C 110 -2.38 -34.89 45.46
CA ALA C 110 -3.57 -35.66 45.90
C ALA C 110 -3.54 -37.02 45.22
N ALA C 111 -3.79 -38.07 46.02
CA ALA C 111 -3.88 -39.46 45.55
C ALA C 111 -5.17 -39.66 44.77
N PRO C 112 -5.15 -40.48 43.71
CA PRO C 112 -6.39 -40.79 43.01
C PRO C 112 -7.27 -41.66 43.92
N THR C 113 -8.56 -41.35 44.04
CA THR C 113 -9.61 -42.29 44.51
C THR C 113 -9.90 -43.23 43.36
N VAL C 114 -9.50 -44.49 43.51
CA VAL C 114 -9.59 -45.50 42.41
C VAL C 114 -10.76 -46.44 42.71
N SER C 115 -11.55 -46.74 41.69
CA SER C 115 -12.77 -47.58 41.73
C SER C 115 -12.79 -48.44 40.47
N ILE C 116 -13.03 -49.74 40.62
CA ILE C 116 -13.24 -50.65 39.45
C ILE C 116 -14.68 -51.16 39.50
N PHE C 117 -15.26 -51.35 38.32
CA PHE C 117 -16.65 -51.79 38.12
C PHE C 117 -16.66 -52.90 37.08
N PRO C 118 -17.31 -54.03 37.42
CA PRO C 118 -17.49 -55.10 36.48
C PRO C 118 -18.53 -54.72 35.42
N PRO C 119 -18.53 -55.40 34.26
CA PRO C 119 -19.62 -55.27 33.30
C PRO C 119 -20.98 -55.47 33.97
N SER C 120 -21.91 -54.58 33.70
CA SER C 120 -23.31 -54.71 34.16
C SER C 120 -23.98 -55.86 33.41
N SER C 121 -24.82 -56.62 34.08
CA SER C 121 -25.63 -57.73 33.51
C SER C 121 -26.31 -57.27 32.21
N GLU C 122 -26.95 -56.10 32.23
CA GLU C 122 -27.64 -55.44 31.07
C GLU C 122 -26.77 -55.47 29.80
N GLN C 123 -25.49 -55.09 29.95
CA GLN C 123 -24.54 -55.02 28.82
C GLN C 123 -24.18 -56.44 28.38
N LEU C 124 -23.91 -57.33 29.34
CA LEU C 124 -23.50 -58.73 29.04
C LEU C 124 -24.56 -59.38 28.15
N THR C 125 -25.86 -59.14 28.41
CA THR C 125 -26.97 -59.79 27.65
C THR C 125 -26.87 -59.40 26.16
N SER C 126 -26.37 -58.21 25.85
CA SER C 126 -26.17 -57.73 24.46
C SER C 126 -24.82 -58.21 23.92
N GLY C 127 -23.96 -58.81 24.75
CA GLY C 127 -22.75 -59.52 24.29
C GLY C 127 -21.48 -58.69 24.42
N GLY C 128 -21.60 -57.45 24.90
CA GLY C 128 -20.44 -56.60 25.19
C GLY C 128 -20.11 -56.69 26.66
N ALA C 129 -18.86 -56.44 27.02
CA ALA C 129 -18.35 -56.43 28.41
C ALA C 129 -17.34 -55.31 28.60
N SER C 130 -17.77 -54.21 29.20
CA SER C 130 -16.93 -53.01 29.48
C SER C 130 -16.59 -52.98 30.97
N VAL C 131 -15.31 -53.08 31.29
CA VAL C 131 -14.79 -52.96 32.67
C VAL C 131 -14.28 -51.54 32.82
N VAL C 132 -14.83 -50.82 33.80
CA VAL C 132 -14.62 -49.37 33.97
C VAL C 132 -13.83 -49.11 35.26
N CYS C 133 -12.85 -48.22 35.14
CA CYS C 133 -12.03 -47.69 36.23
C CYS C 133 -12.16 -46.16 36.29
N PHE C 134 -12.53 -45.62 37.45
CA PHE C 134 -12.54 -44.15 37.70
C PHE C 134 -11.34 -43.80 38.58
N LEU C 135 -10.38 -43.06 38.06
CA LEU C 135 -9.24 -42.50 38.83
C LEU C 135 -9.55 -41.02 39.12
N ASN C 136 -9.98 -40.66 40.32
CA ASN C 136 -10.70 -39.38 40.57
C ASN C 136 -9.97 -38.48 41.56
N ASN C 137 -10.07 -37.18 41.34
CA ASN C 137 -9.63 -36.08 42.22
C ASN C 137 -8.16 -36.26 42.62
N PHE C 138 -7.25 -36.34 41.64
CA PHE C 138 -5.78 -36.47 41.87
C PHE C 138 -5.01 -35.26 41.35
N TYR C 139 -3.80 -35.06 41.86
CA TYR C 139 -2.85 -34.03 41.41
C TYR C 139 -1.43 -34.45 41.73
N PRO C 140 -0.43 -34.31 40.83
CA PRO C 140 -0.61 -33.70 39.52
C PRO C 140 -1.19 -34.63 38.46
N LYS C 141 -1.27 -34.14 37.22
CA LYS C 141 -2.00 -34.75 36.10
C LYS C 141 -1.31 -36.04 35.67
N ASP C 142 0.02 -36.10 35.74
CA ASP C 142 0.79 -37.30 35.32
C ASP C 142 0.27 -38.53 36.05
N ILE C 143 -0.22 -39.52 35.31
CA ILE C 143 -0.74 -40.81 35.86
C ILE C 143 -0.70 -41.87 34.76
N ASN C 144 -0.51 -43.13 35.12
CA ASN C 144 -0.39 -44.27 34.15
C ASN C 144 -1.30 -45.38 34.64
N VAL C 145 -2.17 -45.91 33.78
CA VAL C 145 -3.11 -47.01 34.10
C VAL C 145 -2.68 -48.28 33.35
N LYS C 146 -2.80 -49.44 34.02
CA LYS C 146 -2.51 -50.78 33.47
C LYS C 146 -3.70 -51.69 33.80
N TRP C 147 -4.12 -52.46 32.80
CA TRP C 147 -5.25 -53.42 32.93
C TRP C 147 -4.69 -54.86 32.96
N LYS C 148 -5.03 -55.66 33.96
CA LYS C 148 -4.47 -57.03 34.09
C LYS C 148 -5.61 -58.05 34.20
N ILE C 149 -5.63 -58.99 33.24
CA ILE C 149 -6.66 -60.06 33.08
C ILE C 149 -5.97 -61.36 33.50
N ASP C 150 -6.31 -61.89 34.67
CA ASP C 150 -5.61 -63.05 35.30
C ASP C 150 -4.11 -62.79 35.30
N GLY C 151 -3.68 -61.58 35.65
CA GLY C 151 -2.27 -61.24 35.89
C GLY C 151 -1.59 -60.67 34.68
N SER C 152 -2.13 -60.88 33.48
CA SER C 152 -1.48 -60.51 32.19
C SER C 152 -2.08 -59.21 31.64
N GLU C 153 -1.24 -58.20 31.41
CA GLU C 153 -1.63 -56.81 31.07
C GLU C 153 -2.28 -56.81 29.67
N ARG C 154 -3.26 -55.94 29.46
CA ARG C 154 -4.00 -55.72 28.19
C ARG C 154 -4.00 -54.21 27.90
N GLN C 155 -3.65 -53.81 26.69
CA GLN C 155 -3.60 -52.37 26.31
C GLN C 155 -4.48 -52.11 25.08
N ASN C 156 -5.35 -53.05 24.72
CA ASN C 156 -6.15 -53.03 23.47
C ASN C 156 -7.64 -53.15 23.86
N GLY C 157 -8.50 -52.34 23.25
CA GLY C 157 -9.89 -52.12 23.71
C GLY C 157 -9.92 -51.29 25.00
N VAL C 158 -8.85 -50.52 25.29
CA VAL C 158 -8.77 -49.56 26.42
C VAL C 158 -8.95 -48.14 25.85
N LEU C 159 -9.93 -47.38 26.37
CA LEU C 159 -10.17 -45.95 26.00
C LEU C 159 -10.14 -45.08 27.25
N ASN C 160 -9.32 -44.03 27.20
CA ASN C 160 -9.08 -43.11 28.33
C ASN C 160 -9.68 -41.71 28.05
N SER C 161 -10.28 -41.14 29.07
CA SER C 161 -11.04 -39.87 29.02
C SER C 161 -10.68 -39.07 30.27
N TRP C 162 -10.21 -37.84 30.10
CA TRP C 162 -9.78 -36.95 31.21
C TRP C 162 -10.79 -35.79 31.34
N THR C 163 -10.99 -35.31 32.56
CA THR C 163 -11.60 -33.98 32.79
C THR C 163 -10.49 -32.92 32.76
N ASP C 164 -10.87 -31.68 32.48
CA ASP C 164 -9.94 -30.53 32.65
C ASP C 164 -9.80 -30.23 34.15
N GLN C 165 -8.71 -29.62 34.57
CA GLN C 165 -8.48 -29.28 36.00
C GLN C 165 -9.78 -28.75 36.61
N ASP C 166 -10.28 -29.33 37.69
CA ASP C 166 -11.51 -28.87 38.39
C ASP C 166 -11.33 -27.40 38.80
N SER C 167 -12.35 -26.58 38.57
CA SER C 167 -12.28 -25.11 38.79
C SER C 167 -12.39 -24.78 40.29
N LYS C 168 -12.75 -25.77 41.12
CA LYS C 168 -12.95 -25.63 42.57
C LYS C 168 -11.74 -26.22 43.33
N ASP C 169 -11.42 -27.51 43.15
CA ASP C 169 -10.35 -28.16 43.95
C ASP C 169 -9.05 -28.30 43.15
N SER C 170 -9.01 -27.90 41.89
CA SER C 170 -7.80 -27.93 41.01
C SER C 170 -7.28 -29.35 40.80
N THR C 171 -8.10 -30.38 41.04
CA THR C 171 -7.67 -31.78 40.81
C THR C 171 -8.05 -32.18 39.39
N TYR C 172 -7.54 -33.33 38.97
CA TYR C 172 -7.89 -33.99 37.69
C TYR C 172 -8.61 -35.29 38.01
N SER C 173 -9.33 -35.83 37.05
CA SER C 173 -9.98 -37.14 37.16
C SER C 173 -9.94 -37.76 35.77
N MET C 174 -9.95 -39.09 35.70
CA MET C 174 -10.00 -39.79 34.39
C MET C 174 -10.78 -41.08 34.54
N SER C 175 -11.40 -41.51 33.43
CA SER C 175 -12.02 -42.83 33.27
C SER C 175 -11.08 -43.65 32.37
N SER C 176 -10.87 -44.92 32.72
CA SER C 176 -10.24 -45.93 31.83
C SER C 176 -11.24 -47.06 31.62
N THR C 177 -11.53 -47.44 30.37
CA THR C 177 -12.57 -48.44 30.02
C THR C 177 -11.98 -49.56 29.15
N LEU C 178 -11.78 -50.74 29.74
CA LEU C 178 -11.45 -52.00 29.03
C LEU C 178 -12.75 -52.54 28.43
N THR C 179 -12.84 -52.61 27.10
CA THR C 179 -14.01 -53.14 26.36
C THR C 179 -13.64 -54.48 25.73
N LEU C 180 -14.29 -55.55 26.18
CA LEU C 180 -14.10 -56.92 25.67
C LEU C 180 -15.41 -57.43 25.10
N THR C 181 -15.33 -58.53 24.37
CA THR C 181 -16.50 -59.39 24.06
C THR C 181 -16.89 -60.09 25.38
N LYS C 182 -18.15 -60.46 25.54
CA LYS C 182 -18.59 -61.33 26.65
C LYS C 182 -17.67 -62.55 26.72
N ASP C 183 -17.29 -63.12 25.58
CA ASP C 183 -16.47 -64.37 25.49
C ASP C 183 -15.12 -64.18 26.19
N GLU C 184 -14.36 -63.14 25.83
CA GLU C 184 -13.03 -62.86 26.43
C GLU C 184 -13.22 -62.64 27.94
N TYR C 185 -14.27 -61.91 28.32
CA TYR C 185 -14.60 -61.58 29.74
C TYR C 185 -14.88 -62.86 30.52
N GLU C 186 -15.73 -63.73 29.96
CA GLU C 186 -16.19 -64.99 30.60
C GLU C 186 -15.01 -65.98 30.71
N ARG C 187 -14.01 -65.91 29.83
CA ARG C 187 -12.81 -66.78 29.87
C ARG C 187 -12.08 -66.63 31.20
N HIS C 188 -11.84 -65.40 31.64
CA HIS C 188 -11.00 -65.11 32.83
C HIS C 188 -11.88 -64.73 34.02
N ASN C 189 -11.23 -64.52 35.17
CA ASN C 189 -11.89 -64.46 36.51
C ASN C 189 -11.41 -63.21 37.25
N SER C 190 -10.09 -62.97 37.32
CA SER C 190 -9.48 -61.79 38.03
C SER C 190 -9.26 -60.64 37.04
N TYR C 191 -9.83 -59.46 37.35
CA TYR C 191 -9.70 -58.20 36.56
C TYR C 191 -9.23 -57.06 37.47
N THR C 192 -8.09 -56.45 37.13
CA THR C 192 -7.44 -55.41 37.97
C THR C 192 -7.11 -54.19 37.11
N CYS C 193 -7.35 -53.02 37.70
CA CYS C 193 -6.97 -51.68 37.22
C CYS C 193 -5.88 -51.15 38.15
N GLU C 194 -4.70 -50.88 37.59
CA GLU C 194 -3.47 -50.57 38.36
C GLU C 194 -2.97 -49.19 37.95
N ALA C 195 -2.92 -48.24 38.90
CA ALA C 195 -2.67 -46.79 38.67
C ALA C 195 -1.34 -46.37 39.33
N THR C 196 -0.46 -45.75 38.55
CA THR C 196 0.92 -45.35 38.93
C THR C 196 0.96 -43.84 39.09
N HIS C 197 1.04 -43.34 40.33
CA HIS C 197 1.05 -41.90 40.64
C HIS C 197 2.24 -41.50 41.52
N LYS C 198 2.74 -40.27 41.29
CA LYS C 198 3.76 -39.57 42.09
C LYS C 198 3.51 -39.74 43.59
N THR C 199 2.25 -39.77 44.03
CA THR C 199 1.86 -39.79 45.46
C THR C 199 2.27 -41.10 46.17
N SER C 200 2.69 -42.15 45.47
CA SER C 200 3.23 -43.39 46.10
C SER C 200 4.24 -44.09 45.15
N THR C 201 5.28 -44.69 45.73
CA THR C 201 6.25 -45.60 45.03
C THR C 201 5.50 -46.88 44.63
N SER C 202 4.55 -47.31 45.47
CA SER C 202 3.70 -48.52 45.29
C SER C 202 2.42 -48.16 44.54
N PRO C 203 2.18 -48.75 43.33
CA PRO C 203 0.95 -48.52 42.56
C PRO C 203 -0.35 -48.66 43.37
N ILE C 204 -1.40 -47.95 42.96
CA ILE C 204 -2.80 -48.15 43.47
C ILE C 204 -3.48 -49.17 42.57
N VAL C 205 -3.97 -50.26 43.15
CA VAL C 205 -4.63 -51.34 42.38
C VAL C 205 -6.00 -51.62 43.00
N LYS C 206 -7.05 -51.54 42.19
CA LYS C 206 -8.39 -52.06 42.49
C LYS C 206 -8.63 -53.24 41.57
N SER C 207 -9.23 -54.29 42.12
CA SER C 207 -9.46 -55.59 41.45
C SER C 207 -10.86 -56.13 41.76
N PHE C 208 -11.34 -57.12 41.02
CA PHE C 208 -12.50 -57.98 41.39
C PHE C 208 -12.34 -59.36 40.73
N ASN C 209 -12.95 -60.39 41.32
CA ASN C 209 -13.08 -61.75 40.75
C ASN C 209 -14.48 -61.87 40.14
N ARG C 210 -14.58 -62.45 38.93
CA ARG C 210 -15.86 -62.58 38.18
C ARG C 210 -16.91 -63.29 39.06
N ASN C 211 -16.49 -64.26 39.88
CA ASN C 211 -17.30 -64.98 40.92
C ASN C 211 -17.19 -64.29 42.30
N GLU D 1 -19.15 -2.92 19.88
CA GLU D 1 -18.93 -4.38 20.12
C GLU D 1 -18.90 -5.14 18.78
N VAL D 2 -17.69 -5.34 18.23
CA VAL D 2 -17.44 -6.22 17.05
C VAL D 2 -17.92 -7.64 17.35
N GLN D 3 -18.51 -8.34 16.39
CA GLN D 3 -19.06 -9.70 16.62
C GLN D 3 -19.05 -10.51 15.32
N LEU D 4 -18.53 -11.74 15.42
CA LEU D 4 -18.53 -12.79 14.37
C LEU D 4 -19.42 -13.93 14.86
N GLN D 5 -20.59 -14.10 14.24
CA GLN D 5 -21.64 -15.06 14.63
C GLN D 5 -21.60 -16.19 13.62
N GLN D 6 -21.08 -17.36 14.01
CA GLN D 6 -20.98 -18.52 13.10
C GLN D 6 -22.28 -19.31 13.17
N SER D 7 -22.55 -20.06 12.11
CA SER D 7 -23.72 -20.96 12.00
C SER D 7 -23.51 -22.17 12.88
N GLY D 8 -24.59 -22.90 13.16
CA GLY D 8 -24.69 -24.04 14.09
C GLY D 8 -23.76 -25.18 13.69
N PRO D 9 -23.47 -26.12 14.61
CA PRO D 9 -22.63 -27.26 14.30
C PRO D 9 -23.24 -28.10 13.16
N GLU D 10 -22.42 -28.77 12.36
CA GLU D 10 -22.90 -29.57 11.20
C GLU D 10 -22.34 -31.00 11.27
N LEU D 11 -23.19 -31.98 10.96
CA LEU D 11 -22.85 -33.42 10.97
C LEU D 11 -23.14 -33.95 9.58
N VAL D 12 -22.12 -34.42 8.89
CA VAL D 12 -22.20 -34.77 7.44
C VAL D 12 -21.56 -36.14 7.23
N LYS D 13 -22.06 -36.85 6.23
CA LYS D 13 -21.58 -38.21 5.88
C LYS D 13 -20.22 -38.05 5.20
N PRO D 14 -19.31 -39.04 5.35
CA PRO D 14 -18.10 -39.12 4.55
C PRO D 14 -18.45 -38.88 3.08
N GLY D 15 -17.67 -38.03 2.41
CA GLY D 15 -17.76 -37.82 0.96
C GLY D 15 -18.63 -36.62 0.61
N ALA D 16 -19.68 -36.38 1.37
CA ALA D 16 -20.47 -35.13 1.26
C ALA D 16 -19.53 -33.94 1.44
N SER D 17 -20.01 -32.78 1.02
CA SER D 17 -19.39 -31.47 1.26
C SER D 17 -20.22 -30.72 2.31
N MET D 18 -19.82 -29.53 2.71
CA MET D 18 -20.51 -28.74 3.77
C MET D 18 -20.13 -27.27 3.55
N LYS D 19 -21.04 -26.36 3.81
CA LYS D 19 -20.81 -24.90 3.74
C LYS D 19 -21.26 -24.34 5.08
N THR D 20 -20.42 -23.51 5.70
CA THR D 20 -20.69 -22.87 7.02
C THR D 20 -20.47 -21.36 6.88
N SER D 21 -21.09 -20.56 7.75
CA SER D 21 -21.21 -19.09 7.57
C SER D 21 -20.78 -18.38 8.84
N CYS D 22 -20.41 -17.13 8.67
CA CYS D 22 -19.84 -16.23 9.69
C CYS D 22 -20.33 -14.81 9.37
N LYS D 23 -21.34 -14.33 10.08
CA LYS D 23 -21.96 -12.99 9.87
C LYS D 23 -21.32 -12.00 10.84
N VAL D 24 -20.84 -10.88 10.31
CA VAL D 24 -20.18 -9.83 11.13
C VAL D 24 -21.19 -8.72 11.44
N SER D 25 -20.93 -8.03 12.54
CA SER D 25 -21.66 -6.84 13.01
C SER D 25 -20.74 -6.03 13.91
N GLY D 26 -20.97 -4.72 13.95
CA GLY D 26 -20.23 -3.78 14.83
C GLY D 26 -19.02 -3.19 14.13
N TYR D 27 -18.72 -3.64 12.90
CA TYR D 27 -17.66 -3.08 12.04
C TYR D 27 -18.05 -3.31 10.58
N SER D 28 -17.26 -2.73 9.68
CA SER D 28 -17.53 -2.79 8.25
C SER D 28 -16.85 -4.03 7.73
N PHE D 29 -17.66 -5.01 7.37
CA PHE D 29 -17.26 -6.34 6.85
C PHE D 29 -16.14 -6.22 5.84
N THR D 30 -16.28 -5.27 4.94
CA THR D 30 -15.48 -5.15 3.70
C THR D 30 -14.14 -4.45 4.02
N GLY D 31 -13.99 -3.94 5.23
CA GLY D 31 -12.84 -3.09 5.58
C GLY D 31 -11.65 -3.91 6.03
N TYR D 32 -11.84 -5.21 6.30
CA TYR D 32 -10.91 -6.09 7.05
C TYR D 32 -10.89 -7.48 6.44
N ILE D 33 -9.74 -8.16 6.52
CA ILE D 33 -9.54 -9.52 5.94
C ILE D 33 -10.24 -10.58 6.80
N MET D 34 -10.91 -11.56 6.18
CA MET D 34 -11.50 -12.71 6.94
C MET D 34 -10.66 -13.95 6.68
N ASN D 35 -10.34 -14.67 7.75
CA ASN D 35 -9.55 -15.92 7.73
C ASN D 35 -10.41 -17.03 8.33
N TRP D 36 -10.06 -18.28 8.06
CA TRP D 36 -10.65 -19.46 8.74
C TRP D 36 -9.54 -20.28 9.38
N VAL D 37 -9.79 -20.74 10.60
CA VAL D 37 -8.80 -21.54 11.38
C VAL D 37 -9.49 -22.84 11.80
N LYS D 38 -8.75 -23.93 11.71
CA LYS D 38 -9.20 -25.28 12.11
C LYS D 38 -8.53 -25.63 13.44
N GLN D 39 -9.31 -26.04 14.45
CA GLN D 39 -8.74 -26.60 15.68
C GLN D 39 -9.24 -28.04 15.81
N ARG D 40 -8.40 -29.01 15.51
CA ARG D 40 -8.69 -30.44 15.77
C ARG D 40 -8.16 -30.74 17.17
N HIS D 41 -8.99 -31.35 18.03
CA HIS D 41 -8.85 -31.44 19.52
C HIS D 41 -8.62 -30.03 20.10
N GLY D 42 -7.52 -29.78 20.84
CA GLY D 42 -7.16 -28.45 21.35
C GLY D 42 -5.83 -27.96 20.77
N LYS D 43 -4.77 -28.78 20.83
CA LYS D 43 -3.37 -28.36 20.48
C LYS D 43 -3.32 -27.68 19.10
N ASN D 44 -3.66 -28.38 18.01
CA ASN D 44 -3.29 -27.96 16.62
C ASN D 44 -4.14 -26.78 16.13
N LEU D 45 -3.55 -25.62 15.80
CA LEU D 45 -4.30 -24.49 15.19
C LEU D 45 -3.77 -24.28 13.77
N GLU D 46 -4.63 -24.37 12.78
CA GLU D 46 -4.23 -24.38 11.35
C GLU D 46 -4.93 -23.24 10.62
N TRP D 47 -4.16 -22.34 9.99
CA TRP D 47 -4.74 -21.32 9.10
C TRP D 47 -5.18 -22.02 7.82
N ILE D 48 -6.45 -21.86 7.41
CA ILE D 48 -7.04 -22.51 6.20
C ILE D 48 -6.77 -21.61 4.99
N GLY D 49 -7.07 -20.34 5.13
CA GLY D 49 -6.94 -19.36 4.03
C GLY D 49 -7.56 -18.04 4.43
N LEU D 50 -7.49 -17.05 3.53
CA LEU D 50 -8.20 -15.76 3.74
C LEU D 50 -8.97 -15.39 2.47
N ILE D 51 -10.00 -14.59 2.67
CA ILE D 51 -10.71 -13.86 1.59
C ILE D 51 -10.69 -12.39 1.98
N ASN D 52 -10.44 -11.54 1.00
CA ASN D 52 -10.61 -10.08 1.14
C ASN D 52 -12.05 -9.80 0.75
N PRO D 53 -12.96 -9.53 1.70
CA PRO D 53 -14.39 -9.43 1.38
C PRO D 53 -14.65 -8.33 0.36
N ASN D 54 -13.78 -7.32 0.31
CA ASN D 54 -13.92 -6.14 -0.58
C ASN D 54 -13.58 -6.55 -2.00
N THR D 55 -12.56 -7.37 -2.23
CA THR D 55 -12.03 -7.68 -3.57
C THR D 55 -12.39 -9.09 -4.00
N GLY D 56 -12.84 -9.96 -3.10
CA GLY D 56 -13.08 -11.39 -3.37
C GLY D 56 -11.80 -12.19 -3.55
N TYR D 57 -10.63 -11.54 -3.38
CA TYR D 57 -9.30 -12.18 -3.48
C TYR D 57 -9.20 -13.27 -2.40
N THR D 58 -8.65 -14.44 -2.76
CA THR D 58 -8.46 -15.58 -1.82
C THR D 58 -7.05 -16.12 -1.96
N THR D 59 -6.51 -16.57 -0.82
CA THR D 59 -5.28 -17.39 -0.74
C THR D 59 -5.59 -18.57 0.16
N TYR D 60 -5.03 -19.73 -0.14
CA TYR D 60 -5.21 -20.92 0.71
C TYR D 60 -3.84 -21.45 1.14
N ASN D 61 -3.85 -21.98 2.36
CA ASN D 61 -2.81 -22.91 2.85
C ASN D 61 -2.74 -24.05 1.82
N GLN D 62 -1.54 -24.35 1.31
CA GLN D 62 -1.30 -25.43 0.34
C GLN D 62 -2.09 -26.67 0.80
N LYS D 63 -2.15 -26.91 2.11
CA LYS D 63 -2.73 -28.15 2.69
C LYS D 63 -4.24 -28.18 2.45
N PHE D 64 -4.84 -27.05 2.11
CA PHE D 64 -6.32 -26.93 1.97
C PHE D 64 -6.68 -26.47 0.56
N LYS D 65 -5.70 -26.35 -0.33
CA LYS D 65 -5.86 -25.84 -1.70
C LYS D 65 -7.12 -26.46 -2.29
N GLY D 66 -7.19 -27.79 -2.38
CA GLY D 66 -8.32 -28.48 -3.01
C GLY D 66 -9.57 -28.47 -2.16
N LYS D 67 -9.46 -28.36 -0.81
CA LYS D 67 -10.52 -28.82 0.13
C LYS D 67 -11.56 -27.74 0.32
N ALA D 68 -11.10 -26.49 0.41
CA ALA D 68 -11.88 -25.36 0.93
C ALA D 68 -12.07 -24.30 -0.17
N THR D 69 -13.29 -23.77 -0.25
CA THR D 69 -13.66 -22.58 -1.05
C THR D 69 -14.24 -21.49 -0.14
N LEU D 70 -13.59 -20.34 -0.14
CA LEU D 70 -14.03 -19.14 0.62
C LEU D 70 -14.86 -18.26 -0.32
N THR D 71 -16.03 -17.82 0.14
CA THR D 71 -16.82 -16.78 -0.53
C THR D 71 -17.32 -15.80 0.52
N VAL D 72 -17.85 -14.66 0.04
CA VAL D 72 -18.52 -13.63 0.89
C VAL D 72 -19.79 -13.20 0.16
N ASP D 73 -20.77 -12.75 0.94
CA ASP D 73 -21.94 -11.99 0.43
C ASP D 73 -21.82 -10.61 1.06
N LYS D 74 -21.39 -9.62 0.29
CA LYS D 74 -21.15 -8.25 0.81
C LYS D 74 -22.45 -7.67 1.37
N SER D 75 -23.58 -7.91 0.71
CA SER D 75 -24.89 -7.33 1.07
C SER D 75 -25.30 -7.81 2.47
N SER D 76 -25.10 -9.08 2.80
CA SER D 76 -25.47 -9.66 4.12
C SER D 76 -24.26 -9.63 5.08
N SER D 77 -23.16 -9.01 4.64
CA SER D 77 -21.86 -8.97 5.33
C SER D 77 -21.61 -10.31 6.07
N THR D 78 -21.64 -11.39 5.28
CA THR D 78 -21.47 -12.77 5.73
C THR D 78 -20.35 -13.41 4.92
N ALA D 79 -19.44 -14.11 5.60
CA ALA D 79 -18.35 -14.94 5.02
C ALA D 79 -18.78 -16.42 5.05
N TYR D 80 -18.41 -17.19 4.03
CA TYR D 80 -18.75 -18.61 3.93
C TYR D 80 -17.46 -19.42 3.75
N MET D 81 -17.38 -20.60 4.35
CA MET D 81 -16.36 -21.62 3.98
C MET D 81 -17.05 -22.91 3.53
N GLU D 82 -16.64 -23.45 2.37
CA GLU D 82 -17.13 -24.76 1.87
C GLU D 82 -16.00 -25.78 1.97
N LEU D 83 -16.27 -26.95 2.57
CA LEU D 83 -15.33 -28.10 2.66
C LEU D 83 -15.86 -29.24 1.81
N LEU D 84 -15.02 -29.89 1.00
CA LEU D 84 -15.43 -30.85 -0.06
C LEU D 84 -14.86 -32.25 0.22
N SER D 85 -15.52 -33.29 -0.31
CA SER D 85 -15.18 -34.73 -0.07
C SER D 85 -14.68 -34.92 1.35
N LEU D 86 -15.55 -34.74 2.33
CA LEU D 86 -15.14 -34.76 3.75
C LEU D 86 -14.76 -36.18 4.21
N THR D 87 -13.69 -36.26 5.01
CA THR D 87 -13.07 -37.46 5.63
C THR D 87 -13.11 -37.25 7.14
N SER D 88 -12.80 -38.28 7.93
CA SER D 88 -12.82 -38.25 9.41
C SER D 88 -11.89 -37.14 9.90
N GLU D 89 -10.81 -36.91 9.17
CA GLU D 89 -9.74 -35.96 9.57
C GLU D 89 -10.23 -34.51 9.47
N ASP D 90 -11.41 -34.28 8.90
CA ASP D 90 -11.99 -32.92 8.77
C ASP D 90 -12.84 -32.61 10.02
N SER D 91 -13.24 -33.63 10.77
CA SER D 91 -13.94 -33.41 12.06
C SER D 91 -13.05 -32.54 12.95
N ALA D 92 -13.51 -31.33 13.25
CA ALA D 92 -12.77 -30.31 14.02
C ALA D 92 -13.67 -29.15 14.37
N ILE D 93 -13.14 -28.16 15.06
CA ILE D 93 -13.83 -26.86 15.26
C ILE D 93 -13.26 -25.89 14.23
N TYR D 94 -14.13 -25.15 13.58
CA TYR D 94 -13.69 -24.16 12.57
C TYR D 94 -14.09 -22.77 13.08
N TYR D 95 -13.16 -21.84 13.05
CA TYR D 95 -13.40 -20.42 13.39
C TYR D 95 -13.28 -19.59 12.12
N CYS D 96 -14.10 -18.57 12.00
CA CYS D 96 -13.77 -17.39 11.19
C CYS D 96 -13.13 -16.39 12.15
N THR D 97 -12.04 -15.78 11.74
CA THR D 97 -11.41 -14.72 12.52
C THR D 97 -10.92 -13.62 11.56
N ARG D 98 -10.87 -12.40 12.07
CA ARG D 98 -10.52 -11.16 11.34
C ARG D 98 -9.03 -10.83 11.55
N GLY D 99 -8.34 -10.31 10.53
CA GLY D 99 -6.99 -9.74 10.66
C GLY D 99 -6.14 -10.00 9.43
N ASN D 100 -5.15 -9.15 9.18
CA ASN D 100 -4.20 -9.30 8.04
C ASN D 100 -2.76 -9.47 8.55
N TYR D 101 -2.55 -9.45 9.88
CA TYR D 101 -1.27 -9.79 10.57
C TYR D 101 -1.53 -10.51 11.92
N VAL D 102 -2.48 -10.07 12.73
CA VAL D 102 -2.92 -10.82 13.95
C VAL D 102 -4.42 -11.07 13.85
N PHE D 103 -4.94 -12.13 14.46
CA PHE D 103 -6.39 -12.47 14.41
C PHE D 103 -7.03 -11.86 15.66
N ASP D 104 -7.72 -10.72 15.50
CA ASP D 104 -8.04 -9.79 16.63
C ASP D 104 -9.47 -10.01 17.12
N TYR D 105 -10.32 -10.63 16.28
CA TYR D 105 -11.72 -11.00 16.59
C TYR D 105 -12.04 -12.37 15.99
N TRP D 106 -12.62 -13.26 16.79
CA TRP D 106 -12.93 -14.66 16.37
C TRP D 106 -14.41 -14.91 16.56
N GLY D 107 -14.99 -15.71 15.67
CA GLY D 107 -16.29 -16.33 15.88
C GLY D 107 -16.23 -17.28 17.06
N GLN D 108 -17.40 -17.72 17.53
CA GLN D 108 -17.56 -18.62 18.70
C GLN D 108 -17.16 -20.03 18.26
N GLY D 109 -17.00 -20.25 16.95
CA GLY D 109 -16.58 -21.54 16.40
C GLY D 109 -17.79 -22.36 15.98
N THR D 110 -17.56 -23.34 15.10
CA THR D 110 -18.59 -24.33 14.70
C THR D 110 -17.94 -25.70 14.62
N THR D 111 -18.58 -26.72 15.19
CA THR D 111 -18.02 -28.10 15.25
C THR D 111 -18.50 -28.90 14.06
N LEU D 112 -17.58 -29.46 13.29
CA LEU D 112 -17.92 -30.38 12.17
C LEU D 112 -17.66 -31.81 12.64
N THR D 113 -18.64 -32.66 12.45
CA THR D 113 -18.54 -34.11 12.70
C THR D 113 -18.74 -34.80 11.36
N VAL D 114 -17.72 -35.51 10.89
CA VAL D 114 -17.83 -36.38 9.70
C VAL D 114 -18.01 -37.82 10.21
N SER D 115 -19.12 -38.47 9.84
CA SER D 115 -19.45 -39.81 10.35
C SER D 115 -20.53 -40.45 9.49
N SER D 116 -20.40 -41.75 9.26
CA SER D 116 -21.39 -42.63 8.56
C SER D 116 -22.57 -42.93 9.48
N ALA D 117 -22.33 -42.76 10.78
CA ALA D 117 -23.28 -43.06 11.86
C ALA D 117 -24.60 -42.31 11.64
N LYS D 118 -25.67 -43.01 12.01
CA LYS D 118 -27.07 -42.59 12.02
C LYS D 118 -27.42 -42.17 13.45
N THR D 119 -28.40 -41.30 13.64
CA THR D 119 -28.94 -40.99 14.98
C THR D 119 -29.18 -42.32 15.68
N THR D 120 -28.41 -42.60 16.74
CA THR D 120 -28.51 -43.82 17.57
C THR D 120 -28.67 -43.40 19.03
N PRO D 121 -29.68 -43.91 19.76
CA PRO D 121 -29.82 -43.62 21.17
C PRO D 121 -28.76 -44.38 21.95
N PRO D 122 -28.36 -43.87 23.13
CA PRO D 122 -27.34 -44.51 23.95
C PRO D 122 -27.87 -45.74 24.69
N SER D 123 -27.04 -46.78 24.83
CA SER D 123 -27.20 -47.84 25.87
C SER D 123 -26.67 -47.24 27.17
N VAL D 124 -27.46 -47.36 28.23
CA VAL D 124 -27.08 -46.84 29.55
C VAL D 124 -26.99 -48.05 30.47
N TYR D 125 -25.81 -48.26 31.05
CA TYR D 125 -25.49 -49.39 31.94
C TYR D 125 -25.09 -48.81 33.29
N PRO D 126 -25.59 -49.38 34.41
CA PRO D 126 -25.21 -48.91 35.74
C PRO D 126 -23.83 -49.46 36.11
N LEU D 127 -23.08 -48.74 36.93
CA LEU D 127 -21.80 -49.17 37.49
C LEU D 127 -21.94 -49.19 39.01
N ALA D 128 -22.08 -50.38 39.59
CA ALA D 128 -22.20 -50.65 41.02
C ALA D 128 -20.94 -51.37 41.47
N PRO D 129 -20.57 -51.29 42.75
CA PRO D 129 -19.57 -52.18 43.33
C PRO D 129 -20.11 -53.62 43.39
N ASN D 136 -15.31 -48.39 54.39
CA ASN D 136 -14.79 -47.03 54.04
C ASN D 136 -15.98 -46.06 53.84
N SER D 137 -15.81 -44.77 54.20
CA SER D 137 -16.90 -43.79 54.41
C SER D 137 -17.59 -43.42 53.09
N MET D 138 -16.84 -43.02 52.05
CA MET D 138 -17.42 -42.69 50.71
C MET D 138 -17.54 -43.96 49.84
N VAL D 139 -18.52 -43.96 48.94
CA VAL D 139 -18.68 -44.98 47.88
C VAL D 139 -18.92 -44.24 46.55
N THR D 140 -18.39 -44.80 45.46
CA THR D 140 -18.50 -44.28 44.07
C THR D 140 -19.35 -45.24 43.24
N LEU D 141 -20.40 -44.69 42.63
CA LEU D 141 -21.26 -45.34 41.59
C LEU D 141 -21.00 -44.68 40.23
N GLY D 142 -21.58 -45.20 39.13
CA GLY D 142 -21.30 -44.68 37.78
C GLY D 142 -22.37 -45.02 36.76
N CYS D 143 -22.38 -44.32 35.63
CA CYS D 143 -23.15 -44.66 34.41
C CYS D 143 -22.19 -44.87 33.26
N LEU D 144 -22.27 -46.02 32.62
CA LEU D 144 -21.70 -46.19 31.26
C LEU D 144 -22.79 -45.82 30.25
N VAL D 145 -22.49 -44.86 29.38
CA VAL D 145 -23.42 -44.32 28.35
C VAL D 145 -22.75 -44.55 27.00
N LYS D 146 -23.05 -45.63 26.27
CA LYS D 146 -22.22 -45.99 25.11
C LYS D 146 -23.07 -46.24 23.87
N GLY D 147 -22.43 -46.11 22.70
CA GLY D 147 -22.98 -46.44 21.38
C GLY D 147 -24.04 -45.46 20.92
N TYR D 148 -23.87 -44.17 21.22
CA TYR D 148 -24.84 -43.11 20.83
C TYR D 148 -24.22 -42.20 19.79
N PHE D 149 -25.11 -41.58 19.02
CA PHE D 149 -24.75 -40.58 18.00
C PHE D 149 -25.99 -39.78 17.61
N PRO D 150 -25.87 -38.45 17.43
CA PRO D 150 -24.63 -37.71 17.65
C PRO D 150 -24.57 -37.09 19.04
N GLU D 151 -23.58 -36.23 19.24
CA GLU D 151 -23.53 -35.41 20.48
C GLU D 151 -24.73 -34.45 20.45
N PRO D 152 -25.22 -33.94 21.60
CA PRO D 152 -24.74 -34.33 22.92
C PRO D 152 -25.72 -35.28 23.62
N VAL D 153 -25.30 -35.80 24.78
CA VAL D 153 -26.19 -36.34 25.84
C VAL D 153 -26.02 -35.44 27.06
N THR D 154 -27.02 -35.48 27.94
CA THR D 154 -26.98 -34.85 29.27
C THR D 154 -27.17 -35.95 30.31
N VAL D 155 -26.25 -36.03 31.26
CA VAL D 155 -26.30 -37.03 32.35
C VAL D 155 -26.55 -36.28 33.65
N THR D 156 -27.62 -36.62 34.36
CA THR D 156 -27.88 -36.08 35.72
C THR D 156 -28.02 -37.27 36.66
N TRP D 157 -27.99 -37.01 37.95
CA TRP D 157 -28.21 -38.02 39.01
C TRP D 157 -29.39 -37.59 39.87
N ASN D 158 -30.35 -38.50 40.05
CA ASN D 158 -31.56 -38.27 40.87
C ASN D 158 -32.18 -36.94 40.37
N SER D 159 -32.37 -36.86 39.05
CA SER D 159 -32.98 -35.72 38.32
C SER D 159 -32.24 -34.40 38.63
N GLY D 160 -30.94 -34.45 38.89
CA GLY D 160 -30.10 -33.25 39.10
C GLY D 160 -29.99 -32.84 40.55
N SER D 161 -30.75 -33.48 41.45
CA SER D 161 -30.75 -33.16 42.90
C SER D 161 -29.41 -33.61 43.48
N LEU D 162 -28.75 -34.55 42.83
CA LEU D 162 -27.42 -35.05 43.26
C LEU D 162 -26.40 -34.53 42.25
N SER D 163 -25.72 -33.42 42.56
CA SER D 163 -24.87 -32.70 41.57
C SER D 163 -23.46 -32.50 42.12
N SER D 164 -23.28 -32.56 43.44
CA SER D 164 -21.94 -32.52 44.07
C SER D 164 -21.41 -33.94 44.08
N GLY D 165 -20.09 -34.07 43.92
CA GLY D 165 -19.41 -35.38 43.88
C GLY D 165 -19.62 -36.07 42.54
N VAL D 166 -19.85 -35.29 41.49
CA VAL D 166 -20.12 -35.83 40.12
C VAL D 166 -18.96 -35.44 39.20
N HIS D 167 -18.38 -36.42 38.50
CA HIS D 167 -17.63 -36.21 37.23
C HIS D 167 -18.38 -36.84 36.09
N THR D 168 -18.72 -36.04 35.07
CA THR D 168 -19.07 -36.59 33.74
C THR D 168 -17.88 -36.35 32.82
N PHE D 169 -17.36 -37.43 32.25
CA PHE D 169 -16.14 -37.39 31.41
C PHE D 169 -16.53 -36.97 29.99
N PRO D 170 -15.60 -36.35 29.23
CA PRO D 170 -15.77 -36.15 27.81
C PRO D 170 -16.12 -37.43 27.06
N ALA D 171 -16.96 -37.29 26.03
CA ALA D 171 -17.34 -38.39 25.12
C ALA D 171 -16.13 -38.71 24.22
N VAL D 172 -16.01 -39.94 23.71
CA VAL D 172 -14.89 -40.31 22.79
C VAL D 172 -15.48 -41.06 21.61
N LEU D 173 -15.24 -40.56 20.38
CA LEU D 173 -15.68 -41.22 19.11
C LEU D 173 -14.87 -42.50 18.94
N GLN D 174 -15.57 -43.63 18.94
CA GLN D 174 -14.98 -44.96 18.67
C GLN D 174 -15.84 -45.56 17.56
N SER D 175 -15.28 -45.67 16.34
CA SER D 175 -15.92 -46.32 15.18
C SER D 175 -17.30 -45.67 14.97
N ASP D 176 -17.29 -44.34 14.85
CA ASP D 176 -18.42 -43.48 14.46
C ASP D 176 -19.50 -43.35 15.55
N LEU D 177 -19.30 -43.92 16.75
CA LEU D 177 -20.24 -43.72 17.87
C LEU D 177 -19.50 -43.13 19.07
N TYR D 178 -20.23 -42.35 19.89
CA TYR D 178 -19.73 -41.70 21.12
C TYR D 178 -20.00 -42.61 22.32
N THR D 179 -19.11 -42.53 23.30
CA THR D 179 -19.21 -43.21 24.61
C THR D 179 -18.69 -42.27 25.71
N LEU D 180 -19.38 -42.19 26.83
CA LEU D 180 -18.84 -41.52 28.03
C LEU D 180 -19.33 -42.29 29.26
N SER D 181 -18.76 -41.95 30.41
CA SER D 181 -19.19 -42.41 31.74
C SER D 181 -19.35 -41.21 32.67
N SER D 182 -20.06 -41.40 33.76
CA SER D 182 -20.25 -40.40 34.84
C SER D 182 -20.00 -41.12 36.18
N SER D 183 -19.22 -40.51 37.06
CA SER D 183 -19.01 -40.98 38.44
C SER D 183 -19.75 -40.03 39.41
N VAL D 184 -20.38 -40.61 40.41
CA VAL D 184 -20.95 -39.88 41.55
C VAL D 184 -20.40 -40.55 42.81
N THR D 185 -19.87 -39.76 43.73
CA THR D 185 -19.31 -40.22 45.02
C THR D 185 -20.22 -39.72 46.15
N VAL D 186 -20.70 -40.64 46.97
CA VAL D 186 -21.67 -40.36 48.07
C VAL D 186 -21.19 -41.12 49.31
N PRO D 187 -21.53 -40.58 50.49
CA PRO D 187 -21.22 -41.28 51.74
C PRO D 187 -21.93 -42.64 51.73
N SER D 188 -21.25 -43.70 52.18
CA SER D 188 -21.71 -45.11 52.08
C SER D 188 -22.94 -45.28 52.98
N SER D 189 -23.11 -44.41 53.95
CA SER D 189 -24.39 -44.27 54.70
C SER D 189 -25.58 -44.01 53.76
N SER D 190 -25.34 -43.31 52.64
CA SER D 190 -26.34 -42.89 51.62
C SER D 190 -26.79 -44.06 50.74
N TRP D 191 -25.91 -45.02 50.49
CA TRP D 191 -26.17 -46.05 49.46
C TRP D 191 -25.72 -47.42 49.96
N PRO D 192 -26.58 -48.46 49.85
CA PRO D 192 -27.85 -48.39 49.12
C PRO D 192 -29.05 -47.95 49.97
N SER D 193 -28.83 -47.33 51.13
CA SER D 193 -29.93 -46.77 51.96
C SER D 193 -30.93 -46.04 51.05
N GLU D 194 -30.44 -45.15 50.19
CA GLU D 194 -31.25 -44.24 49.34
C GLU D 194 -31.02 -44.57 47.87
N THR D 195 -32.06 -44.54 47.02
CA THR D 195 -31.95 -44.99 45.61
C THR D 195 -31.26 -43.90 44.80
N VAL D 196 -30.32 -44.30 43.97
CA VAL D 196 -29.47 -43.40 43.15
C VAL D 196 -29.64 -43.82 41.69
N THR D 197 -30.17 -42.92 40.86
CA THR D 197 -30.53 -43.19 39.45
C THR D 197 -29.82 -42.15 38.59
N CYS D 198 -29.11 -42.55 37.53
CA CYS D 198 -28.58 -41.57 36.55
C CYS D 198 -29.64 -41.44 35.47
N ASN D 199 -29.84 -40.20 35.04
CA ASN D 199 -30.83 -39.83 34.00
C ASN D 199 -30.01 -39.41 32.79
N VAL D 200 -30.07 -40.19 31.72
CA VAL D 200 -29.44 -39.81 30.42
C VAL D 200 -30.52 -39.37 29.45
N ALA D 201 -30.33 -38.21 28.84
CA ALA D 201 -31.19 -37.64 27.78
C ALA D 201 -30.35 -37.47 26.51
N HIS D 202 -30.87 -37.96 25.39
CA HIS D 202 -30.27 -37.78 24.05
C HIS D 202 -31.27 -37.08 23.16
N PRO D 203 -31.20 -35.74 23.07
CA PRO D 203 -32.17 -34.93 22.34
C PRO D 203 -32.39 -35.39 20.89
N ALA D 204 -31.30 -35.69 20.17
CA ALA D 204 -31.31 -36.10 18.74
C ALA D 204 -32.31 -37.24 18.52
N SER D 205 -32.33 -38.22 19.41
CA SER D 205 -33.14 -39.46 19.32
C SER D 205 -34.41 -39.37 20.17
N SER D 206 -34.66 -38.22 20.82
CA SER D 206 -35.78 -37.99 21.78
C SER D 206 -35.80 -39.14 22.81
N THR D 207 -34.63 -39.51 23.30
CA THR D 207 -34.39 -40.57 24.31
C THR D 207 -34.24 -39.92 25.67
N LYS D 208 -35.00 -40.39 26.64
CA LYS D 208 -34.77 -40.09 28.06
C LYS D 208 -34.83 -41.43 28.80
N VAL D 209 -33.70 -41.85 29.39
CA VAL D 209 -33.55 -43.16 30.06
C VAL D 209 -33.05 -42.94 31.49
N ASP D 210 -33.63 -43.63 32.46
CA ASP D 210 -33.23 -43.53 33.90
C ASP D 210 -32.75 -44.91 34.31
N LYS D 211 -31.53 -45.02 34.86
CA LYS D 211 -30.95 -46.29 35.36
C LYS D 211 -30.60 -46.17 36.85
N LYS D 212 -31.28 -46.98 37.65
CA LYS D 212 -31.06 -47.12 39.11
C LYS D 212 -29.81 -47.99 39.32
N ILE D 213 -28.89 -47.51 40.14
CA ILE D 213 -27.71 -48.30 40.62
C ILE D 213 -28.20 -49.18 41.78
N VAL D 214 -28.09 -50.48 41.63
CA VAL D 214 -28.53 -51.53 42.58
C VAL D 214 -27.26 -52.26 42.97
N PRO D 215 -27.06 -52.61 44.26
CA PRO D 215 -25.88 -53.38 44.63
C PRO D 215 -25.86 -54.76 43.94
N ARG D 216 -24.69 -55.20 43.47
CA ARG D 216 -24.49 -56.53 42.84
C ARG D 216 -24.93 -57.64 43.83
N ASP D 217 -25.73 -58.60 43.37
CA ASP D 217 -26.43 -59.61 44.24
C ASP D 217 -25.42 -60.25 45.22
N GLN E 1 -2.45 20.23 -10.56
CA GLN E 1 -2.10 21.18 -11.59
C GLN E 1 -2.41 20.62 -13.00
N ILE E 2 -3.06 19.45 -13.16
CA ILE E 2 -3.80 19.14 -14.43
C ILE E 2 -4.98 20.10 -14.51
N VAL E 3 -5.17 20.74 -15.65
CA VAL E 3 -6.26 21.73 -15.83
C VAL E 3 -7.36 21.06 -16.64
N LEU E 4 -8.59 21.11 -16.16
CA LEU E 4 -9.78 20.62 -16.90
C LEU E 4 -10.56 21.83 -17.45
N THR E 5 -10.77 21.83 -18.76
CA THR E 5 -11.53 22.88 -19.49
C THR E 5 -12.91 22.34 -19.89
N GLN E 6 -13.98 22.89 -19.29
CA GLN E 6 -15.37 22.68 -19.77
C GLN E 6 -15.88 23.95 -20.50
N SER E 7 -16.08 23.82 -21.82
CA SER E 7 -16.62 24.86 -22.73
C SER E 7 -17.73 24.24 -23.59
N PRO E 8 -18.86 24.93 -23.84
CA PRO E 8 -19.17 26.20 -23.21
C PRO E 8 -19.58 26.03 -21.74
N ALA E 9 -19.44 27.10 -20.94
CA ALA E 9 -19.68 27.10 -19.48
C ALA E 9 -21.19 27.09 -19.22
N ILE E 10 -21.98 27.53 -20.18
CA ILE E 10 -23.46 27.62 -20.10
C ILE E 10 -24.01 27.11 -21.42
N MET E 11 -24.99 26.23 -21.37
CA MET E 11 -25.60 25.65 -22.59
C MET E 11 -27.04 25.28 -22.29
N SER E 12 -27.89 25.27 -23.32
CA SER E 12 -29.36 25.11 -23.19
C SER E 12 -29.82 24.01 -24.14
N ALA E 13 -30.77 23.21 -23.67
CA ALA E 13 -31.33 22.06 -24.40
C ALA E 13 -32.85 22.05 -24.25
N SER E 14 -33.55 21.91 -25.36
CA SER E 14 -35.00 21.59 -25.42
C SER E 14 -35.17 20.14 -24.95
N PRO E 15 -36.31 19.76 -24.34
CA PRO E 15 -36.49 18.36 -23.90
C PRO E 15 -36.61 17.44 -25.12
N GLY E 16 -35.99 16.26 -25.06
CA GLY E 16 -35.88 15.34 -26.20
C GLY E 16 -34.59 15.52 -27.00
N GLU E 17 -33.93 16.68 -26.86
CA GLU E 17 -32.60 16.98 -27.49
C GLU E 17 -31.54 16.06 -26.88
N LYS E 18 -30.57 15.65 -27.70
CA LYS E 18 -29.36 14.95 -27.26
C LYS E 18 -28.38 16.02 -26.81
N VAL E 19 -27.75 15.85 -25.66
CA VAL E 19 -26.77 16.83 -25.13
C VAL E 19 -25.44 16.11 -24.94
N THR E 20 -24.36 16.73 -25.34
CA THR E 20 -22.97 16.25 -25.15
C THR E 20 -22.15 17.41 -24.60
N MET E 21 -21.56 17.26 -23.42
CA MET E 21 -20.62 18.29 -22.90
C MET E 21 -19.26 17.64 -22.68
N THR E 22 -18.21 18.41 -22.91
CA THR E 22 -16.83 17.89 -23.02
C THR E 22 -16.00 18.45 -21.85
N CYS E 23 -14.97 17.69 -21.49
CA CYS E 23 -13.96 18.06 -20.48
C CYS E 23 -12.62 17.70 -21.07
N SER E 24 -11.80 18.68 -21.43
CA SER E 24 -10.45 18.46 -22.01
C SER E 24 -9.39 18.62 -20.91
N ALA E 25 -8.36 17.77 -20.87
CA ALA E 25 -7.30 17.81 -19.84
C ALA E 25 -6.04 18.46 -20.45
N SER E 26 -5.33 19.27 -19.66
CA SER E 26 -4.05 19.91 -20.01
C SER E 26 -3.02 18.86 -20.40
N SER E 27 -3.15 17.66 -19.89
CA SER E 27 -2.26 16.51 -20.19
C SER E 27 -3.02 15.21 -19.92
N SER E 28 -2.56 14.09 -20.47
CA SER E 28 -3.33 12.83 -20.56
C SER E 28 -3.76 12.36 -19.16
N VAL E 29 -4.89 11.64 -19.11
CA VAL E 29 -5.60 11.16 -17.89
C VAL E 29 -6.29 9.83 -18.20
N SER E 30 -6.30 8.91 -17.23
CA SER E 30 -6.69 7.48 -17.42
C SER E 30 -8.20 7.33 -17.33
N TYR E 31 -8.85 8.21 -16.57
CA TYR E 31 -10.29 8.14 -16.24
C TYR E 31 -10.83 9.54 -15.90
N MET E 32 -12.06 9.87 -16.30
CA MET E 32 -12.69 11.16 -15.91
C MET E 32 -13.91 10.82 -15.08
N HIS E 33 -14.25 11.62 -14.07
CA HIS E 33 -15.50 11.46 -13.27
C HIS E 33 -16.34 12.71 -13.47
N TRP E 34 -17.63 12.61 -13.18
CA TRP E 34 -18.61 13.70 -13.40
C TRP E 34 -19.51 13.83 -12.18
N TYR E 35 -19.85 15.05 -11.80
CA TYR E 35 -20.83 15.35 -10.73
C TYR E 35 -21.97 16.18 -11.32
N GLN E 36 -23.19 15.97 -10.79
CA GLN E 36 -24.37 16.84 -11.05
C GLN E 36 -24.62 17.66 -9.80
N GLN E 37 -24.75 18.98 -9.93
CA GLN E 37 -25.16 19.88 -8.82
C GLN E 37 -26.35 20.73 -9.25
N LYS E 38 -27.40 20.74 -8.43
CA LYS E 38 -28.58 21.62 -8.62
C LYS E 38 -28.53 22.68 -7.51
N SER E 39 -28.76 23.95 -7.84
CA SER E 39 -28.51 25.05 -6.90
C SER E 39 -29.08 24.64 -5.53
N GLY E 40 -28.28 24.88 -4.49
CA GLY E 40 -28.68 24.77 -3.08
C GLY E 40 -28.26 23.45 -2.47
N THR E 41 -27.69 22.55 -3.27
CA THR E 41 -27.37 21.18 -2.81
C THR E 41 -25.99 20.77 -3.29
N SER E 42 -25.40 19.78 -2.64
CA SER E 42 -24.01 19.31 -2.84
C SER E 42 -23.93 18.67 -4.22
N PRO E 43 -22.73 18.63 -4.84
CA PRO E 43 -22.52 17.78 -6.00
C PRO E 43 -22.88 16.32 -5.71
N LYS E 44 -23.32 15.59 -6.70
CA LYS E 44 -23.60 14.15 -6.58
C LYS E 44 -22.70 13.44 -7.57
N ARG E 45 -22.01 12.39 -7.15
CA ARG E 45 -21.28 11.56 -8.12
C ARG E 45 -22.29 11.06 -9.14
N TRP E 46 -22.08 11.39 -10.40
CA TRP E 46 -23.02 11.11 -11.53
C TRP E 46 -22.47 9.97 -12.37
N ILE E 47 -21.31 10.17 -12.98
CA ILE E 47 -20.57 9.10 -13.71
C ILE E 47 -19.14 9.06 -13.16
N TYR E 48 -18.64 7.88 -12.89
CA TYR E 48 -17.23 7.72 -12.43
C TYR E 48 -16.51 6.76 -13.39
N ASP E 49 -15.19 6.72 -13.31
CA ASP E 49 -14.32 5.91 -14.18
C ASP E 49 -14.87 6.04 -15.61
N THR E 50 -15.02 7.28 -16.08
CA THR E 50 -15.28 7.64 -17.50
C THR E 50 -16.72 7.32 -17.92
N SER E 51 -17.21 6.10 -17.70
CA SER E 51 -18.47 5.60 -18.31
C SER E 51 -19.34 4.78 -17.36
N LYS E 52 -18.95 4.61 -16.09
CA LYS E 52 -19.75 3.92 -15.04
C LYS E 52 -20.79 4.91 -14.48
N LEU E 53 -22.06 4.51 -14.43
CA LEU E 53 -23.17 5.32 -13.85
C LEU E 53 -23.26 5.07 -12.33
N ALA E 54 -23.35 6.13 -11.54
CA ALA E 54 -23.58 6.03 -10.08
C ALA E 54 -25.00 5.52 -9.83
N SER E 55 -25.25 5.11 -8.60
CA SER E 55 -26.46 4.31 -8.24
C SER E 55 -27.73 4.85 -8.92
N GLY E 56 -28.19 6.04 -8.58
CA GLY E 56 -29.54 6.48 -9.01
C GLY E 56 -29.64 6.93 -10.46
N VAL E 57 -28.52 7.17 -11.13
CA VAL E 57 -28.45 7.93 -12.42
C VAL E 57 -29.20 7.18 -13.51
N PRO E 58 -30.13 7.80 -14.23
CA PRO E 58 -30.87 7.13 -15.28
C PRO E 58 -30.00 6.84 -16.52
N ALA E 59 -30.38 5.81 -17.26
CA ALA E 59 -29.56 5.22 -18.33
C ALA E 59 -29.45 6.19 -19.51
N ARG E 60 -30.29 7.22 -19.61
CA ARG E 60 -30.21 8.20 -20.72
C ARG E 60 -28.84 8.90 -20.66
N PHE E 61 -28.19 8.91 -19.49
CA PHE E 61 -26.82 9.45 -19.28
C PHE E 61 -25.79 8.39 -19.66
N SER E 62 -24.74 8.82 -20.36
CA SER E 62 -23.51 8.03 -20.55
C SER E 62 -22.29 8.95 -20.46
N GLY E 63 -21.12 8.36 -20.24
CA GLY E 63 -19.83 9.05 -20.33
C GLY E 63 -18.92 8.27 -21.26
N SER E 64 -17.89 8.93 -21.77
CA SER E 64 -16.97 8.35 -22.77
C SER E 64 -15.71 9.20 -22.84
N GLY E 65 -14.67 8.67 -23.46
CA GLY E 65 -13.43 9.42 -23.72
C GLY E 65 -12.20 8.60 -23.42
N SER E 66 -11.04 9.23 -23.57
CA SER E 66 -9.71 8.66 -23.31
C SER E 66 -8.69 9.79 -23.51
N GLY E 67 -7.47 9.58 -23.04
CA GLY E 67 -6.36 10.54 -23.18
C GLY E 67 -6.78 11.89 -22.63
N THR E 68 -6.84 12.90 -23.50
CA THR E 68 -6.94 14.31 -23.09
C THR E 68 -8.36 14.87 -23.32
N SER E 69 -9.30 14.07 -23.85
CA SER E 69 -10.70 14.52 -24.03
C SER E 69 -11.72 13.51 -23.51
N TYR E 70 -12.65 13.97 -22.70
CA TYR E 70 -13.74 13.14 -22.11
C TYR E 70 -15.08 13.85 -22.32
N SER E 71 -16.19 13.12 -22.28
CA SER E 71 -17.50 13.66 -22.73
C SER E 71 -18.66 12.97 -22.00
N LEU E 72 -19.55 13.79 -21.46
CA LEU E 72 -20.82 13.35 -20.82
C LEU E 72 -21.95 13.58 -21.83
N THR E 73 -22.82 12.59 -22.04
CA THR E 73 -23.91 12.65 -23.03
C THR E 73 -25.25 12.30 -22.41
N ILE E 74 -26.28 13.07 -22.74
CA ILE E 74 -27.71 12.76 -22.47
C ILE E 74 -28.34 12.41 -23.82
N SER E 75 -28.77 11.17 -24.00
CA SER E 75 -29.47 10.69 -25.21
C SER E 75 -30.69 11.58 -25.51
N SER E 76 -31.55 11.83 -24.52
CA SER E 76 -32.77 12.70 -24.67
C SER E 76 -32.97 13.55 -23.40
N MET E 77 -32.67 14.85 -23.54
CA MET E 77 -32.81 15.86 -22.46
C MET E 77 -34.14 15.68 -21.75
N GLU E 78 -34.11 15.74 -20.43
CA GLU E 78 -35.31 15.71 -19.57
C GLU E 78 -35.25 16.98 -18.73
N ALA E 79 -36.35 17.37 -18.09
CA ALA E 79 -36.46 18.63 -17.32
C ALA E 79 -35.54 18.53 -16.11
N GLU E 80 -35.57 17.38 -15.43
CA GLU E 80 -34.81 17.15 -14.17
C GLU E 80 -33.30 17.10 -14.47
N ASP E 81 -32.90 17.18 -15.73
CA ASP E 81 -31.47 17.10 -16.12
C ASP E 81 -30.84 18.49 -16.06
N ALA E 82 -31.63 19.55 -16.06
CA ALA E 82 -31.10 20.91 -15.93
C ALA E 82 -30.38 20.97 -14.59
N ALA E 83 -29.08 21.30 -14.62
CA ALA E 83 -28.15 21.32 -13.48
C ALA E 83 -26.77 21.78 -13.94
N THR E 84 -25.81 21.88 -13.04
CA THR E 84 -24.38 22.04 -13.43
C THR E 84 -23.67 20.67 -13.37
N TYR E 85 -22.92 20.32 -14.41
CA TYR E 85 -22.12 19.08 -14.51
C TYR E 85 -20.64 19.46 -14.42
N TYR E 86 -19.93 18.81 -13.51
CA TYR E 86 -18.48 19.03 -13.32
C TYR E 86 -17.72 17.75 -13.61
N CYS E 87 -16.61 17.89 -14.31
CA CYS E 87 -15.66 16.78 -14.50
C CYS E 87 -14.57 16.95 -13.46
N GLN E 88 -14.00 15.82 -13.04
CA GLN E 88 -12.88 15.77 -12.07
C GLN E 88 -12.00 14.57 -12.42
N GLN E 89 -10.72 14.71 -12.08
CA GLN E 89 -9.64 13.77 -12.41
C GLN E 89 -8.88 13.48 -11.11
N TRP E 90 -8.35 12.26 -10.98
CA TRP E 90 -7.38 11.91 -9.92
C TRP E 90 -6.41 10.87 -10.45
N SER E 91 -5.92 11.08 -11.66
CA SER E 91 -4.81 10.31 -12.26
C SER E 91 -3.47 10.96 -11.83
N ASN E 92 -3.55 12.16 -11.26
CA ASN E 92 -2.42 12.99 -10.76
C ASN E 92 -2.90 13.72 -9.52
N SER E 93 -2.22 13.58 -8.38
CA SER E 93 -2.47 14.49 -7.25
C SER E 93 -1.97 15.87 -7.64
N PRO E 94 -2.62 16.98 -7.25
CA PRO E 94 -3.89 16.92 -6.55
C PRO E 94 -5.05 16.70 -7.52
N PRO E 95 -6.17 16.12 -7.07
CA PRO E 95 -7.33 15.96 -7.95
C PRO E 95 -7.78 17.37 -8.33
N THR E 96 -8.35 17.53 -9.53
CA THR E 96 -8.83 18.84 -10.04
C THR E 96 -10.17 18.68 -10.74
N PHE E 97 -10.88 19.78 -10.83
CA PHE E 97 -12.23 19.83 -11.39
C PHE E 97 -12.22 20.81 -12.57
N GLY E 98 -13.17 20.62 -13.49
CA GLY E 98 -13.51 21.68 -14.45
C GLY E 98 -14.21 22.80 -13.72
N ALA E 99 -14.37 23.96 -14.36
CA ALA E 99 -15.10 25.11 -13.77
C ALA E 99 -16.62 24.87 -13.87
N GLY E 100 -17.04 23.76 -14.48
CA GLY E 100 -18.48 23.37 -14.50
C GLY E 100 -19.17 23.84 -15.77
N ALA E 101 -20.19 23.10 -16.20
CA ALA E 101 -21.05 23.39 -17.36
C ALA E 101 -22.50 23.42 -16.87
N LYS E 102 -23.10 24.61 -16.87
CA LYS E 102 -24.50 24.81 -16.44
C LYS E 102 -25.38 24.42 -17.63
N LEU E 103 -26.33 23.52 -17.44
CA LEU E 103 -27.30 23.12 -18.49
C LEU E 103 -28.67 23.65 -18.09
N GLU E 104 -29.21 24.61 -18.86
CA GLU E 104 -30.56 25.20 -18.66
C GLU E 104 -31.52 24.58 -19.70
N LEU E 105 -32.82 24.59 -19.38
CA LEU E 105 -33.89 24.19 -20.31
C LEU E 105 -34.10 25.28 -21.36
N LYS E 106 -34.27 24.90 -22.62
CA LYS E 106 -34.75 25.82 -23.68
C LYS E 106 -36.29 25.88 -23.59
N ARG E 107 -36.88 27.04 -23.89
CA ARG E 107 -38.35 27.23 -23.94
C ARG E 107 -38.70 28.38 -24.90
N ALA E 108 -39.99 28.60 -25.15
CA ALA E 108 -40.52 29.71 -25.99
C ALA E 108 -40.00 31.03 -25.43
N ASP E 109 -39.55 31.94 -26.32
CA ASP E 109 -39.06 33.26 -25.87
C ASP E 109 -40.20 33.92 -25.09
N ALA E 110 -39.88 34.78 -24.12
CA ALA E 110 -40.84 35.61 -23.36
C ALA E 110 -40.21 36.97 -23.08
N ALA E 111 -40.96 38.06 -23.27
CA ALA E 111 -40.56 39.42 -22.91
C ALA E 111 -40.64 39.60 -21.39
N PRO E 112 -39.73 40.41 -20.81
CA PRO E 112 -39.78 40.69 -19.38
C PRO E 112 -41.06 41.49 -19.06
N THR E 113 -41.82 41.11 -18.03
CA THR E 113 -42.86 42.01 -17.44
C THR E 113 -42.13 42.97 -16.51
N VAL E 114 -42.07 44.24 -16.88
CA VAL E 114 -41.23 45.25 -16.19
C VAL E 114 -42.15 46.13 -15.33
N SER E 115 -41.70 46.36 -14.09
CA SER E 115 -42.33 47.19 -13.04
C SER E 115 -41.27 48.10 -12.43
N ILE E 116 -41.59 49.38 -12.26
CA ILE E 116 -40.72 50.33 -11.53
C ILE E 116 -41.45 50.81 -10.28
N PHE E 117 -40.71 51.05 -9.20
CA PHE E 117 -41.26 51.42 -7.88
C PHE E 117 -40.43 52.57 -7.33
N PRO E 118 -41.08 53.71 -7.02
CA PRO E 118 -40.39 54.84 -6.39
C PRO E 118 -40.15 54.58 -4.92
N PRO E 119 -39.15 55.24 -4.32
CA PRO E 119 -38.90 55.12 -2.88
C PRO E 119 -40.18 55.33 -2.06
N SER E 120 -40.47 54.41 -1.14
CA SER E 120 -41.58 54.51 -0.17
C SER E 120 -41.29 55.68 0.78
N SER E 121 -42.35 56.36 1.21
CA SER E 121 -42.33 57.44 2.23
C SER E 121 -41.45 57.03 3.42
N GLU E 122 -41.70 55.84 3.97
CA GLU E 122 -41.04 55.27 5.18
C GLU E 122 -39.52 55.33 5.04
N GLN E 123 -39.00 54.96 3.87
CA GLN E 123 -37.54 54.91 3.57
C GLN E 123 -37.03 56.34 3.49
N LEU E 124 -37.75 57.22 2.80
CA LEU E 124 -37.33 58.62 2.60
C LEU E 124 -37.07 59.26 3.96
N THR E 125 -37.96 59.04 4.94
CA THR E 125 -37.88 59.69 6.28
C THR E 125 -36.56 59.30 6.97
N SER E 126 -36.02 58.11 6.70
CA SER E 126 -34.73 57.62 7.23
C SER E 126 -33.55 58.16 6.40
N GLY E 127 -33.82 58.79 5.24
CA GLY E 127 -32.80 59.55 4.47
C GLY E 127 -32.24 58.76 3.30
N GLY E 128 -32.68 57.53 3.13
CA GLY E 128 -32.29 56.68 1.99
C GLY E 128 -33.38 56.71 0.95
N ALA E 129 -33.03 56.48 -0.32
CA ALA E 129 -33.97 56.47 -1.47
C ALA E 129 -33.55 55.38 -2.43
N SER E 130 -34.23 54.23 -2.41
CA SER E 130 -33.97 53.09 -3.30
C SER E 130 -35.07 53.02 -4.36
N VAL E 131 -34.71 53.15 -5.63
CA VAL E 131 -35.66 52.94 -6.76
C VAL E 131 -35.46 51.53 -7.29
N VAL E 132 -36.54 50.76 -7.32
CA VAL E 132 -36.55 49.30 -7.62
C VAL E 132 -37.24 49.03 -8.96
N CYS E 133 -36.67 48.12 -9.73
CA CYS E 133 -37.15 47.63 -11.03
C CYS E 133 -37.15 46.10 -11.01
N PHE E 134 -38.30 45.50 -11.30
CA PHE E 134 -38.51 44.06 -11.52
C PHE E 134 -38.65 43.80 -13.01
N LEU E 135 -37.73 43.06 -13.60
CA LEU E 135 -37.87 42.41 -14.93
C LEU E 135 -38.19 40.92 -14.73
N ASN E 136 -39.44 40.51 -14.91
CA ASN E 136 -39.93 39.21 -14.39
C ASN E 136 -40.37 38.29 -15.54
N ASN E 137 -40.08 37.01 -15.37
CA ASN E 137 -40.58 35.88 -16.18
C ASN E 137 -40.29 36.09 -17.68
N PHE E 138 -39.01 36.27 -18.03
CA PHE E 138 -38.52 36.42 -19.42
C PHE E 138 -37.62 35.26 -19.83
N TYR E 139 -37.46 35.07 -21.13
CA TYR E 139 -36.56 34.05 -21.72
C TYR E 139 -36.15 34.47 -23.12
N PRO E 140 -34.87 34.41 -23.54
CA PRO E 140 -33.79 33.86 -22.73
C PRO E 140 -33.20 34.81 -21.68
N LYS E 141 -32.15 34.36 -21.00
CA LYS E 141 -31.58 35.04 -19.81
C LYS E 141 -30.89 36.33 -20.26
N ASP E 142 -30.32 36.37 -21.45
CA ASP E 142 -29.63 37.57 -21.99
C ASP E 142 -30.58 38.78 -21.90
N ILE E 143 -30.17 39.81 -21.15
CA ILE E 143 -30.96 41.06 -20.96
C ILE E 143 -30.00 42.14 -20.48
N ASN E 144 -30.29 43.40 -20.84
CA ASN E 144 -29.55 44.60 -20.41
C ASN E 144 -30.54 45.55 -19.75
N VAL E 145 -30.21 46.05 -18.55
CA VAL E 145 -30.98 47.11 -17.85
C VAL E 145 -30.19 48.42 -17.85
N LYS E 146 -30.88 49.56 -18.00
CA LYS E 146 -30.35 50.93 -17.88
C LYS E 146 -31.27 51.75 -16.98
N TRP E 147 -30.68 52.61 -16.16
CA TRP E 147 -31.39 53.65 -15.36
C TRP E 147 -31.15 55.03 -15.99
N LYS E 148 -32.22 55.82 -16.06
CA LYS E 148 -32.15 57.24 -16.45
C LYS E 148 -32.87 58.09 -15.39
N ILE E 149 -32.13 59.11 -14.95
CA ILE E 149 -32.62 60.23 -14.11
C ILE E 149 -32.79 61.42 -15.05
N ASP E 150 -34.02 61.89 -15.22
CA ASP E 150 -34.35 63.07 -16.08
C ASP E 150 -33.74 62.84 -17.47
N GLY E 151 -33.82 61.62 -18.02
CA GLY E 151 -33.45 61.28 -19.41
C GLY E 151 -31.97 61.02 -19.62
N SER E 152 -31.13 61.37 -18.64
CA SER E 152 -29.67 61.10 -18.65
C SER E 152 -29.36 59.86 -17.79
N GLU E 153 -28.54 58.95 -18.33
CA GLU E 153 -28.25 57.61 -17.76
C GLU E 153 -27.47 57.78 -16.45
N ARG E 154 -27.75 56.90 -15.49
CA ARG E 154 -27.02 56.79 -14.19
C ARG E 154 -26.57 55.34 -14.01
N GLN E 155 -25.30 55.13 -13.67
CA GLN E 155 -24.69 53.78 -13.59
C GLN E 155 -24.06 53.58 -12.20
N ASN E 156 -24.46 54.37 -11.20
CA ASN E 156 -23.82 54.41 -9.87
C ASN E 156 -24.89 54.17 -8.80
N GLY E 157 -24.59 53.30 -7.84
CA GLY E 157 -25.52 52.89 -6.77
C GLY E 157 -26.60 51.97 -7.32
N VAL E 158 -26.33 51.27 -8.43
CA VAL E 158 -27.23 50.25 -9.05
C VAL E 158 -26.70 48.85 -8.68
N LEU E 159 -27.55 48.01 -8.06
CA LEU E 159 -27.25 46.60 -7.75
C LEU E 159 -28.29 45.68 -8.39
N ASN E 160 -27.79 44.65 -9.06
CA ASN E 160 -28.60 43.67 -9.83
C ASN E 160 -28.56 42.29 -9.16
N SER E 161 -29.70 41.61 -9.23
CA SER E 161 -29.93 40.28 -8.64
C SER E 161 -30.78 39.48 -9.62
N TRP E 162 -30.31 38.29 -10.01
CA TRP E 162 -31.02 37.38 -10.95
C TRP E 162 -31.51 36.17 -10.18
N THR E 163 -32.64 35.59 -10.58
CA THR E 163 -33.06 34.26 -10.08
C THR E 163 -32.45 33.18 -10.97
N ASP E 164 -32.36 31.96 -10.44
CA ASP E 164 -32.14 30.71 -11.23
C ASP E 164 -33.38 30.46 -12.09
N GLN E 165 -33.22 29.80 -13.23
CA GLN E 165 -34.35 29.41 -14.10
C GLN E 165 -35.49 28.88 -13.22
N ASP E 166 -36.70 29.41 -13.35
CA ASP E 166 -37.88 28.93 -12.57
C ASP E 166 -38.11 27.44 -12.86
N SER E 167 -38.42 26.70 -11.82
CA SER E 167 -38.59 25.23 -11.86
C SER E 167 -39.91 24.84 -12.53
N LYS E 168 -40.83 25.77 -12.77
CA LYS E 168 -42.18 25.45 -13.33
C LYS E 168 -42.39 26.05 -14.72
N ASP E 169 -42.03 27.29 -14.99
CA ASP E 169 -42.20 27.89 -16.35
C ASP E 169 -40.85 28.03 -17.07
N SER E 170 -39.72 27.72 -16.43
CA SER E 170 -38.36 27.83 -17.04
C SER E 170 -38.01 29.27 -17.43
N THR E 171 -38.66 30.29 -16.85
CA THR E 171 -38.31 31.69 -17.13
C THR E 171 -37.23 32.18 -16.16
N TYR E 172 -36.68 33.35 -16.44
CA TYR E 172 -35.74 34.06 -15.55
C TYR E 172 -36.41 35.34 -15.09
N SER E 173 -35.93 35.91 -14.00
CA SER E 173 -36.40 37.20 -13.44
C SER E 173 -35.19 37.91 -12.84
N MET E 174 -35.21 39.24 -12.80
CA MET E 174 -34.11 40.01 -12.16
C MET E 174 -34.66 41.29 -11.56
N SER E 175 -33.97 41.77 -10.54
CA SER E 175 -34.23 43.02 -9.82
C SER E 175 -33.05 43.92 -10.15
N SER E 176 -33.32 45.19 -10.47
CA SER E 176 -32.32 46.28 -10.52
C SER E 176 -32.74 47.38 -9.53
N THR E 177 -31.85 47.78 -8.62
CA THR E 177 -32.13 48.73 -7.49
C THR E 177 -31.11 49.88 -7.51
N LEU E 178 -31.57 51.05 -7.95
CA LEU E 178 -30.83 52.33 -7.85
C LEU E 178 -30.99 52.88 -6.43
N THR E 179 -29.89 52.99 -5.69
CA THR E 179 -29.86 53.46 -4.27
C THR E 179 -29.19 54.84 -4.22
N LEU E 180 -29.95 55.85 -3.85
CA LEU E 180 -29.50 57.26 -3.76
C LEU E 180 -29.71 57.72 -2.32
N THR E 181 -29.07 58.85 -1.97
CA THR E 181 -29.45 59.70 -0.82
C THR E 181 -30.78 60.39 -1.17
N LYS E 182 -31.61 60.64 -0.16
CA LYS E 182 -32.88 61.39 -0.31
C LYS E 182 -32.66 62.64 -1.19
N ASP E 183 -31.56 63.37 -0.93
CA ASP E 183 -31.19 64.65 -1.59
C ASP E 183 -31.12 64.50 -3.11
N GLU E 184 -30.30 63.56 -3.60
CA GLU E 184 -30.10 63.32 -5.06
C GLU E 184 -31.45 62.92 -5.66
N TYR E 185 -32.23 62.09 -4.95
CA TYR E 185 -33.56 61.62 -5.41
C TYR E 185 -34.49 62.83 -5.60
N GLU E 186 -34.55 63.71 -4.59
CA GLU E 186 -35.54 64.83 -4.57
C GLU E 186 -35.15 65.90 -5.61
N ARG E 187 -33.86 65.97 -5.98
CA ARG E 187 -33.33 66.91 -7.01
C ARG E 187 -34.05 66.70 -8.35
N HIS E 188 -34.18 65.45 -8.79
CA HIS E 188 -34.74 65.08 -10.12
C HIS E 188 -36.18 64.58 -9.96
N ASN E 189 -36.90 64.34 -11.08
CA ASN E 189 -38.38 64.12 -11.06
C ASN E 189 -38.75 62.87 -11.86
N SER E 190 -38.21 62.70 -13.09
CA SER E 190 -38.44 61.51 -13.97
C SER E 190 -37.39 60.42 -13.67
N TYR E 191 -37.87 59.22 -13.34
CA TYR E 191 -37.04 58.01 -13.10
C TYR E 191 -37.54 56.91 -14.05
N THR E 192 -36.64 56.38 -14.88
CA THR E 192 -36.96 55.40 -15.95
C THR E 192 -35.97 54.26 -15.88
N CYS E 193 -36.52 53.04 -16.00
CA CYS E 193 -35.82 51.74 -16.01
C CYS E 193 -36.06 51.11 -17.38
N GLU E 194 -34.99 50.87 -18.12
CA GLU E 194 -35.01 50.58 -19.59
C GLU E 194 -34.36 49.22 -19.83
N ALA E 195 -35.13 48.27 -20.37
CA ALA E 195 -34.75 46.84 -20.51
C ALA E 195 -34.67 46.46 -21.99
N THR E 196 -33.50 45.98 -22.42
CA THR E 196 -33.22 45.54 -23.81
C THR E 196 -33.16 44.01 -23.85
N HIS E 197 -34.20 43.40 -24.38
CA HIS E 197 -34.36 41.95 -24.53
C HIS E 197 -34.47 41.58 -26.02
N LYS E 198 -34.01 40.39 -26.38
CA LYS E 198 -34.16 39.76 -27.72
C LYS E 198 -35.58 39.93 -28.27
N THR E 199 -36.60 39.79 -27.43
CA THR E 199 -38.04 39.77 -27.82
C THR E 199 -38.49 41.10 -28.45
N SER E 200 -37.66 42.16 -28.44
CA SER E 200 -37.87 43.40 -29.23
C SER E 200 -36.54 44.11 -29.53
N THR E 201 -36.40 44.70 -30.72
CA THR E 201 -35.28 45.62 -31.10
C THR E 201 -35.41 46.92 -30.29
N SER E 202 -36.66 47.32 -30.03
CA SER E 202 -37.03 48.57 -29.31
C SER E 202 -37.21 48.27 -27.81
N PRO E 203 -36.37 48.88 -26.92
CA PRO E 203 -36.39 48.62 -25.48
C PRO E 203 -37.79 48.64 -24.83
N ILE E 204 -37.95 47.91 -23.73
CA ILE E 204 -39.08 48.07 -22.77
C ILE E 204 -38.64 49.07 -21.72
N VAL E 205 -39.38 50.18 -21.59
CA VAL E 205 -39.05 51.24 -20.61
C VAL E 205 -40.28 51.49 -19.73
N LYS E 206 -40.09 51.37 -18.42
CA LYS E 206 -41.08 51.80 -17.40
C LYS E 206 -40.48 52.97 -16.66
N SER E 207 -41.35 53.92 -16.36
CA SER E 207 -40.98 55.25 -15.83
C SER E 207 -42.01 55.68 -14.79
N PHE E 208 -41.67 56.70 -14.00
CA PHE E 208 -42.63 57.49 -13.17
C PHE E 208 -42.06 58.90 -12.97
N ASN E 209 -42.92 59.89 -12.72
CA ASN E 209 -42.53 61.23 -12.21
C ASN E 209 -42.69 61.25 -10.69
N ARG E 210 -41.72 61.82 -9.96
CA ARG E 210 -41.75 61.97 -8.48
C ARG E 210 -43.07 62.65 -8.07
N ASN E 211 -43.53 63.61 -8.90
CA ASN E 211 -44.88 64.27 -8.89
C ASN E 211 -46.01 63.25 -8.66
N GLU F 1 -27.44 3.25 3.54
CA GLU F 1 -27.41 4.69 3.16
C GLU F 1 -26.22 5.34 3.86
N VAL F 2 -25.08 5.42 3.19
CA VAL F 2 -23.90 6.23 3.61
C VAL F 2 -24.32 7.70 3.72
N GLN F 3 -23.83 8.43 4.74
CA GLN F 3 -24.27 9.84 4.99
C GLN F 3 -23.20 10.65 5.73
N LEU F 4 -22.93 11.86 5.23
CA LEU F 4 -21.96 12.84 5.78
C LEU F 4 -22.74 14.06 6.24
N GLN F 5 -22.84 14.26 7.55
CA GLN F 5 -23.65 15.32 8.20
C GLN F 5 -22.65 16.39 8.64
N GLN F 6 -22.67 17.55 7.97
CA GLN F 6 -21.77 18.68 8.32
C GLN F 6 -22.45 19.54 9.38
N SER F 7 -21.63 20.26 10.12
CA SER F 7 -22.08 21.24 11.13
C SER F 7 -22.63 22.48 10.38
N GLY F 8 -23.39 23.31 11.06
CA GLY F 8 -24.18 24.36 10.38
C GLY F 8 -23.28 25.51 9.92
N PRO F 9 -23.88 26.52 9.28
CA PRO F 9 -23.10 27.62 8.71
C PRO F 9 -22.41 28.39 9.83
N GLU F 10 -21.24 28.95 9.54
CA GLU F 10 -20.43 29.68 10.54
C GLU F 10 -20.07 31.07 9.99
N LEU F 11 -20.16 32.08 10.85
CA LEU F 11 -19.83 33.47 10.54
C LEU F 11 -18.74 33.90 11.51
N VAL F 12 -17.56 34.24 11.01
CA VAL F 12 -16.41 34.65 11.87
C VAL F 12 -15.76 35.93 11.33
N LYS F 13 -15.10 36.64 12.22
CA LYS F 13 -14.45 37.94 11.93
C LYS F 13 -13.22 37.70 11.08
N PRO F 14 -12.82 38.67 10.23
CA PRO F 14 -11.49 38.67 9.62
C PRO F 14 -10.43 38.39 10.67
N GLY F 15 -9.50 37.48 10.37
CA GLY F 15 -8.33 37.20 11.21
C GLY F 15 -8.58 36.03 12.14
N ALA F 16 -9.82 35.84 12.56
CA ALA F 16 -10.22 34.68 13.37
C ALA F 16 -9.89 33.43 12.57
N SER F 17 -9.82 32.28 13.25
CA SER F 17 -9.80 30.95 12.60
C SER F 17 -11.18 30.31 12.84
N MET F 18 -11.43 29.16 12.22
CA MET F 18 -12.75 28.49 12.31
C MET F 18 -12.53 26.99 12.12
N LYS F 19 -13.34 26.20 12.81
CA LYS F 19 -13.31 24.73 12.72
C LYS F 19 -14.73 24.30 12.42
N THR F 20 -14.90 23.41 11.42
CA THR F 20 -16.20 22.79 11.03
C THR F 20 -16.03 21.27 11.01
N SER F 21 -17.13 20.53 11.18
CA SER F 21 -17.10 19.07 11.44
C SER F 21 -18.03 18.35 10.46
N CYS F 22 -17.75 17.07 10.31
CA CYS F 22 -18.38 16.16 9.33
C CYS F 22 -18.45 14.79 9.97
N LYS F 23 -19.62 14.41 10.48
CA LYS F 23 -19.86 13.10 11.10
C LYS F 23 -20.41 12.14 10.03
N VAL F 24 -19.79 10.97 9.91
CA VAL F 24 -20.19 9.94 8.93
C VAL F 24 -21.04 8.86 9.62
N SER F 25 -21.86 8.18 8.83
CA SER F 25 -22.76 7.10 9.27
C SER F 25 -23.11 6.24 8.08
N GLY F 26 -23.41 4.97 8.33
CA GLY F 26 -23.85 4.00 7.29
C GLY F 26 -22.67 3.23 6.70
N TYR F 27 -21.44 3.55 7.14
CA TYR F 27 -20.18 2.89 6.76
C TYR F 27 -19.14 3.11 7.86
N SER F 28 -18.00 2.45 7.72
CA SER F 28 -16.94 2.60 8.73
C SER F 28 -16.07 3.76 8.28
N PHE F 29 -16.13 4.80 9.09
CA PHE F 29 -15.34 6.05 9.02
C PHE F 29 -13.91 5.75 8.62
N THR F 30 -13.31 4.75 9.25
CA THR F 30 -11.85 4.51 9.22
C THR F 30 -11.50 3.75 7.93
N GLY F 31 -12.49 3.31 7.15
CA GLY F 31 -12.26 2.42 5.98
C GLY F 31 -11.94 3.20 4.72
N TYR F 32 -12.19 4.51 4.70
CA TYR F 32 -12.26 5.35 3.48
C TYR F 32 -11.68 6.72 3.77
N ILE F 33 -11.07 7.32 2.73
CA ILE F 33 -10.33 8.61 2.80
C ILE F 33 -11.36 9.73 2.89
N MET F 34 -11.11 10.74 3.73
CA MET F 34 -11.99 11.94 3.79
C MET F 34 -11.27 13.12 3.15
N ASN F 35 -11.97 13.87 2.30
CA ASN F 35 -11.45 15.06 1.56
C ASN F 35 -12.31 16.26 1.92
N TRP F 36 -11.82 17.48 1.70
CA TRP F 36 -12.63 18.72 1.80
C TRP F 36 -12.53 19.47 0.48
N VAL F 37 -13.66 20.03 0.05
CA VAL F 37 -13.76 20.79 -1.22
C VAL F 37 -14.36 22.17 -0.92
N LYS F 38 -13.85 23.20 -1.57
CA LYS F 38 -14.31 24.60 -1.44
C LYS F 38 -15.06 24.95 -2.71
N GLN F 39 -16.28 25.45 -2.60
CA GLN F 39 -16.98 26.04 -3.76
C GLN F 39 -17.24 27.49 -3.41
N ARG F 40 -16.51 28.41 -4.04
CA ARG F 40 -16.70 29.87 -3.90
C ARG F 40 -17.75 30.30 -4.92
N HIS F 41 -18.81 30.99 -4.47
CA HIS F 41 -20.08 31.27 -5.20
C HIS F 41 -20.67 29.94 -5.71
N GLY F 42 -20.84 29.72 -7.02
CA GLY F 42 -21.14 28.38 -7.57
C GLY F 42 -20.10 27.92 -8.59
N LYS F 43 -18.86 28.44 -8.54
CA LYS F 43 -17.88 28.42 -9.67
C LYS F 43 -16.95 27.21 -9.45
N ASN F 44 -15.66 27.31 -9.79
CA ASN F 44 -14.75 26.13 -9.85
C ASN F 44 -14.54 25.49 -8.47
N LEU F 45 -14.68 24.18 -8.40
CA LEU F 45 -14.59 23.38 -7.16
C LEU F 45 -13.12 23.10 -6.90
N GLU F 46 -12.66 23.30 -5.67
CA GLU F 46 -11.23 23.22 -5.31
C GLU F 46 -11.03 22.15 -4.23
N TRP F 47 -10.20 21.15 -4.51
CA TRP F 47 -9.79 20.15 -3.50
C TRP F 47 -8.84 20.86 -2.54
N ILE F 48 -9.16 20.80 -1.24
CA ILE F 48 -8.38 21.45 -0.16
C ILE F 48 -7.28 20.48 0.29
N GLY F 49 -7.64 19.22 0.54
CA GLY F 49 -6.70 18.18 1.02
C GLY F 49 -7.43 16.91 1.43
N LEU F 50 -6.72 15.88 1.89
CA LEU F 50 -7.35 14.68 2.45
C LEU F 50 -6.71 14.32 3.80
N ILE F 51 -7.45 13.57 4.60
CA ILE F 51 -6.94 12.82 5.79
C ILE F 51 -7.35 11.36 5.62
N ASN F 52 -6.48 10.43 5.99
CA ASN F 52 -6.84 8.99 6.18
C ASN F 52 -7.29 8.83 7.62
N PRO F 53 -8.60 8.73 7.91
CA PRO F 53 -9.05 8.69 9.30
C PRO F 53 -8.40 7.57 10.12
N ASN F 54 -8.01 6.48 9.45
CA ASN F 54 -7.41 5.29 10.10
C ASN F 54 -5.97 5.59 10.49
N THR F 55 -5.21 6.32 9.68
CA THR F 55 -3.77 6.54 9.91
C THR F 55 -3.48 7.97 10.35
N GLY F 56 -4.44 8.88 10.29
CA GLY F 56 -4.24 10.33 10.50
C GLY F 56 -3.38 10.99 9.44
N TYR F 57 -3.03 10.28 8.37
CA TYR F 57 -2.14 10.79 7.28
C TYR F 57 -2.86 11.95 6.60
N THR F 58 -2.17 13.06 6.30
CA THR F 58 -2.78 14.22 5.61
C THR F 58 -1.89 14.68 4.46
N THR F 59 -2.50 15.15 3.37
CA THR F 59 -1.80 15.96 2.34
C THR F 59 -2.72 17.12 1.97
N TYR F 60 -2.11 18.23 1.62
CA TYR F 60 -2.86 19.46 1.29
C TYR F 60 -2.50 19.91 -0.12
N ASN F 61 -3.49 20.44 -0.82
CA ASN F 61 -3.29 21.33 -1.97
C ASN F 61 -2.31 22.43 -1.53
N GLN F 62 -1.23 22.61 -2.29
CA GLN F 62 -0.16 23.59 -1.95
C GLN F 62 -0.83 24.93 -1.66
N LYS F 63 -1.94 25.23 -2.34
CA LYS F 63 -2.66 26.53 -2.23
C LYS F 63 -3.23 26.71 -0.82
N PHE F 64 -3.35 25.62 -0.05
CA PHE F 64 -4.01 25.63 1.27
C PHE F 64 -3.06 25.10 2.33
N LYS F 65 -1.78 24.87 2.00
CA LYS F 65 -0.79 24.30 2.93
C LYS F 65 -0.96 25.00 4.28
N GLY F 66 -0.82 26.31 4.30
CA GLY F 66 -0.87 27.08 5.55
C GLY F 66 -2.28 27.20 6.11
N LYS F 67 -3.32 27.14 5.29
CA LYS F 67 -4.69 27.62 5.65
C LYS F 67 -5.39 26.58 6.51
N ALA F 68 -5.24 25.31 6.16
CA ALA F 68 -6.15 24.25 6.64
C ALA F 68 -5.40 23.22 7.49
N THR F 69 -6.03 22.82 8.60
CA THR F 69 -5.63 21.62 9.38
C THR F 69 -6.80 20.63 9.41
N LEU F 70 -6.57 19.43 8.87
CA LEU F 70 -7.52 18.30 8.90
C LEU F 70 -7.19 17.43 10.11
N THR F 71 -8.20 17.08 10.89
CA THR F 71 -8.11 16.10 11.99
C THR F 71 -9.34 15.21 11.96
N VAL F 72 -9.28 14.10 12.72
CA VAL F 72 -10.43 13.17 12.89
C VAL F 72 -10.52 12.81 14.37
N ASP F 73 -11.71 12.47 14.84
CA ASP F 73 -11.94 11.78 16.12
C ASP F 73 -12.51 10.41 15.75
N LYS F 74 -11.66 9.36 15.87
CA LYS F 74 -12.04 7.99 15.47
C LYS F 74 -13.30 7.56 16.23
N SER F 75 -13.35 7.83 17.53
CA SER F 75 -14.42 7.33 18.42
C SER F 75 -15.78 7.92 17.99
N SER F 76 -15.84 9.20 17.64
CA SER F 76 -17.12 9.88 17.23
C SER F 76 -17.28 9.84 15.71
N SER F 77 -16.39 9.13 15.03
CA SER F 77 -16.31 9.02 13.55
C SER F 77 -16.70 10.37 12.93
N THR F 78 -15.97 11.41 13.35
CA THR F 78 -16.13 12.80 12.92
C THR F 78 -14.81 13.28 12.36
N ALA F 79 -14.85 13.93 11.20
CA ALA F 79 -13.73 14.65 10.55
C ALA F 79 -13.89 16.13 10.84
N TYR F 80 -12.78 16.84 11.01
CA TYR F 80 -12.77 18.30 11.26
C TYR F 80 -11.90 18.98 10.22
N MET F 81 -12.27 20.17 9.80
CA MET F 81 -11.36 21.08 9.04
C MET F 81 -11.29 22.41 9.76
N GLU F 82 -10.07 22.90 9.95
CA GLU F 82 -9.81 24.22 10.56
C GLU F 82 -9.21 25.10 9.48
N LEU F 83 -9.70 26.34 9.37
CA LEU F 83 -9.18 27.39 8.45
C LEU F 83 -8.66 28.54 9.31
N LEU F 84 -7.50 29.11 8.94
CA LEU F 84 -6.73 30.03 9.82
C LEU F 84 -6.64 31.44 9.21
N SER F 85 -6.46 32.45 10.06
CA SER F 85 -6.36 33.89 9.70
C SER F 85 -7.25 34.20 8.49
N LEU F 86 -8.56 34.09 8.68
CA LEU F 86 -9.57 34.16 7.62
C LEU F 86 -9.66 35.55 7.00
N THR F 87 -9.81 35.58 5.66
CA THR F 87 -9.97 36.77 4.79
C THR F 87 -11.31 36.63 4.08
N SER F 88 -11.81 37.66 3.41
CA SER F 88 -13.12 37.57 2.72
C SER F 88 -13.01 36.52 1.60
N GLU F 89 -11.81 36.25 1.09
CA GLU F 89 -11.54 35.20 0.05
C GLU F 89 -11.86 33.78 0.55
N ASP F 90 -12.08 33.60 1.85
CA ASP F 90 -12.38 32.26 2.43
C ASP F 90 -13.90 32.07 2.50
N SER F 91 -14.67 33.15 2.39
CA SER F 91 -16.15 33.05 2.34
C SER F 91 -16.53 32.15 1.17
N ALA F 92 -17.08 30.98 1.45
CA ALA F 92 -17.42 29.95 0.44
C ALA F 92 -18.28 28.87 1.07
N ILE F 93 -18.69 27.89 0.28
CA ILE F 93 -19.28 26.65 0.81
C ILE F 93 -18.16 25.60 0.91
N TYR F 94 -18.10 24.89 2.02
CA TYR F 94 -17.09 23.83 2.21
C TYR F 94 -17.83 22.50 2.34
N TYR F 95 -17.39 21.51 1.59
CA TYR F 95 -17.91 20.13 1.68
C TYR F 95 -16.84 19.23 2.27
N CYS F 96 -17.25 18.26 3.07
CA CYS F 96 -16.46 17.03 3.27
C CYS F 96 -17.00 16.04 2.26
N THR F 97 -16.13 15.31 1.57
CA THR F 97 -16.54 14.21 0.68
C THR F 97 -15.59 13.03 0.84
N ARG F 98 -16.08 11.83 0.57
CA ARG F 98 -15.34 10.56 0.72
C ARG F 98 -14.78 10.09 -0.62
N GLY F 99 -13.58 9.50 -0.64
CA GLY F 99 -13.02 8.91 -1.87
C GLY F 99 -11.51 9.01 -1.93
N ASN F 100 -10.86 8.05 -2.62
CA ASN F 100 -9.39 8.05 -2.87
C ASN F 100 -9.12 8.15 -4.37
N TYR F 101 -10.15 8.16 -5.22
CA TYR F 101 -10.09 8.44 -6.69
C TYR F 101 -11.33 9.20 -7.20
N VAL F 102 -12.55 8.82 -6.80
CA VAL F 102 -13.77 9.63 -7.10
C VAL F 102 -14.41 10.03 -5.77
N PHE F 103 -15.12 11.15 -5.69
CA PHE F 103 -15.76 11.63 -4.44
C PHE F 103 -17.20 11.11 -4.48
N ASP F 104 -17.47 9.98 -3.84
CA ASP F 104 -18.69 9.16 -4.13
C ASP F 104 -19.84 9.59 -3.22
N TYR F 105 -19.54 10.20 -2.06
CA TYR F 105 -20.52 10.70 -1.08
C TYR F 105 -20.05 12.04 -0.52
N TRP F 106 -20.96 13.02 -0.47
CA TRP F 106 -20.63 14.40 -0.04
C TRP F 106 -21.52 14.79 1.13
N GLY F 107 -20.98 15.62 2.01
CA GLY F 107 -21.79 16.35 2.99
C GLY F 107 -22.74 17.31 2.28
N GLN F 108 -23.67 17.89 3.04
CA GLN F 108 -24.70 18.81 2.51
C GLN F 108 -24.04 20.17 2.31
N GLY F 109 -22.83 20.35 2.82
CA GLY F 109 -22.06 21.59 2.68
C GLY F 109 -22.26 22.47 3.90
N THR F 110 -21.35 23.40 4.15
CA THR F 110 -21.48 24.43 5.21
C THR F 110 -20.98 25.76 4.65
N THR F 111 -21.72 26.84 4.86
CA THR F 111 -21.36 28.17 4.31
C THR F 111 -20.53 28.93 5.33
N LEU F 112 -19.32 29.35 4.96
CA LEU F 112 -18.47 30.21 5.81
C LEU F 112 -18.63 31.65 5.30
N THR F 113 -18.95 32.56 6.21
CA THR F 113 -19.00 34.01 5.95
C THR F 113 -17.90 34.64 6.82
N VAL F 114 -16.95 35.30 6.18
CA VAL F 114 -15.94 36.11 6.89
C VAL F 114 -16.38 37.57 6.80
N SER F 115 -16.59 38.25 7.93
CA SER F 115 -17.21 39.58 7.96
C SER F 115 -17.09 40.24 9.34
N SER F 116 -16.83 41.54 9.34
CA SER F 116 -16.82 42.45 10.53
C SER F 116 -18.24 42.85 10.92
N ALA F 117 -19.19 42.65 10.01
CA ALA F 117 -20.62 43.00 10.20
C ALA F 117 -21.21 42.31 11.42
N LYS F 118 -22.24 42.91 12.01
CA LYS F 118 -22.89 42.50 13.28
C LYS F 118 -24.36 42.21 13.02
N THR F 119 -24.98 41.30 13.78
CA THR F 119 -26.42 40.96 13.64
C THR F 119 -27.18 42.28 13.58
N THR F 120 -27.79 42.58 12.42
CA THR F 120 -28.61 43.78 12.19
C THR F 120 -29.96 43.34 11.64
N PRO F 121 -31.09 43.86 12.18
CA PRO F 121 -32.41 43.57 11.62
C PRO F 121 -32.60 44.35 10.33
N PRO F 122 -33.46 43.84 9.43
CA PRO F 122 -33.77 44.54 8.19
C PRO F 122 -34.75 45.70 8.40
N SER F 123 -34.60 46.80 7.66
CA SER F 123 -35.70 47.75 7.37
C SER F 123 -36.55 47.12 6.28
N VAL F 124 -37.86 47.09 6.47
CA VAL F 124 -38.80 46.54 5.46
C VAL F 124 -39.64 47.69 4.92
N TYR F 125 -39.56 47.90 3.60
CA TYR F 125 -40.24 49.00 2.86
C TYR F 125 -41.15 48.38 1.82
N PRO F 126 -42.39 48.88 1.64
CA PRO F 126 -43.29 48.35 0.62
C PRO F 126 -42.89 48.92 -0.75
N LEU F 127 -43.20 48.18 -1.82
CA LEU F 127 -43.07 48.64 -3.22
C LEU F 127 -44.46 48.60 -3.83
N ALA F 128 -45.05 49.78 -4.03
CA ALA F 128 -46.35 49.96 -4.72
C ALA F 128 -46.10 50.68 -6.04
N PRO F 129 -47.01 50.54 -7.01
CA PRO F 129 -47.04 51.47 -8.15
C PRO F 129 -47.56 52.82 -7.65
N ASN F 136 -53.59 47.16 -16.64
CA ASN F 136 -53.38 45.73 -17.06
C ASN F 136 -54.27 44.81 -16.20
N SER F 137 -54.56 43.61 -16.72
CA SER F 137 -55.17 42.46 -16.01
C SER F 137 -54.44 42.08 -14.70
N MET F 138 -53.10 42.08 -14.65
CA MET F 138 -52.30 41.73 -13.42
C MET F 138 -51.54 42.95 -12.86
N VAL F 139 -51.20 42.91 -11.57
CA VAL F 139 -50.38 43.94 -10.87
C VAL F 139 -49.27 43.24 -10.12
N THR F 140 -48.07 43.84 -10.14
CA THR F 140 -46.87 43.39 -9.38
C THR F 140 -46.57 44.40 -8.26
N LEU F 141 -46.55 43.89 -7.02
CA LEU F 141 -46.15 44.59 -5.77
C LEU F 141 -44.84 43.97 -5.27
N GLY F 142 -44.20 44.58 -4.25
CA GLY F 142 -42.89 44.12 -3.78
C GLY F 142 -42.60 44.49 -2.33
N CYS F 143 -41.61 43.84 -1.71
CA CYS F 143 -41.02 44.27 -0.42
C CYS F 143 -39.54 44.53 -0.62
N LEU F 144 -39.05 45.71 -0.29
CA LEU F 144 -37.61 45.95 -0.10
C LEU F 144 -37.26 45.59 1.34
N VAL F 145 -36.29 44.69 1.51
CA VAL F 145 -35.81 44.19 2.82
C VAL F 145 -34.33 44.52 2.87
N LYS F 146 -33.95 45.65 3.48
CA LYS F 146 -32.57 46.16 3.28
C LYS F 146 -31.86 46.40 4.61
N GLY F 147 -30.52 46.28 4.56
CA GLY F 147 -29.59 46.60 5.67
C GLY F 147 -29.71 45.59 6.81
N TYR F 148 -29.82 44.32 6.48
CA TYR F 148 -29.86 43.20 7.46
C TYR F 148 -28.59 42.37 7.33
N PHE F 149 -28.28 41.68 8.42
CA PHE F 149 -27.14 40.74 8.53
C PHE F 149 -27.34 39.88 9.76
N PRO F 150 -27.03 38.57 9.68
CA PRO F 150 -26.58 37.91 8.46
C PRO F 150 -27.74 37.23 7.74
N GLU F 151 -27.41 36.44 6.72
CA GLU F 151 -28.41 35.63 5.99
C GLU F 151 -28.99 34.62 6.97
N PRO F 152 -30.20 34.09 6.76
CA PRO F 152 -31.12 34.56 5.72
C PRO F 152 -32.26 35.42 6.28
N VAL F 153 -33.12 35.95 5.39
CA VAL F 153 -34.51 36.38 5.68
C VAL F 153 -35.44 35.49 4.87
N THR F 154 -36.71 35.42 5.23
CA THR F 154 -37.79 34.75 4.47
C THR F 154 -38.89 35.77 4.25
N VAL F 155 -39.37 35.91 3.02
CA VAL F 155 -40.53 36.79 2.70
C VAL F 155 -41.68 35.90 2.25
N THR F 156 -42.86 36.06 2.84
CA THR F 156 -44.12 35.38 2.39
C THR F 156 -45.14 36.48 2.14
N TRP F 157 -46.26 36.16 1.51
CA TRP F 157 -47.29 37.17 1.16
C TRP F 157 -48.65 36.74 1.69
N ASN F 158 -49.32 37.61 2.45
CA ASN F 158 -50.60 37.33 3.12
C ASN F 158 -50.43 36.00 3.87
N SER F 159 -49.32 35.82 4.60
CA SER F 159 -48.98 34.62 5.42
C SER F 159 -49.04 33.33 4.56
N GLY F 160 -48.68 33.42 3.27
CA GLY F 160 -48.60 32.26 2.37
C GLY F 160 -49.91 31.96 1.64
N SER F 161 -50.97 32.75 1.85
CA SER F 161 -52.21 32.69 1.04
C SER F 161 -51.87 33.04 -0.42
N LEU F 162 -50.88 33.90 -0.62
CA LEU F 162 -50.29 34.22 -1.95
C LEU F 162 -48.96 33.49 -2.06
N SER F 163 -48.92 32.37 -2.78
CA SER F 163 -47.65 31.64 -3.02
C SER F 163 -47.32 31.55 -4.52
N SER F 164 -48.32 31.59 -5.40
CA SER F 164 -48.09 31.67 -6.86
C SER F 164 -47.90 33.15 -7.22
N GLY F 165 -47.06 33.40 -8.22
CA GLY F 165 -46.69 34.74 -8.65
C GLY F 165 -45.67 35.37 -7.74
N VAL F 166 -44.89 34.57 -6.98
CA VAL F 166 -43.93 35.10 -5.96
C VAL F 166 -42.49 34.78 -6.37
N HIS F 167 -41.63 35.79 -6.44
CA HIS F 167 -40.16 35.64 -6.56
C HIS F 167 -39.56 36.38 -5.39
N THR F 168 -38.69 35.72 -4.64
CA THR F 168 -37.70 36.44 -3.82
C THR F 168 -36.35 36.42 -4.52
N PHE F 169 -35.74 37.56 -4.73
CA PHE F 169 -34.43 37.66 -5.40
C PHE F 169 -33.35 37.31 -4.38
N PRO F 170 -32.21 36.76 -4.80
CA PRO F 170 -31.04 36.64 -3.95
C PRO F 170 -30.64 37.96 -3.28
N ALA F 171 -30.09 37.86 -2.09
CA ALA F 171 -29.53 39.00 -1.35
C ALA F 171 -28.22 39.45 -2.01
N VAL F 172 -27.86 40.71 -1.84
CA VAL F 172 -26.57 41.28 -2.34
C VAL F 172 -25.97 42.12 -1.23
N LEU F 173 -24.65 42.23 -1.18
CA LEU F 173 -23.97 43.10 -0.19
C LEU F 173 -24.16 44.54 -0.62
N GLN F 174 -24.79 45.35 0.22
CA GLN F 174 -24.85 46.83 0.12
C GLN F 174 -24.16 47.40 1.37
N SER F 175 -22.94 47.92 1.19
CA SER F 175 -22.05 48.49 2.24
C SER F 175 -22.03 47.55 3.46
N ASP F 176 -21.61 46.31 3.20
CA ASP F 176 -21.26 45.27 4.21
C ASP F 176 -22.50 44.66 4.88
N LEU F 177 -23.72 44.99 4.43
CA LEU F 177 -24.97 44.35 4.92
C LEU F 177 -25.77 43.86 3.72
N TYR F 178 -26.78 43.01 3.92
CA TYR F 178 -27.55 42.33 2.85
C TYR F 178 -28.82 43.11 2.51
N THR F 179 -29.22 43.06 1.24
CA THR F 179 -30.49 43.64 0.74
C THR F 179 -31.09 42.66 -0.26
N LEU F 180 -32.39 42.44 -0.16
CA LEU F 180 -33.13 41.74 -1.22
C LEU F 180 -34.48 42.39 -1.32
N SER F 181 -35.20 42.07 -2.39
CA SER F 181 -36.65 42.38 -2.53
C SER F 181 -37.38 41.12 -2.97
N SER F 182 -38.69 41.12 -2.81
CA SER F 182 -39.61 40.02 -3.21
C SER F 182 -40.72 40.62 -4.08
N SER F 183 -41.07 39.96 -5.18
CA SER F 183 -42.20 40.35 -6.07
C SER F 183 -43.36 39.36 -5.87
N VAL F 184 -44.56 39.90 -5.86
CA VAL F 184 -45.81 39.10 -5.98
C VAL F 184 -46.64 39.72 -7.10
N THR F 185 -47.21 38.88 -7.97
CA THR F 185 -48.13 39.27 -9.05
C THR F 185 -49.54 38.76 -8.73
N VAL F 186 -50.51 39.66 -8.72
CA VAL F 186 -51.95 39.36 -8.46
C VAL F 186 -52.81 40.13 -9.43
N PRO F 187 -54.01 39.60 -9.74
CA PRO F 187 -54.93 40.27 -10.66
C PRO F 187 -55.26 41.67 -10.12
N SER F 188 -55.27 42.68 -11.01
CA SER F 188 -55.41 44.12 -10.65
C SER F 188 -56.80 44.35 -10.06
N SER F 189 -57.75 43.47 -10.38
CA SER F 189 -59.07 43.40 -9.67
C SER F 189 -58.87 43.23 -8.15
N SER F 190 -57.81 42.52 -7.73
CA SER F 190 -57.50 42.14 -6.32
C SER F 190 -56.96 43.30 -5.51
N TRP F 191 -56.23 44.24 -6.13
CA TRP F 191 -55.48 45.28 -5.40
C TRP F 191 -55.67 46.65 -6.07
N PRO F 192 -55.99 47.71 -5.29
CA PRO F 192 -56.02 47.66 -3.83
C PRO F 192 -57.39 47.29 -3.26
N SER F 193 -58.27 46.69 -4.06
CA SER F 193 -59.57 46.17 -3.59
C SER F 193 -59.41 45.45 -2.23
N GLU F 194 -58.44 44.52 -2.17
CA GLU F 194 -58.18 43.65 -0.99
C GLU F 194 -56.74 43.91 -0.51
N THR F 195 -56.46 43.57 0.75
CA THR F 195 -55.15 43.82 1.40
C THR F 195 -54.11 42.83 0.85
N VAL F 196 -52.92 43.34 0.53
CA VAL F 196 -51.70 42.51 0.26
C VAL F 196 -50.57 42.96 1.20
N THR F 197 -50.10 42.04 2.05
CA THR F 197 -49.07 42.31 3.09
C THR F 197 -47.94 41.28 2.92
N CYS F 198 -46.69 41.72 2.92
CA CYS F 198 -45.53 40.80 2.96
C CYS F 198 -45.15 40.58 4.41
N ASN F 199 -44.81 39.34 4.73
CA ASN F 199 -44.35 38.90 6.06
C ASN F 199 -42.86 38.59 5.96
N VAL F 200 -42.03 39.41 6.56
CA VAL F 200 -40.56 39.20 6.56
C VAL F 200 -40.15 38.68 7.93
N ALA F 201 -39.36 37.60 7.95
CA ALA F 201 -38.71 37.03 9.15
C ALA F 201 -37.19 37.11 9.02
N HIS F 202 -36.49 37.62 10.04
CA HIS F 202 -35.01 37.56 10.14
C HIS F 202 -34.65 36.83 11.41
N PRO F 203 -34.43 35.50 11.32
CA PRO F 203 -34.23 34.67 12.50
C PRO F 203 -33.08 35.15 13.39
N ALA F 204 -31.96 35.55 12.81
CA ALA F 204 -30.74 35.96 13.56
C ALA F 204 -31.08 37.05 14.59
N SER F 205 -31.89 38.01 14.19
CA SER F 205 -32.25 39.21 15.00
C SER F 205 -33.61 39.03 15.69
N SER F 206 -34.23 37.84 15.58
CA SER F 206 -35.56 37.52 16.14
C SER F 206 -36.55 38.58 15.68
N THR F 207 -36.48 38.98 14.41
CA THR F 207 -37.32 40.02 13.78
C THR F 207 -38.42 39.35 12.97
N LYS F 208 -39.68 39.70 13.25
CA LYS F 208 -40.83 39.21 12.46
C LYS F 208 -41.73 40.43 12.19
N VAL F 209 -41.76 40.90 10.94
CA VAL F 209 -42.32 42.21 10.54
C VAL F 209 -43.30 42.01 9.40
N ASP F 210 -44.45 42.68 9.43
CA ASP F 210 -45.49 42.62 8.38
C ASP F 210 -45.61 44.02 7.77
N LYS F 211 -45.56 44.15 6.44
CA LYS F 211 -45.80 45.43 5.70
C LYS F 211 -46.98 45.27 4.76
N LYS F 212 -48.01 46.08 4.95
CA LYS F 212 -49.13 46.29 4.01
C LYS F 212 -48.63 47.16 2.86
N ILE F 213 -48.89 46.73 1.61
CA ILE F 213 -48.60 47.53 0.39
C ILE F 213 -49.80 48.46 0.19
N VAL F 214 -49.53 49.78 0.23
CA VAL F 214 -50.58 50.83 0.14
C VAL F 214 -50.31 51.60 -1.14
N PRO F 215 -51.36 51.85 -1.95
CA PRO F 215 -51.18 52.64 -3.17
C PRO F 215 -50.66 54.06 -2.87
N ARG F 216 -49.73 54.54 -3.70
CA ARG F 216 -49.30 55.97 -3.75
C ARG F 216 -50.51 56.84 -4.10
K K G . 27.70 -0.80 -13.54
K K H . 33.43 0.21 -16.28
K K I . 36.47 0.67 -17.82
K K J . 41.63 2.33 -19.87
CA CA K . 16.42 13.23 -18.26
CA CA L . 12.68 6.83 -15.63
K K M . 30.56 -0.23 -15.06
K K N . 20.76 -1.66 -10.47
K K O . 23.25 -2.32 -11.49
CA CA P . -16.91 26.46 14.79
#